data_5JOE
# 
_entry.id   5JOE 
# 
_audit_conform.dict_name       mmcif_pdbx.dic 
_audit_conform.dict_version    5.383 
_audit_conform.dict_location   http://mmcif.pdb.org/dictionaries/ascii/mmcif_pdbx.dic 
# 
loop_
_database_2.database_id 
_database_2.database_code 
_database_2.pdbx_database_accession 
_database_2.pdbx_DOI 
PDB   5JOE         pdb_00005joe 10.2210/pdb5joe/pdb 
WWPDB D_1000220949 ?            ?                   
# 
loop_
_pdbx_audit_revision_history.ordinal 
_pdbx_audit_revision_history.data_content_type 
_pdbx_audit_revision_history.major_revision 
_pdbx_audit_revision_history.minor_revision 
_pdbx_audit_revision_history.revision_date 
1 'Structure model' 1 0 2016-08-17 
2 'Structure model' 1 1 2016-08-31 
3 'Structure model' 1 2 2016-10-05 
4 'Structure model' 1 3 2024-01-10 
# 
_pdbx_audit_revision_details.ordinal             1 
_pdbx_audit_revision_details.revision_ordinal    1 
_pdbx_audit_revision_details.data_content_type   'Structure model' 
_pdbx_audit_revision_details.provider            repository 
_pdbx_audit_revision_details.type                'Initial release' 
_pdbx_audit_revision_details.description         ? 
_pdbx_audit_revision_details.details             ? 
# 
loop_
_pdbx_audit_revision_group.ordinal 
_pdbx_audit_revision_group.revision_ordinal 
_pdbx_audit_revision_group.data_content_type 
_pdbx_audit_revision_group.group 
1 2 'Structure model' 'Database references'    
2 3 'Structure model' 'Database references'    
3 4 'Structure model' 'Data collection'        
4 4 'Structure model' 'Database references'    
5 4 'Structure model' 'Refinement description' 
# 
loop_
_pdbx_audit_revision_category.ordinal 
_pdbx_audit_revision_category.revision_ordinal 
_pdbx_audit_revision_category.data_content_type 
_pdbx_audit_revision_category.category 
1 4 'Structure model' chem_comp_atom                
2 4 'Structure model' chem_comp_bond                
3 4 'Structure model' database_2                    
4 4 'Structure model' pdbx_initial_refinement_model 
# 
loop_
_pdbx_audit_revision_item.ordinal 
_pdbx_audit_revision_item.revision_ordinal 
_pdbx_audit_revision_item.data_content_type 
_pdbx_audit_revision_item.item 
1 4 'Structure model' '_database_2.pdbx_DOI'                
2 4 'Structure model' '_database_2.pdbx_database_accession' 
# 
_pdbx_database_status.status_code                     REL 
_pdbx_database_status.status_code_sf                  REL 
_pdbx_database_status.status_code_mr                  ? 
_pdbx_database_status.entry_id                        5JOE 
_pdbx_database_status.recvd_initial_deposition_date   2016-05-02 
_pdbx_database_status.SG_entry                        N 
_pdbx_database_status.deposit_site                    RCSB 
_pdbx_database_status.process_site                    PDBE 
_pdbx_database_status.status_code_cs                  ? 
_pdbx_database_status.methods_development_category    ? 
_pdbx_database_status.pdb_format_compatible           Y 
_pdbx_database_status.status_code_nmr_data            ? 
# 
loop_
_audit_author.name 
_audit_author.pdbx_ordinal 
'Fleming, J.'     1 
'Zhou, T.'        2 
'Bogomolovas, J.' 3 
'Labeit, S.'      4 
'Mayans, O.'      5 
# 
_citation.abstract                  ? 
_citation.abstract_id_CAS           ? 
_citation.book_id_ISBN              ? 
_citation.book_publisher            ? 
_citation.book_publisher_city       ? 
_citation.book_title                ? 
_citation.coordinate_linkage        ? 
_citation.country                   NE 
_citation.database_id_Medline       ? 
_citation.details                   ? 
_citation.id                        primary 
_citation.journal_abbrev            'Febs Lett.' 
_citation.journal_id_ASTM           FEBLAL 
_citation.journal_id_CSD            0165 
_citation.journal_id_ISSN           0014-5793 
_citation.journal_full              ? 
_citation.journal_issue             ? 
_citation.journal_volume            590 
_citation.language                  ? 
_citation.page_first                3098 
_citation.page_last                 3110 
_citation.title                     
'CARP interacts with titin at a unique helical N2A sequence and at the domain Ig81 to form a structured complex.' 
_citation.year                      2016 
_citation.database_id_CSD           ? 
_citation.pdbx_database_id_DOI      10.1002/1873-3468.12362 
_citation.pdbx_database_id_PubMed   27531639 
_citation.unpublished_flag          ? 
# 
loop_
_citation_author.citation_id 
_citation_author.name 
_citation_author.ordinal 
_citation_author.identifier_ORCID 
primary 'Zhou, T.'        1 ? 
primary 'Fleming, J.R.'   2 ? 
primary 'Franke, B.'      3 ? 
primary 'Bogomolovas, J.' 4 ? 
primary 'Barsukov, I.'    5 ? 
primary 'Rigden, D.J.'    6 ? 
primary 'Labeit, S.'      7 ? 
primary 'Mayans, O.'      8 ? 
# 
loop_
_entity.id 
_entity.type 
_entity.src_method 
_entity.pdbx_description 
_entity.formula_weight 
_entity.pdbx_number_of_molecules 
_entity.pdbx_ec 
_entity.pdbx_mutation 
_entity.pdbx_fragment 
_entity.details 
1 polymer     man Titin               10517.055 1   2.7.11.1 ? 'I81 domain' ? 
2 non-polymer syn 'ISOPROPYL ALCOHOL' 60.095    1   ?        ? ?            ? 
3 non-polymer syn 1,2-ETHANEDIOL      62.068    1   ?        ? ?            ? 
4 water       nat water               18.015    179 ?        ? ?            ? 
# 
_entity_name_com.entity_id   1 
_entity_name_com.name        'Connectin,Rhabdomyosarcoma antigen MU-RMS-40.14' 
# 
_entity_poly.entity_id                      1 
_entity_poly.type                           'polypeptide(L)' 
_entity_poly.nstd_linkage                   no 
_entity_poly.nstd_monomer                   no 
_entity_poly.pdbx_seq_one_letter_code       
;MGPVTLIKDIENQTVLKDNDAVFEIDIKINYPEIKLSWYKGTEKLEPSDKFEISIDGDRHTLRVKNCQLKDQGNYRLVCG
PHIASAKLTVIE
;
_entity_poly.pdbx_seq_one_letter_code_can   
;MGPVTLIKDIENQTVLKDNDAVFEIDIKINYPEIKLSWYKGTEKLEPSDKFEISIDGDRHTLRVKNCQLKDQGNYRLVCG
PHIASAKLTVIE
;
_entity_poly.pdbx_strand_id                 A 
_entity_poly.pdbx_target_identifier         ? 
# 
loop_
_pdbx_entity_nonpoly.entity_id 
_pdbx_entity_nonpoly.name 
_pdbx_entity_nonpoly.comp_id 
2 'ISOPROPYL ALCOHOL' IPA 
3 1,2-ETHANEDIOL      EDO 
4 water               HOH 
# 
loop_
_entity_poly_seq.entity_id 
_entity_poly_seq.num 
_entity_poly_seq.mon_id 
_entity_poly_seq.hetero 
1 1  MET n 
1 2  GLY n 
1 3  PRO n 
1 4  VAL n 
1 5  THR n 
1 6  LEU n 
1 7  ILE n 
1 8  LYS n 
1 9  ASP n 
1 10 ILE n 
1 11 GLU n 
1 12 ASN n 
1 13 GLN n 
1 14 THR n 
1 15 VAL n 
1 16 LEU n 
1 17 LYS n 
1 18 ASP n 
1 19 ASN n 
1 20 ASP n 
1 21 ALA n 
1 22 VAL n 
1 23 PHE n 
1 24 GLU n 
1 25 ILE n 
1 26 ASP n 
1 27 ILE n 
1 28 LYS n 
1 29 ILE n 
1 30 ASN n 
1 31 TYR n 
1 32 PRO n 
1 33 GLU n 
1 34 ILE n 
1 35 LYS n 
1 36 LEU n 
1 37 SER n 
1 38 TRP n 
1 39 TYR n 
1 40 LYS n 
1 41 GLY n 
1 42 THR n 
1 43 GLU n 
1 44 LYS n 
1 45 LEU n 
1 46 GLU n 
1 47 PRO n 
1 48 SER n 
1 49 ASP n 
1 50 LYS n 
1 51 PHE n 
1 52 GLU n 
1 53 ILE n 
1 54 SER n 
1 55 ILE n 
1 56 ASP n 
1 57 GLY n 
1 58 ASP n 
1 59 ARG n 
1 60 HIS n 
1 61 THR n 
1 62 LEU n 
1 63 ARG n 
1 64 VAL n 
1 65 LYS n 
1 66 ASN n 
1 67 CYS n 
1 68 GLN n 
1 69 LEU n 
1 70 LYS n 
1 71 ASP n 
1 72 GLN n 
1 73 GLY n 
1 74 ASN n 
1 75 TYR n 
1 76 ARG n 
1 77 LEU n 
1 78 VAL n 
1 79 CYS n 
1 80 GLY n 
1 81 PRO n 
1 82 HIS n 
1 83 ILE n 
1 84 ALA n 
1 85 SER n 
1 86 ALA n 
1 87 LYS n 
1 88 LEU n 
1 89 THR n 
1 90 VAL n 
1 91 ILE n 
1 92 GLU n 
# 
_entity_src_gen.entity_id                          1 
_entity_src_gen.pdbx_src_id                        1 
_entity_src_gen.pdbx_alt_source_flag               sample 
_entity_src_gen.pdbx_seq_type                      'Biological sequence' 
_entity_src_gen.pdbx_beg_seq_num                   1 
_entity_src_gen.pdbx_end_seq_num                   92 
_entity_src_gen.gene_src_common_name               Human 
_entity_src_gen.gene_src_genus                     ? 
_entity_src_gen.pdbx_gene_src_gene                 TTN 
_entity_src_gen.gene_src_species                   ? 
_entity_src_gen.gene_src_strain                    ? 
_entity_src_gen.gene_src_tissue                    ? 
_entity_src_gen.gene_src_tissue_fraction           ? 
_entity_src_gen.gene_src_details                   ? 
_entity_src_gen.pdbx_gene_src_fragment             ? 
_entity_src_gen.pdbx_gene_src_scientific_name      'Homo sapiens' 
_entity_src_gen.pdbx_gene_src_ncbi_taxonomy_id     9606 
_entity_src_gen.pdbx_gene_src_variant              ? 
_entity_src_gen.pdbx_gene_src_cell_line            ? 
_entity_src_gen.pdbx_gene_src_atcc                 ? 
_entity_src_gen.pdbx_gene_src_organ                ? 
_entity_src_gen.pdbx_gene_src_organelle            ? 
_entity_src_gen.pdbx_gene_src_cell                 ? 
_entity_src_gen.pdbx_gene_src_cellular_location    ? 
_entity_src_gen.host_org_common_name               ? 
_entity_src_gen.pdbx_host_org_scientific_name      'Escherichia coli' 
_entity_src_gen.pdbx_host_org_ncbi_taxonomy_id     562 
_entity_src_gen.host_org_genus                     ? 
_entity_src_gen.pdbx_host_org_gene                 ? 
_entity_src_gen.pdbx_host_org_organ                ? 
_entity_src_gen.host_org_species                   ? 
_entity_src_gen.pdbx_host_org_tissue               ? 
_entity_src_gen.pdbx_host_org_tissue_fraction      ? 
_entity_src_gen.pdbx_host_org_strain               ? 
_entity_src_gen.pdbx_host_org_variant              ? 
_entity_src_gen.pdbx_host_org_cell_line            ? 
_entity_src_gen.pdbx_host_org_atcc                 ? 
_entity_src_gen.pdbx_host_org_culture_collection   ? 
_entity_src_gen.pdbx_host_org_cell                 ? 
_entity_src_gen.pdbx_host_org_organelle            ? 
_entity_src_gen.pdbx_host_org_cellular_location    ? 
_entity_src_gen.pdbx_host_org_vector_type          ? 
_entity_src_gen.pdbx_host_org_vector               ? 
_entity_src_gen.host_org_details                   ? 
_entity_src_gen.expression_system_id               ? 
_entity_src_gen.plasmid_name                       ? 
_entity_src_gen.plasmid_details                    ? 
_entity_src_gen.pdbx_description                   ? 
# 
loop_
_chem_comp.id 
_chem_comp.type 
_chem_comp.mon_nstd_flag 
_chem_comp.name 
_chem_comp.pdbx_synonyms 
_chem_comp.formula 
_chem_comp.formula_weight 
ALA 'L-peptide linking' y ALANINE             ?                 'C3 H7 N O2'     89.093  
ARG 'L-peptide linking' y ARGININE            ?                 'C6 H15 N4 O2 1' 175.209 
ASN 'L-peptide linking' y ASPARAGINE          ?                 'C4 H8 N2 O3'    132.118 
ASP 'L-peptide linking' y 'ASPARTIC ACID'     ?                 'C4 H7 N O4'     133.103 
CYS 'L-peptide linking' y CYSTEINE            ?                 'C3 H7 N O2 S'   121.158 
EDO non-polymer         . 1,2-ETHANEDIOL      'ETHYLENE GLYCOL' 'C2 H6 O2'       62.068  
GLN 'L-peptide linking' y GLUTAMINE           ?                 'C5 H10 N2 O3'   146.144 
GLU 'L-peptide linking' y 'GLUTAMIC ACID'     ?                 'C5 H9 N O4'     147.129 
GLY 'peptide linking'   y GLYCINE             ?                 'C2 H5 N O2'     75.067  
HIS 'L-peptide linking' y HISTIDINE           ?                 'C6 H10 N3 O2 1' 156.162 
HOH non-polymer         . WATER               ?                 'H2 O'           18.015  
ILE 'L-peptide linking' y ISOLEUCINE          ?                 'C6 H13 N O2'    131.173 
IPA non-polymer         . 'ISOPROPYL ALCOHOL' 2-PROPANOL        'C3 H8 O'        60.095  
LEU 'L-peptide linking' y LEUCINE             ?                 'C6 H13 N O2'    131.173 
LYS 'L-peptide linking' y LYSINE              ?                 'C6 H15 N2 O2 1' 147.195 
MET 'L-peptide linking' y METHIONINE          ?                 'C5 H11 N O2 S'  149.211 
PHE 'L-peptide linking' y PHENYLALANINE       ?                 'C9 H11 N O2'    165.189 
PRO 'L-peptide linking' y PROLINE             ?                 'C5 H9 N O2'     115.130 
SER 'L-peptide linking' y SERINE              ?                 'C3 H7 N O3'     105.093 
THR 'L-peptide linking' y THREONINE           ?                 'C4 H9 N O3'     119.119 
TRP 'L-peptide linking' y TRYPTOPHAN          ?                 'C11 H12 N2 O2'  204.225 
TYR 'L-peptide linking' y TYROSINE            ?                 'C9 H11 N O3'    181.189 
VAL 'L-peptide linking' y VALINE              ?                 'C5 H11 N O2'    117.146 
# 
loop_
_pdbx_poly_seq_scheme.asym_id 
_pdbx_poly_seq_scheme.entity_id 
_pdbx_poly_seq_scheme.seq_id 
_pdbx_poly_seq_scheme.mon_id 
_pdbx_poly_seq_scheme.ndb_seq_num 
_pdbx_poly_seq_scheme.pdb_seq_num 
_pdbx_poly_seq_scheme.auth_seq_num 
_pdbx_poly_seq_scheme.pdb_mon_id 
_pdbx_poly_seq_scheme.auth_mon_id 
_pdbx_poly_seq_scheme.pdb_strand_id 
_pdbx_poly_seq_scheme.pdb_ins_code 
_pdbx_poly_seq_scheme.hetero 
A 1 1  MET 1  -1 -1 MET MET A . n 
A 1 2  GLY 2  0  0  GLY GLY A . n 
A 1 3  PRO 3  1  1  PRO PRO A . n 
A 1 4  VAL 4  2  2  VAL VAL A . n 
A 1 5  THR 5  3  3  THR THR A . n 
A 1 6  LEU 6  4  4  LEU LEU A . n 
A 1 7  ILE 7  5  5  ILE ILE A . n 
A 1 8  LYS 8  6  6  LYS LYS A . n 
A 1 9  ASP 9  7  7  ASP ASP A . n 
A 1 10 ILE 10 8  8  ILE ILE A . n 
A 1 11 GLU 11 9  9  GLU GLU A . n 
A 1 12 ASN 12 10 10 ASN ASN A . n 
A 1 13 GLN 13 11 11 GLN GLN A . n 
A 1 14 THR 14 12 12 THR THR A . n 
A 1 15 VAL 15 13 13 VAL VAL A . n 
A 1 16 LEU 16 14 14 LEU LEU A . n 
A 1 17 LYS 17 15 15 LYS LYS A . n 
A 1 18 ASP 18 16 16 ASP ASP A . n 
A 1 19 ASN 19 17 17 ASN ASN A . n 
A 1 20 ASP 20 18 18 ASP ASP A . n 
A 1 21 ALA 21 19 19 ALA ALA A . n 
A 1 22 VAL 22 20 20 VAL VAL A . n 
A 1 23 PHE 23 21 21 PHE PHE A . n 
A 1 24 GLU 24 22 22 GLU GLU A . n 
A 1 25 ILE 25 23 23 ILE ILE A . n 
A 1 26 ASP 26 24 24 ASP ASP A . n 
A 1 27 ILE 27 25 25 ILE ILE A . n 
A 1 28 LYS 28 26 26 LYS LYS A . n 
A 1 29 ILE 29 27 27 ILE ILE A . n 
A 1 30 ASN 30 28 28 ASN ASN A . n 
A 1 31 TYR 31 29 29 TYR TYR A . n 
A 1 32 PRO 32 30 30 PRO PRO A . n 
A 1 33 GLU 33 31 31 GLU GLU A . n 
A 1 34 ILE 34 32 32 ILE ILE A . n 
A 1 35 LYS 35 33 33 LYS LYS A . n 
A 1 36 LEU 36 34 34 LEU LEU A . n 
A 1 37 SER 37 35 35 SER SER A . n 
A 1 38 TRP 38 36 36 TRP TRP A . n 
A 1 39 TYR 39 37 37 TYR TYR A . n 
A 1 40 LYS 40 38 38 LYS LYS A . n 
A 1 41 GLY 41 39 39 GLY GLY A . n 
A 1 42 THR 42 40 40 THR THR A . n 
A 1 43 GLU 43 41 41 GLU GLU A . n 
A 1 44 LYS 44 42 42 LYS LYS A . n 
A 1 45 LEU 45 43 43 LEU LEU A . n 
A 1 46 GLU 46 44 44 GLU GLU A . n 
A 1 47 PRO 47 45 45 PRO PRO A . n 
A 1 48 SER 48 46 46 SER SER A . n 
A 1 49 ASP 49 47 47 ASP ASP A . n 
A 1 50 LYS 50 48 48 LYS LYS A . n 
A 1 51 PHE 51 49 49 PHE PHE A . n 
A 1 52 GLU 52 50 50 GLU GLU A . n 
A 1 53 ILE 53 51 51 ILE ILE A . n 
A 1 54 SER 54 52 52 SER SER A . n 
A 1 55 ILE 55 53 53 ILE ILE A . n 
A 1 56 ASP 56 54 54 ASP ASP A . n 
A 1 57 GLY 57 55 55 GLY GLY A . n 
A 1 58 ASP 58 56 56 ASP ASP A . n 
A 1 59 ARG 59 57 57 ARG ARG A . n 
A 1 60 HIS 60 58 58 HIS HIS A . n 
A 1 61 THR 61 59 59 THR THR A . n 
A 1 62 LEU 62 60 60 LEU LEU A . n 
A 1 63 ARG 63 61 61 ARG ARG A . n 
A 1 64 VAL 64 62 62 VAL VAL A . n 
A 1 65 LYS 65 63 63 LYS LYS A . n 
A 1 66 ASN 66 64 64 ASN ASN A . n 
A 1 67 CYS 67 65 65 CYS CYS A . n 
A 1 68 GLN 68 66 66 GLN GLN A . n 
A 1 69 LEU 69 67 67 LEU LEU A . n 
A 1 70 LYS 70 68 68 LYS LYS A . n 
A 1 71 ASP 71 69 69 ASP ASP A . n 
A 1 72 GLN 72 70 70 GLN GLN A . n 
A 1 73 GLY 73 71 71 GLY GLY A . n 
A 1 74 ASN 74 72 72 ASN ASN A . n 
A 1 75 TYR 75 73 73 TYR TYR A . n 
A 1 76 ARG 76 74 74 ARG ARG A . n 
A 1 77 LEU 77 75 75 LEU LEU A . n 
A 1 78 VAL 78 76 76 VAL VAL A . n 
A 1 79 CYS 79 77 77 CYS CYS A . n 
A 1 80 GLY 80 78 78 GLY GLY A . n 
A 1 81 PRO 81 79 79 PRO PRO A . n 
A 1 82 HIS 82 80 80 HIS HIS A . n 
A 1 83 ILE 83 81 81 ILE ILE A . n 
A 1 84 ALA 84 82 82 ALA ALA A . n 
A 1 85 SER 85 83 83 SER SER A . n 
A 1 86 ALA 86 84 84 ALA ALA A . n 
A 1 87 LYS 87 85 85 LYS LYS A . n 
A 1 88 LEU 88 86 86 LEU LEU A . n 
A 1 89 THR 89 87 87 THR THR A . n 
A 1 90 VAL 90 88 88 VAL VAL A . n 
A 1 91 ILE 91 89 89 ILE ILE A . n 
A 1 92 GLU 92 90 90 GLU GLU A . n 
# 
loop_
_pdbx_nonpoly_scheme.asym_id 
_pdbx_nonpoly_scheme.entity_id 
_pdbx_nonpoly_scheme.mon_id 
_pdbx_nonpoly_scheme.ndb_seq_num 
_pdbx_nonpoly_scheme.pdb_seq_num 
_pdbx_nonpoly_scheme.auth_seq_num 
_pdbx_nonpoly_scheme.pdb_mon_id 
_pdbx_nonpoly_scheme.auth_mon_id 
_pdbx_nonpoly_scheme.pdb_strand_id 
_pdbx_nonpoly_scheme.pdb_ins_code 
B 2 IPA 1   101 1   IPA IPA A . 
C 3 EDO 1   102 1   EDO EDO A . 
D 4 HOH 1   201 51  HOH HOH A . 
D 4 HOH 2   202 99  HOH HOH A . 
D 4 HOH 3   203 165 HOH HOH A . 
D 4 HOH 4   204 180 HOH HOH A . 
D 4 HOH 5   205 52  HOH HOH A . 
D 4 HOH 6   206 87  HOH HOH A . 
D 4 HOH 7   207 139 HOH HOH A . 
D 4 HOH 8   208 18  HOH HOH A . 
D 4 HOH 9   209 83  HOH HOH A . 
D 4 HOH 10  210 50  HOH HOH A . 
D 4 HOH 11  211 158 HOH HOH A . 
D 4 HOH 12  212 15  HOH HOH A . 
D 4 HOH 13  213 146 HOH HOH A . 
D 4 HOH 14  214 49  HOH HOH A . 
D 4 HOH 15  215 175 HOH HOH A . 
D 4 HOH 16  216 35  HOH HOH A . 
D 4 HOH 17  217 183 HOH HOH A . 
D 4 HOH 18  218 19  HOH HOH A . 
D 4 HOH 19  219 31  HOH HOH A . 
D 4 HOH 20  220 2   HOH HOH A . 
D 4 HOH 21  221 105 HOH HOH A . 
D 4 HOH 22  222 129 HOH HOH A . 
D 4 HOH 23  223 65  HOH HOH A . 
D 4 HOH 24  224 97  HOH HOH A . 
D 4 HOH 25  225 61  HOH HOH A . 
D 4 HOH 26  226 21  HOH HOH A . 
D 4 HOH 27  227 117 HOH HOH A . 
D 4 HOH 28  228 157 HOH HOH A . 
D 4 HOH 29  229 24  HOH HOH A . 
D 4 HOH 30  230 16  HOH HOH A . 
D 4 HOH 31  231 134 HOH HOH A . 
D 4 HOH 32  232 100 HOH HOH A . 
D 4 HOH 33  233 23  HOH HOH A . 
D 4 HOH 34  234 88  HOH HOH A . 
D 4 HOH 35  235 68  HOH HOH A . 
D 4 HOH 36  236 17  HOH HOH A . 
D 4 HOH 37  237 11  HOH HOH A . 
D 4 HOH 38  238 176 HOH HOH A . 
D 4 HOH 39  239 13  HOH HOH A . 
D 4 HOH 40  240 5   HOH HOH A . 
D 4 HOH 41  241 132 HOH HOH A . 
D 4 HOH 42  242 32  HOH HOH A . 
D 4 HOH 43  243 63  HOH HOH A . 
D 4 HOH 44  244 27  HOH HOH A . 
D 4 HOH 45  245 128 HOH HOH A . 
D 4 HOH 46  246 184 HOH HOH A . 
D 4 HOH 47  247 44  HOH HOH A . 
D 4 HOH 48  248 40  HOH HOH A . 
D 4 HOH 49  249 81  HOH HOH A . 
D 4 HOH 50  250 79  HOH HOH A . 
D 4 HOH 51  251 182 HOH HOH A . 
D 4 HOH 52  252 58  HOH HOH A . 
D 4 HOH 53  253 136 HOH HOH A . 
D 4 HOH 54  254 64  HOH HOH A . 
D 4 HOH 55  255 179 HOH HOH A . 
D 4 HOH 56  256 118 HOH HOH A . 
D 4 HOH 57  257 115 HOH HOH A . 
D 4 HOH 58  258 107 HOH HOH A . 
D 4 HOH 59  259 47  HOH HOH A . 
D 4 HOH 60  260 42  HOH HOH A . 
D 4 HOH 61  261 28  HOH HOH A . 
D 4 HOH 62  262 33  HOH HOH A . 
D 4 HOH 63  263 25  HOH HOH A . 
D 4 HOH 64  264 30  HOH HOH A . 
D 4 HOH 65  265 150 HOH HOH A . 
D 4 HOH 66  266 66  HOH HOH A . 
D 4 HOH 67  267 48  HOH HOH A . 
D 4 HOH 68  268 71  HOH HOH A . 
D 4 HOH 69  269 162 HOH HOH A . 
D 4 HOH 70  270 20  HOH HOH A . 
D 4 HOH 71  271 78  HOH HOH A . 
D 4 HOH 72  272 9   HOH HOH A . 
D 4 HOH 73  273 130 HOH HOH A . 
D 4 HOH 74  274 22  HOH HOH A . 
D 4 HOH 75  275 39  HOH HOH A . 
D 4 HOH 76  276 173 HOH HOH A . 
D 4 HOH 77  277 108 HOH HOH A . 
D 4 HOH 78  278 46  HOH HOH A . 
D 4 HOH 79  279 82  HOH HOH A . 
D 4 HOH 80  280 75  HOH HOH A . 
D 4 HOH 81  281 12  HOH HOH A . 
D 4 HOH 82  282 104 HOH HOH A . 
D 4 HOH 83  283 41  HOH HOH A . 
D 4 HOH 84  284 121 HOH HOH A . 
D 4 HOH 85  285 96  HOH HOH A . 
D 4 HOH 86  286 89  HOH HOH A . 
D 4 HOH 87  287 72  HOH HOH A . 
D 4 HOH 88  288 120 HOH HOH A . 
D 4 HOH 89  289 113 HOH HOH A . 
D 4 HOH 90  290 147 HOH HOH A . 
D 4 HOH 91  291 7   HOH HOH A . 
D 4 HOH 92  292 29  HOH HOH A . 
D 4 HOH 93  293 10  HOH HOH A . 
D 4 HOH 94  294 74  HOH HOH A . 
D 4 HOH 95  295 110 HOH HOH A . 
D 4 HOH 96  296 161 HOH HOH A . 
D 4 HOH 97  297 69  HOH HOH A . 
D 4 HOH 98  298 126 HOH HOH A . 
D 4 HOH 99  299 84  HOH HOH A . 
D 4 HOH 100 300 4   HOH HOH A . 
D 4 HOH 101 301 106 HOH HOH A . 
D 4 HOH 102 302 6   HOH HOH A . 
D 4 HOH 103 303 124 HOH HOH A . 
D 4 HOH 104 304 160 HOH HOH A . 
D 4 HOH 105 305 3   HOH HOH A . 
D 4 HOH 106 306 38  HOH HOH A . 
D 4 HOH 107 307 174 HOH HOH A . 
D 4 HOH 108 308 1   HOH HOH A . 
D 4 HOH 109 309 37  HOH HOH A . 
D 4 HOH 110 310 8   HOH HOH A . 
D 4 HOH 111 311 185 HOH HOH A . 
D 4 HOH 112 312 114 HOH HOH A . 
D 4 HOH 113 313 59  HOH HOH A . 
D 4 HOH 114 314 148 HOH HOH A . 
D 4 HOH 115 315 103 HOH HOH A . 
D 4 HOH 116 316 151 HOH HOH A . 
D 4 HOH 117 317 112 HOH HOH A . 
D 4 HOH 118 318 14  HOH HOH A . 
D 4 HOH 119 319 131 HOH HOH A . 
D 4 HOH 120 320 73  HOH HOH A . 
D 4 HOH 121 321 70  HOH HOH A . 
D 4 HOH 122 322 102 HOH HOH A . 
D 4 HOH 123 323 90  HOH HOH A . 
D 4 HOH 124 324 170 HOH HOH A . 
D 4 HOH 125 325 95  HOH HOH A . 
D 4 HOH 126 326 91  HOH HOH A . 
D 4 HOH 127 327 137 HOH HOH A . 
D 4 HOH 128 328 67  HOH HOH A . 
D 4 HOH 129 329 57  HOH HOH A . 
D 4 HOH 130 330 60  HOH HOH A . 
D 4 HOH 131 331 94  HOH HOH A . 
D 4 HOH 132 332 144 HOH HOH A . 
D 4 HOH 133 333 154 HOH HOH A . 
D 4 HOH 134 334 34  HOH HOH A . 
D 4 HOH 135 335 169 HOH HOH A . 
D 4 HOH 136 336 140 HOH HOH A . 
D 4 HOH 137 337 127 HOH HOH A . 
D 4 HOH 138 338 171 HOH HOH A . 
D 4 HOH 139 339 138 HOH HOH A . 
D 4 HOH 140 340 149 HOH HOH A . 
D 4 HOH 141 341 55  HOH HOH A . 
D 4 HOH 142 342 86  HOH HOH A . 
D 4 HOH 143 343 53  HOH HOH A . 
D 4 HOH 144 344 177 HOH HOH A . 
D 4 HOH 145 345 54  HOH HOH A . 
D 4 HOH 146 346 142 HOH HOH A . 
D 4 HOH 147 347 93  HOH HOH A . 
D 4 HOH 148 348 178 HOH HOH A . 
D 4 HOH 149 349 36  HOH HOH A . 
D 4 HOH 150 350 153 HOH HOH A . 
D 4 HOH 151 351 101 HOH HOH A . 
D 4 HOH 152 352 141 HOH HOH A . 
D 4 HOH 153 353 45  HOH HOH A . 
D 4 HOH 154 354 152 HOH HOH A . 
D 4 HOH 155 355 26  HOH HOH A . 
D 4 HOH 156 356 56  HOH HOH A . 
D 4 HOH 157 357 123 HOH HOH A . 
D 4 HOH 158 358 181 HOH HOH A . 
D 4 HOH 159 359 168 HOH HOH A . 
D 4 HOH 160 360 62  HOH HOH A . 
D 4 HOH 161 361 166 HOH HOH A . 
D 4 HOH 162 362 156 HOH HOH A . 
D 4 HOH 163 363 119 HOH HOH A . 
D 4 HOH 164 364 116 HOH HOH A . 
D 4 HOH 165 365 122 HOH HOH A . 
D 4 HOH 166 366 98  HOH HOH A . 
D 4 HOH 167 367 172 HOH HOH A . 
D 4 HOH 168 368 111 HOH HOH A . 
D 4 HOH 169 369 43  HOH HOH A . 
D 4 HOH 170 370 85  HOH HOH A . 
D 4 HOH 171 371 145 HOH HOH A . 
D 4 HOH 172 372 163 HOH HOH A . 
D 4 HOH 173 373 155 HOH HOH A . 
D 4 HOH 174 374 143 HOH HOH A . 
D 4 HOH 175 375 164 HOH HOH A . 
D 4 HOH 176 376 125 HOH HOH A . 
D 4 HOH 177 377 80  HOH HOH A . 
D 4 HOH 178 378 167 HOH HOH A . 
D 4 HOH 179 379 159 HOH HOH A . 
# 
loop_
_pdbx_unobs_or_zero_occ_atoms.id 
_pdbx_unobs_or_zero_occ_atoms.PDB_model_num 
_pdbx_unobs_or_zero_occ_atoms.polymer_flag 
_pdbx_unobs_or_zero_occ_atoms.occupancy_flag 
_pdbx_unobs_or_zero_occ_atoms.auth_asym_id 
_pdbx_unobs_or_zero_occ_atoms.auth_comp_id 
_pdbx_unobs_or_zero_occ_atoms.auth_seq_id 
_pdbx_unobs_or_zero_occ_atoms.PDB_ins_code 
_pdbx_unobs_or_zero_occ_atoms.auth_atom_id 
_pdbx_unobs_or_zero_occ_atoms.label_alt_id 
_pdbx_unobs_or_zero_occ_atoms.label_asym_id 
_pdbx_unobs_or_zero_occ_atoms.label_comp_id 
_pdbx_unobs_or_zero_occ_atoms.label_seq_id 
_pdbx_unobs_or_zero_occ_atoms.label_atom_id 
1 1 Y 0 A LYS 26 ? CD  ? A LYS 28 CD  
2 1 Y 0 A LYS 26 ? CE  ? A LYS 28 CE  
3 1 Y 0 A LYS 26 ? NZ  ? A LYS 28 NZ  
4 1 Y 1 A GLU 90 ? CG  ? A GLU 92 CG  
5 1 Y 1 A GLU 90 ? CD  ? A GLU 92 CD  
6 1 Y 1 A GLU 90 ? OE1 ? A GLU 92 OE1 
7 1 Y 1 A GLU 90 ? OE2 ? A GLU 92 OE2 
# 
loop_
_software.citation_id 
_software.classification 
_software.compiler_name 
_software.compiler_version 
_software.contact_author 
_software.contact_author_email 
_software.date 
_software.description 
_software.dependencies 
_software.hardware 
_software.language 
_software.location 
_software.mods 
_software.name 
_software.os 
_software.os_version 
_software.type 
_software.version 
_software.pdbx_ordinal 
? refinement       ? ? ? ? ? ? ? ? ? ? ? PHENIX ? ? ? 1.8.4_1496 1 
? 'data reduction' ? ? ? ? ? ? ? ? ? ? ? XDS    ? ? ? .          2 
? 'data scaling'   ? ? ? ? ? ? ? ? ? ? ? XSCALE ? ? ? .          3 
? phasing          ? ? ? ? ? ? ? ? ? ? ? PHASER ? ? ? .          4 
# 
_cell.angle_alpha                  90.00 
_cell.angle_alpha_esd              ? 
_cell.angle_beta                   90.00 
_cell.angle_beta_esd               ? 
_cell.angle_gamma                  120.00 
_cell.angle_gamma_esd              ? 
_cell.entry_id                     5JOE 
_cell.details                      ? 
_cell.formula_units_Z              ? 
_cell.length_a                     115.310 
_cell.length_a_esd                 ? 
_cell.length_b                     115.310 
_cell.length_b_esd                 ? 
_cell.length_c                     52.230 
_cell.length_c_esd                 ? 
_cell.volume                       ? 
_cell.volume_esd                   ? 
_cell.Z_PDB                        12 
_cell.reciprocal_angle_alpha       ? 
_cell.reciprocal_angle_beta        ? 
_cell.reciprocal_angle_gamma       ? 
_cell.reciprocal_angle_alpha_esd   ? 
_cell.reciprocal_angle_beta_esd    ? 
_cell.reciprocal_angle_gamma_esd   ? 
_cell.reciprocal_length_a          ? 
_cell.reciprocal_length_b          ? 
_cell.reciprocal_length_c          ? 
_cell.reciprocal_length_a_esd      ? 
_cell.reciprocal_length_b_esd      ? 
_cell.reciprocal_length_c_esd      ? 
_cell.pdbx_unique_axis             ? 
# 
_symmetry.entry_id                         5JOE 
_symmetry.cell_setting                     ? 
_symmetry.Int_Tables_number                179 
_symmetry.space_group_name_Hall            ? 
_symmetry.space_group_name_H-M             'P 65 2 2' 
_symmetry.pdbx_full_space_group_name_H-M   ? 
# 
_exptl.absorpt_coefficient_mu     ? 
_exptl.absorpt_correction_T_max   ? 
_exptl.absorpt_correction_T_min   ? 
_exptl.absorpt_correction_type    ? 
_exptl.absorpt_process_details    ? 
_exptl.entry_id                   5JOE 
_exptl.crystals_number            1 
_exptl.details                    ? 
_exptl.method                     'X-RAY DIFFRACTION' 
_exptl.method_details             ? 
# 
_exptl_crystal.colour                      ? 
_exptl_crystal.density_diffrn              ? 
_exptl_crystal.density_Matthews            4.77 
_exptl_crystal.density_method              ? 
_exptl_crystal.density_percent_sol         74.19 
_exptl_crystal.description                 ? 
_exptl_crystal.F_000                       ? 
_exptl_crystal.id                          1 
_exptl_crystal.preparation                 ? 
_exptl_crystal.size_max                    ? 
_exptl_crystal.size_mid                    ? 
_exptl_crystal.size_min                    ? 
_exptl_crystal.size_rad                    ? 
_exptl_crystal.colour_lustre               ? 
_exptl_crystal.colour_modifier             ? 
_exptl_crystal.colour_primary              ? 
_exptl_crystal.density_meas                ? 
_exptl_crystal.density_meas_esd            ? 
_exptl_crystal.density_meas_gt             ? 
_exptl_crystal.density_meas_lt             ? 
_exptl_crystal.density_meas_temp           ? 
_exptl_crystal.density_meas_temp_esd       ? 
_exptl_crystal.density_meas_temp_gt        ? 
_exptl_crystal.density_meas_temp_lt        ? 
_exptl_crystal.pdbx_crystal_image_url      ? 
_exptl_crystal.pdbx_crystal_image_format   ? 
_exptl_crystal.pdbx_mosaicity              ? 
_exptl_crystal.pdbx_mosaicity_esd          ? 
# 
_exptl_crystal_grow.apparatus       ? 
_exptl_crystal_grow.atmosphere      ? 
_exptl_crystal_grow.crystal_id      1 
_exptl_crystal_grow.details         ? 
_exptl_crystal_grow.method          'VAPOR DIFFUSION, SITTING DROP' 
_exptl_crystal_grow.method_ref      ? 
_exptl_crystal_grow.pH              8.5 
_exptl_crystal_grow.pressure        ? 
_exptl_crystal_grow.pressure_esd    ? 
_exptl_crystal_grow.seeding         ? 
_exptl_crystal_grow.seeding_ref     ? 
_exptl_crystal_grow.temp            292.15 
_exptl_crystal_grow.temp_details    ? 
_exptl_crystal_grow.temp_esd        ? 
_exptl_crystal_grow.time            ? 
_exptl_crystal_grow.pdbx_details    '0.1M Tris pH 8.5; 30% w/v PEG 4000' 
_exptl_crystal_grow.pdbx_pH_range   ? 
# 
_diffrn.ambient_environment    ? 
_diffrn.ambient_temp           100 
_diffrn.ambient_temp_details   ? 
_diffrn.ambient_temp_esd       ? 
_diffrn.crystal_id             1 
_diffrn.crystal_support        ? 
_diffrn.crystal_treatment      ? 
_diffrn.details                ? 
_diffrn.id                     1 
_diffrn.ambient_pressure       ? 
_diffrn.ambient_pressure_esd   ? 
_diffrn.ambient_pressure_gt    ? 
_diffrn.ambient_pressure_lt    ? 
_diffrn.ambient_temp_gt        ? 
_diffrn.ambient_temp_lt        ? 
# 
_diffrn_detector.details                      ? 
_diffrn_detector.detector                     PIXEL 
_diffrn_detector.diffrn_id                    1 
_diffrn_detector.type                         'DECTRIS PILATUS 6M-F' 
_diffrn_detector.area_resol_mean              ? 
_diffrn_detector.dtime                        ? 
_diffrn_detector.pdbx_frames_total            ? 
_diffrn_detector.pdbx_collection_time_total   ? 
_diffrn_detector.pdbx_collection_date         2015-12-01 
# 
_diffrn_radiation.collimation                      ? 
_diffrn_radiation.diffrn_id                        1 
_diffrn_radiation.filter_edge                      ? 
_diffrn_radiation.inhomogeneity                    ? 
_diffrn_radiation.monochromator                    ? 
_diffrn_radiation.polarisn_norm                    ? 
_diffrn_radiation.polarisn_ratio                   ? 
_diffrn_radiation.probe                            ? 
_diffrn_radiation.type                             ? 
_diffrn_radiation.xray_symbol                      ? 
_diffrn_radiation.wavelength_id                    1 
_diffrn_radiation.pdbx_monochromatic_or_laue_m_l   M 
_diffrn_radiation.pdbx_wavelength_list             ? 
_diffrn_radiation.pdbx_wavelength                  ? 
_diffrn_radiation.pdbx_diffrn_protocol             'SINGLE WAVELENGTH' 
_diffrn_radiation.pdbx_analyzer                    ? 
_diffrn_radiation.pdbx_scattering_type             x-ray 
# 
_diffrn_radiation_wavelength.id           1 
_diffrn_radiation_wavelength.wavelength   0.9282 
_diffrn_radiation_wavelength.wt           1.0 
# 
_diffrn_source.current                     ? 
_diffrn_source.details                     ? 
_diffrn_source.diffrn_id                   1 
_diffrn_source.power                       ? 
_diffrn_source.size                        ? 
_diffrn_source.source                      SYNCHROTRON 
_diffrn_source.target                      ? 
_diffrn_source.type                        'DIAMOND BEAMLINE I04-1' 
_diffrn_source.voltage                     ? 
_diffrn_source.take-off_angle              ? 
_diffrn_source.pdbx_wavelength_list        0.9282 
_diffrn_source.pdbx_wavelength             ? 
_diffrn_source.pdbx_synchrotron_beamline   I04-1 
_diffrn_source.pdbx_synchrotron_site       Diamond 
# 
_reflns.B_iso_Wilson_estimate            ? 
_reflns.entry_id                         5JOE 
_reflns.data_reduction_details           ? 
_reflns.data_reduction_method            ? 
_reflns.d_resolution_high                2.0 
_reflns.d_resolution_low                 28.83 
_reflns.details                          ? 
_reflns.limit_h_max                      ? 
_reflns.limit_h_min                      ? 
_reflns.limit_k_max                      ? 
_reflns.limit_k_min                      ? 
_reflns.limit_l_max                      ? 
_reflns.limit_l_min                      ? 
_reflns.number_all                       ? 
_reflns.number_obs                       14310 
_reflns.observed_criterion               ? 
_reflns.observed_criterion_F_max         ? 
_reflns.observed_criterion_F_min         ? 
_reflns.observed_criterion_I_max         ? 
_reflns.observed_criterion_I_min         ? 
_reflns.observed_criterion_sigma_F       ? 
_reflns.observed_criterion_sigma_I       ? 
_reflns.percent_possible_obs             99.85 
_reflns.R_free_details                   ? 
_reflns.Rmerge_F_all                     ? 
_reflns.Rmerge_F_obs                     ? 
_reflns.Friedel_coverage                 ? 
_reflns.number_gt                        ? 
_reflns.threshold_expression             ? 
_reflns.pdbx_redundancy                  11.47 
_reflns.pdbx_Rmerge_I_obs                ? 
_reflns.pdbx_Rmerge_I_all                ? 
_reflns.pdbx_Rsym_value                  ? 
_reflns.pdbx_netI_over_av_sigmaI         ? 
_reflns.pdbx_netI_over_sigmaI            23.28 
_reflns.pdbx_res_netI_over_av_sigmaI_2   ? 
_reflns.pdbx_res_netI_over_sigmaI_2      ? 
_reflns.pdbx_chi_squared                 ? 
_reflns.pdbx_scaling_rejects             ? 
_reflns.pdbx_d_res_high_opt              ? 
_reflns.pdbx_d_res_low_opt               ? 
_reflns.pdbx_d_res_opt_method            ? 
_reflns.phase_calculation_details        ? 
_reflns.pdbx_Rrim_I_all                  ? 
_reflns.pdbx_Rpim_I_all                  ? 
_reflns.pdbx_d_opt                       ? 
_reflns.pdbx_number_measured_all         ? 
_reflns.pdbx_diffrn_id                   1 
_reflns.pdbx_ordinal                     1 
_reflns.pdbx_CC_half                     ? 
_reflns.pdbx_R_split                     ? 
# 
_reflns_shell.d_res_high                  2.0 
_reflns_shell.d_res_low                   2.05 
_reflns_shell.meanI_over_sigI_all         ? 
_reflns_shell.meanI_over_sigI_obs         2.87 
_reflns_shell.number_measured_all         ? 
_reflns_shell.number_measured_obs         ? 
_reflns_shell.number_possible             ? 
_reflns_shell.number_unique_all           ? 
_reflns_shell.number_unique_obs           ? 
_reflns_shell.percent_possible_all        98.6 
_reflns_shell.percent_possible_obs        ? 
_reflns_shell.Rmerge_F_all                ? 
_reflns_shell.Rmerge_F_obs                ? 
_reflns_shell.Rmerge_I_all                ? 
_reflns_shell.Rmerge_I_obs                ? 
_reflns_shell.meanI_over_sigI_gt          ? 
_reflns_shell.meanI_over_uI_all           ? 
_reflns_shell.meanI_over_uI_gt            ? 
_reflns_shell.number_measured_gt          ? 
_reflns_shell.number_unique_gt            ? 
_reflns_shell.percent_possible_gt         ? 
_reflns_shell.Rmerge_F_gt                 ? 
_reflns_shell.Rmerge_I_gt                 ? 
_reflns_shell.pdbx_redundancy             11.67 
_reflns_shell.pdbx_Rsym_value             ? 
_reflns_shell.pdbx_chi_squared            ? 
_reflns_shell.pdbx_netI_over_sigmaI_all   ? 
_reflns_shell.pdbx_netI_over_sigmaI_obs   ? 
_reflns_shell.pdbx_Rrim_I_all             ? 
_reflns_shell.pdbx_Rpim_I_all             ? 
_reflns_shell.pdbx_rejects                ? 
_reflns_shell.pdbx_ordinal                1 
_reflns_shell.pdbx_diffrn_id              1 
_reflns_shell.pdbx_CC_half                0.865 
_reflns_shell.pdbx_R_split                ? 
# 
_refine.aniso_B[1][1]                            ? 
_refine.aniso_B[1][2]                            ? 
_refine.aniso_B[1][3]                            ? 
_refine.aniso_B[2][2]                            ? 
_refine.aniso_B[2][3]                            ? 
_refine.aniso_B[3][3]                            ? 
_refine.B_iso_max                                ? 
_refine.B_iso_mean                               ? 
_refine.B_iso_min                                ? 
_refine.correlation_coeff_Fo_to_Fc               ? 
_refine.correlation_coeff_Fo_to_Fc_free          ? 
_refine.details                                  ? 
_refine.diff_density_max                         ? 
_refine.diff_density_max_esd                     ? 
_refine.diff_density_min                         ? 
_refine.diff_density_min_esd                     ? 
_refine.diff_density_rms                         ? 
_refine.diff_density_rms_esd                     ? 
_refine.entry_id                                 5JOE 
_refine.pdbx_refine_id                           'X-RAY DIFFRACTION' 
_refine.ls_abs_structure_details                 ? 
_refine.ls_abs_structure_Flack                   ? 
_refine.ls_abs_structure_Flack_esd               ? 
_refine.ls_abs_structure_Rogers                  ? 
_refine.ls_abs_structure_Rogers_esd              ? 
_refine.ls_d_res_high                            2.000 
_refine.ls_d_res_low                             28.828 
_refine.ls_extinction_coef                       ? 
_refine.ls_extinction_coef_esd                   ? 
_refine.ls_extinction_expression                 ? 
_refine.ls_extinction_method                     ? 
_refine.ls_goodness_of_fit_all                   ? 
_refine.ls_goodness_of_fit_all_esd               ? 
_refine.ls_goodness_of_fit_obs                   ? 
_refine.ls_goodness_of_fit_obs_esd               ? 
_refine.ls_hydrogen_treatment                    ? 
_refine.ls_matrix_type                           ? 
_refine.ls_number_constraints                    ? 
_refine.ls_number_parameters                     ? 
_refine.ls_number_reflns_all                     ? 
_refine.ls_number_reflns_obs                     14290 
_refine.ls_number_reflns_R_free                  430 
_refine.ls_number_reflns_R_work                  ? 
_refine.ls_number_restraints                     ? 
_refine.ls_percent_reflns_obs                    99.85 
_refine.ls_percent_reflns_R_free                 3.01 
_refine.ls_R_factor_all                          ? 
_refine.ls_R_factor_obs                          0.1788 
_refine.ls_R_factor_R_free                       0.2184 
_refine.ls_R_factor_R_free_error                 ? 
_refine.ls_R_factor_R_free_error_details         ? 
_refine.ls_R_factor_R_work                       0.1775 
_refine.ls_R_Fsqd_factor_obs                     ? 
_refine.ls_R_I_factor_obs                        ? 
_refine.ls_redundancy_reflns_all                 ? 
_refine.ls_redundancy_reflns_obs                 ? 
_refine.ls_restrained_S_all                      ? 
_refine.ls_restrained_S_obs                      ? 
_refine.ls_shift_over_esd_max                    ? 
_refine.ls_shift_over_esd_mean                   ? 
_refine.ls_structure_factor_coef                 ? 
_refine.ls_weighting_details                     ? 
_refine.ls_weighting_scheme                      ? 
_refine.ls_wR_factor_all                         ? 
_refine.ls_wR_factor_obs                         ? 
_refine.ls_wR_factor_R_free                      ? 
_refine.ls_wR_factor_R_work                      ? 
_refine.occupancy_max                            ? 
_refine.occupancy_min                            ? 
_refine.solvent_model_details                    ? 
_refine.solvent_model_param_bsol                 ? 
_refine.solvent_model_param_ksol                 ? 
_refine.ls_R_factor_gt                           ? 
_refine.ls_goodness_of_fit_gt                    ? 
_refine.ls_goodness_of_fit_ref                   ? 
_refine.ls_shift_over_su_max                     ? 
_refine.ls_shift_over_su_max_lt                  ? 
_refine.ls_shift_over_su_mean                    ? 
_refine.ls_shift_over_su_mean_lt                 ? 
_refine.pdbx_ls_sigma_I                          ? 
_refine.pdbx_ls_sigma_F                          1.37 
_refine.pdbx_ls_sigma_Fsqd                       ? 
_refine.pdbx_data_cutoff_high_absF               ? 
_refine.pdbx_data_cutoff_high_rms_absF           ? 
_refine.pdbx_data_cutoff_low_absF                ? 
_refine.pdbx_isotropic_thermal_model             ? 
_refine.pdbx_ls_cross_valid_method               'FREE R-VALUE' 
_refine.pdbx_method_to_determine_struct          'MOLECULAR REPLACEMENT' 
_refine.pdbx_starting_model                      4QEG 
_refine.pdbx_stereochemistry_target_values       ? 
_refine.pdbx_R_Free_selection_details            ? 
_refine.pdbx_stereochem_target_val_spec_case     ? 
_refine.pdbx_overall_ESU_R                       ? 
_refine.pdbx_overall_ESU_R_Free                  ? 
_refine.pdbx_solvent_vdw_probe_radii             1.11 
_refine.pdbx_solvent_ion_probe_radii             ? 
_refine.pdbx_solvent_shrinkage_radii             0.90 
_refine.pdbx_real_space_R                        ? 
_refine.pdbx_density_correlation                 ? 
_refine.pdbx_pd_number_of_powder_patterns        ? 
_refine.pdbx_pd_number_of_points                 ? 
_refine.pdbx_pd_meas_number_of_points            ? 
_refine.pdbx_pd_proc_ls_prof_R_factor            ? 
_refine.pdbx_pd_proc_ls_prof_wR_factor           ? 
_refine.pdbx_pd_Marquardt_correlation_coeff      ? 
_refine.pdbx_pd_Fsqrd_R_factor                   ? 
_refine.pdbx_pd_ls_matrix_band_width             ? 
_refine.pdbx_overall_phase_error                 22.88 
_refine.pdbx_overall_SU_R_free_Cruickshank_DPI   ? 
_refine.pdbx_overall_SU_R_free_Blow_DPI          ? 
_refine.pdbx_overall_SU_R_Blow_DPI               ? 
_refine.pdbx_TLS_residual_ADP_flag               ? 
_refine.pdbx_diffrn_id                           1 
_refine.overall_SU_B                             ? 
_refine.overall_SU_ML                            0.13 
_refine.overall_SU_R_Cruickshank_DPI             ? 
_refine.overall_SU_R_free                        ? 
_refine.overall_FOM_free_R_set                   ? 
_refine.overall_FOM_work_R_set                   ? 
_refine.pdbx_average_fsc_overall                 ? 
_refine.pdbx_average_fsc_work                    ? 
_refine.pdbx_average_fsc_free                    ? 
# 
_refine_hist.pdbx_refine_id                   'X-RAY DIFFRACTION' 
_refine_hist.cycle_id                         LAST 
_refine_hist.pdbx_number_atoms_protein        733 
_refine_hist.pdbx_number_atoms_nucleic_acid   0 
_refine_hist.pdbx_number_atoms_ligand         8 
_refine_hist.number_atoms_solvent             179 
_refine_hist.number_atoms_total               920 
_refine_hist.d_res_high                       2.000 
_refine_hist.d_res_low                        28.828 
# 
loop_
_refine_ls_restr.pdbx_refine_id 
_refine_ls_restr.criterion 
_refine_ls_restr.dev_ideal 
_refine_ls_restr.dev_ideal_target 
_refine_ls_restr.number 
_refine_ls_restr.rejects 
_refine_ls_restr.type 
_refine_ls_restr.weight 
_refine_ls_restr.pdbx_restraint_function 
'X-RAY DIFFRACTION' ? 0.003 ? 788  ? f_bond_d           ? ? 
'X-RAY DIFFRACTION' ? 0.713 ? 1070 ? f_angle_d          ? ? 
'X-RAY DIFFRACTION' ? 9.784 ? 308  ? f_dihedral_angle_d ? ? 
'X-RAY DIFFRACTION' ? 0.030 ? 124  ? f_chiral_restr     ? ? 
'X-RAY DIFFRACTION' ? 0.002 ? 137  ? f_plane_restr      ? ? 
# 
loop_
_refine_ls_shell.pdbx_refine_id 
_refine_ls_shell.d_res_high 
_refine_ls_shell.d_res_low 
_refine_ls_shell.number_reflns_all 
_refine_ls_shell.number_reflns_obs 
_refine_ls_shell.number_reflns_R_free 
_refine_ls_shell.number_reflns_R_work 
_refine_ls_shell.percent_reflns_obs 
_refine_ls_shell.percent_reflns_R_free 
_refine_ls_shell.R_factor_all 
_refine_ls_shell.R_factor_obs 
_refine_ls_shell.R_factor_R_free 
_refine_ls_shell.R_factor_R_free_error 
_refine_ls_shell.R_factor_R_work 
_refine_ls_shell.redundancy_reflns_all 
_refine_ls_shell.redundancy_reflns_obs 
_refine_ls_shell.wR_factor_all 
_refine_ls_shell.wR_factor_obs 
_refine_ls_shell.wR_factor_R_free 
_refine_ls_shell.wR_factor_R_work 
_refine_ls_shell.pdbx_total_number_of_bins_used 
_refine_ls_shell.pdbx_phase_error 
_refine_ls_shell.pdbx_fsc_work 
_refine_ls_shell.pdbx_fsc_free 
'X-RAY DIFFRACTION' 2.0000 2.2893  . . 140 4506 100.00 . . . 0.2489 . 0.2060 . . . . . . . . . . 
'X-RAY DIFFRACTION' 2.2893 2.8839  . . 141 4573 100.00 . . . 0.2668 . 0.2100 . . . . . . . . . . 
'X-RAY DIFFRACTION' 2.8839 28.8305 . . 149 4780 100.00 . . . 0.1940 . 0.1571 . . . . . . . . . . 
# 
_struct.entry_id                     5JOE 
_struct.title                        'Crystal structure of I81 from titin' 
_struct.pdbx_model_details           ? 
_struct.pdbx_formula_weight          ? 
_struct.pdbx_formula_weight_method   ? 
_struct.pdbx_model_type_details      ? 
_struct.pdbx_CASP_flag               N 
# 
_struct_keywords.entry_id        5JOE 
_struct_keywords.text            'titin, immunoglobulin, STRUCTURAL PROTEIN, transferase' 
_struct_keywords.pdbx_keywords   TRANSFERASE 
# 
loop_
_struct_asym.id 
_struct_asym.pdbx_blank_PDB_chainid_flag 
_struct_asym.pdbx_modified 
_struct_asym.entity_id 
_struct_asym.details 
A N N 1 ? 
B N N 2 ? 
C N N 3 ? 
D N N 4 ? 
# 
_struct_ref.id                         1 
_struct_ref.db_name                    UNP 
_struct_ref.db_code                    TITIN_HUMAN 
_struct_ref.pdbx_db_accession          Q8WZ42 
_struct_ref.pdbx_db_isoform            ? 
_struct_ref.entity_id                  1 
_struct_ref.pdbx_seq_one_letter_code   
;PVTLIKDIENQTVLKDNDAVFEIDIKINYPEIKLSWYKGTEKLEPSDKFEISIDGDRHTLRVKNCQLKDQGNYRLVCGPH
IASAKLTVIE
;
_struct_ref.pdbx_align_begin           9582 
# 
_struct_ref_seq.align_id                      1 
_struct_ref_seq.ref_id                        1 
_struct_ref_seq.pdbx_PDB_id_code              5JOE 
_struct_ref_seq.pdbx_strand_id                A 
_struct_ref_seq.seq_align_beg                 3 
_struct_ref_seq.pdbx_seq_align_beg_ins_code   ? 
_struct_ref_seq.seq_align_end                 92 
_struct_ref_seq.pdbx_seq_align_end_ins_code   ? 
_struct_ref_seq.pdbx_db_accession             Q8WZ42 
_struct_ref_seq.db_align_beg                  9582 
_struct_ref_seq.pdbx_db_align_beg_ins_code    ? 
_struct_ref_seq.db_align_end                  9671 
_struct_ref_seq.pdbx_db_align_end_ins_code    ? 
_struct_ref_seq.pdbx_auth_seq_align_beg       1 
_struct_ref_seq.pdbx_auth_seq_align_end       90 
# 
loop_
_struct_ref_seq_dif.align_id 
_struct_ref_seq_dif.pdbx_pdb_id_code 
_struct_ref_seq_dif.mon_id 
_struct_ref_seq_dif.pdbx_pdb_strand_id 
_struct_ref_seq_dif.seq_num 
_struct_ref_seq_dif.pdbx_pdb_ins_code 
_struct_ref_seq_dif.pdbx_seq_db_name 
_struct_ref_seq_dif.pdbx_seq_db_accession_code 
_struct_ref_seq_dif.db_mon_id 
_struct_ref_seq_dif.pdbx_seq_db_seq_num 
_struct_ref_seq_dif.details 
_struct_ref_seq_dif.pdbx_auth_seq_num 
_struct_ref_seq_dif.pdbx_ordinal 
1 5JOE MET A 1 ? UNP Q8WZ42 ? ? 'initiating methionine' -1 1 
1 5JOE GLY A 2 ? UNP Q8WZ42 ? ? 'expression tag'        0  2 
# 
_pdbx_struct_assembly.id                   1 
_pdbx_struct_assembly.details              author_and_software_defined_assembly 
_pdbx_struct_assembly.method_details       PISA 
_pdbx_struct_assembly.oligomeric_details   monomeric 
_pdbx_struct_assembly.oligomeric_count     1 
# 
loop_
_pdbx_struct_assembly_prop.biol_id 
_pdbx_struct_assembly_prop.type 
_pdbx_struct_assembly_prop.value 
_pdbx_struct_assembly_prop.details 
1 'ABSA (A^2)' 250  ? 
1 MORE         3    ? 
1 'SSA (A^2)'  5790 ? 
# 
_pdbx_struct_assembly_gen.assembly_id       1 
_pdbx_struct_assembly_gen.oper_expression   1 
_pdbx_struct_assembly_gen.asym_id_list      A,B,C,D 
# 
_pdbx_struct_oper_list.id                   1 
_pdbx_struct_oper_list.type                 'identity operation' 
_pdbx_struct_oper_list.name                 1_555 
_pdbx_struct_oper_list.symmetry_operation   x,y,z 
_pdbx_struct_oper_list.matrix[1][1]         1.0000000000 
_pdbx_struct_oper_list.matrix[1][2]         0.0000000000 
_pdbx_struct_oper_list.matrix[1][3]         0.0000000000 
_pdbx_struct_oper_list.vector[1]            0.0000000000 
_pdbx_struct_oper_list.matrix[2][1]         0.0000000000 
_pdbx_struct_oper_list.matrix[2][2]         1.0000000000 
_pdbx_struct_oper_list.matrix[2][3]         0.0000000000 
_pdbx_struct_oper_list.vector[2]            0.0000000000 
_pdbx_struct_oper_list.matrix[3][1]         0.0000000000 
_pdbx_struct_oper_list.matrix[3][2]         0.0000000000 
_pdbx_struct_oper_list.matrix[3][3]         1.0000000000 
_pdbx_struct_oper_list.vector[3]            0.0000000000 
# 
_struct_conf.conf_type_id            HELX_P 
_struct_conf.id                      HELX_P1 
_struct_conf.pdbx_PDB_helix_id       AA1 
_struct_conf.beg_label_comp_id       GLN 
_struct_conf.beg_label_asym_id       A 
_struct_conf.beg_label_seq_id        68 
_struct_conf.pdbx_beg_PDB_ins_code   ? 
_struct_conf.end_label_comp_id       GLN 
_struct_conf.end_label_asym_id       A 
_struct_conf.end_label_seq_id        72 
_struct_conf.pdbx_end_PDB_ins_code   ? 
_struct_conf.beg_auth_comp_id        GLN 
_struct_conf.beg_auth_asym_id        A 
_struct_conf.beg_auth_seq_id         66 
_struct_conf.end_auth_comp_id        GLN 
_struct_conf.end_auth_asym_id        A 
_struct_conf.end_auth_seq_id         70 
_struct_conf.pdbx_PDB_helix_class    5 
_struct_conf.details                 ? 
_struct_conf.pdbx_PDB_helix_length   5 
# 
_struct_conf_type.id          HELX_P 
_struct_conf_type.criteria    ? 
_struct_conf_type.reference   ? 
# 
loop_
_struct_sheet.id 
_struct_sheet.type 
_struct_sheet.number_strands 
_struct_sheet.details 
AA1 ? 4 ? 
AA2 ? 5 ? 
# 
loop_
_struct_sheet_order.sheet_id 
_struct_sheet_order.range_id_1 
_struct_sheet_order.range_id_2 
_struct_sheet_order.offset 
_struct_sheet_order.sense 
AA1 1 2 ? anti-parallel 
AA1 2 3 ? anti-parallel 
AA1 3 4 ? anti-parallel 
AA2 1 2 ? parallel      
AA2 2 3 ? anti-parallel 
AA2 3 4 ? anti-parallel 
AA2 4 5 ? anti-parallel 
# 
loop_
_struct_sheet_range.sheet_id 
_struct_sheet_range.id 
_struct_sheet_range.beg_label_comp_id 
_struct_sheet_range.beg_label_asym_id 
_struct_sheet_range.beg_label_seq_id 
_struct_sheet_range.pdbx_beg_PDB_ins_code 
_struct_sheet_range.end_label_comp_id 
_struct_sheet_range.end_label_asym_id 
_struct_sheet_range.end_label_seq_id 
_struct_sheet_range.pdbx_end_PDB_ins_code 
_struct_sheet_range.beg_auth_comp_id 
_struct_sheet_range.beg_auth_asym_id 
_struct_sheet_range.beg_auth_seq_id 
_struct_sheet_range.end_auth_comp_id 
_struct_sheet_range.end_auth_asym_id 
_struct_sheet_range.end_auth_seq_id 
AA1 1 VAL A 4  ? LYS A 8  ? VAL A 2  LYS A 6  
AA1 2 ALA A 21 ? ILE A 29 ? ALA A 19 ILE A 27 
AA1 3 ARG A 59 ? VAL A 64 ? ARG A 57 VAL A 62 
AA1 4 PHE A 51 ? ASP A 56 ? PHE A 49 ASP A 54 
AA2 1 GLN A 13 ? LEU A 16 ? GLN A 11 LEU A 14 
AA2 2 HIS A 82 ? ILE A 91 ? HIS A 80 ILE A 89 
AA2 3 GLY A 73 ? CYS A 79 ? GLY A 71 CYS A 77 
AA2 4 SER A 37 ? LYS A 40 ? SER A 35 LYS A 38 
AA2 5 GLU A 43 ? LYS A 44 ? GLU A 41 LYS A 42 
# 
loop_
_pdbx_struct_sheet_hbond.sheet_id 
_pdbx_struct_sheet_hbond.range_id_1 
_pdbx_struct_sheet_hbond.range_id_2 
_pdbx_struct_sheet_hbond.range_1_label_atom_id 
_pdbx_struct_sheet_hbond.range_1_label_comp_id 
_pdbx_struct_sheet_hbond.range_1_label_asym_id 
_pdbx_struct_sheet_hbond.range_1_label_seq_id 
_pdbx_struct_sheet_hbond.range_1_PDB_ins_code 
_pdbx_struct_sheet_hbond.range_1_auth_atom_id 
_pdbx_struct_sheet_hbond.range_1_auth_comp_id 
_pdbx_struct_sheet_hbond.range_1_auth_asym_id 
_pdbx_struct_sheet_hbond.range_1_auth_seq_id 
_pdbx_struct_sheet_hbond.range_2_label_atom_id 
_pdbx_struct_sheet_hbond.range_2_label_comp_id 
_pdbx_struct_sheet_hbond.range_2_label_asym_id 
_pdbx_struct_sheet_hbond.range_2_label_seq_id 
_pdbx_struct_sheet_hbond.range_2_PDB_ins_code 
_pdbx_struct_sheet_hbond.range_2_auth_atom_id 
_pdbx_struct_sheet_hbond.range_2_auth_comp_id 
_pdbx_struct_sheet_hbond.range_2_auth_asym_id 
_pdbx_struct_sheet_hbond.range_2_auth_seq_id 
AA1 1 2 N THR A 5  ? N THR A 3  O LYS A 28 ? O LYS A 26 
AA1 2 3 N PHE A 23 ? N PHE A 21 O LEU A 62 ? O LEU A 60 
AA1 3 4 O ARG A 63 ? O ARG A 61 N GLU A 52 ? N GLU A 50 
AA2 1 2 N VAL A 15 ? N VAL A 13 O THR A 89 ? O THR A 87 
AA2 2 3 O ALA A 86 ? O ALA A 84 N TYR A 75 ? N TYR A 73 
AA2 3 4 O ARG A 76 ? O ARG A 74 N TYR A 39 ? N TYR A 37 
AA2 4 5 N LYS A 40 ? N LYS A 38 O GLU A 43 ? O GLU A 41 
# 
loop_
_struct_site.id 
_struct_site.pdbx_evidence_code 
_struct_site.pdbx_auth_asym_id 
_struct_site.pdbx_auth_comp_id 
_struct_site.pdbx_auth_seq_id 
_struct_site.pdbx_auth_ins_code 
_struct_site.pdbx_num_residues 
_struct_site.details 
AC1 Software A IPA 101 ? 1 'binding site for residue IPA A 101' 
AC2 Software A EDO 102 ? 5 'binding site for residue EDO A 102' 
# 
loop_
_struct_site_gen.id 
_struct_site_gen.site_id 
_struct_site_gen.pdbx_num_res 
_struct_site_gen.label_comp_id 
_struct_site_gen.label_asym_id 
_struct_site_gen.label_seq_id 
_struct_site_gen.pdbx_auth_ins_code 
_struct_site_gen.auth_comp_id 
_struct_site_gen.auth_asym_id 
_struct_site_gen.auth_seq_id 
_struct_site_gen.label_atom_id 
_struct_site_gen.label_alt_id 
_struct_site_gen.symmetry 
_struct_site_gen.details 
1 AC1 1 HOH D .  ? HOH A 207 . ? 11_654 ? 
2 AC2 5 ASP A 18 ? ASP A 16  . ? 1_555  ? 
3 AC2 5 ASP A 18 ? ASP A 16  . ? 9_764  ? 
4 AC2 5 ASN A 19 ? ASN A 17  . ? 1_555  ? 
5 AC2 5 ASP A 20 ? ASP A 18  . ? 9_764  ? 
6 AC2 5 HOH D .  ? HOH A 246 . ? 9_764  ? 
# 
_pdbx_validate_torsion.id              1 
_pdbx_validate_torsion.PDB_model_num   1 
_pdbx_validate_torsion.auth_comp_id    ASP 
_pdbx_validate_torsion.auth_asym_id    A 
_pdbx_validate_torsion.auth_seq_id     16 
_pdbx_validate_torsion.PDB_ins_code    ? 
_pdbx_validate_torsion.label_alt_id    ? 
_pdbx_validate_torsion.phi             78.74 
_pdbx_validate_torsion.psi             -10.48 
# 
loop_
_pdbx_struct_special_symmetry.id 
_pdbx_struct_special_symmetry.PDB_model_num 
_pdbx_struct_special_symmetry.auth_asym_id 
_pdbx_struct_special_symmetry.auth_comp_id 
_pdbx_struct_special_symmetry.auth_seq_id 
_pdbx_struct_special_symmetry.PDB_ins_code 
_pdbx_struct_special_symmetry.label_asym_id 
_pdbx_struct_special_symmetry.label_comp_id 
_pdbx_struct_special_symmetry.label_seq_id 
1 1 A IPA 101 ? B IPA . 
2 1 A HOH 224 ? D HOH . 
3 1 A HOH 363 ? D HOH . 
4 1 A HOH 370 ? D HOH . 
5 1 A HOH 377 ? D HOH . 
# 
_pdbx_distant_solvent_atoms.id                                1 
_pdbx_distant_solvent_atoms.PDB_model_num                     1 
_pdbx_distant_solvent_atoms.auth_atom_id                      O 
_pdbx_distant_solvent_atoms.label_alt_id                      ? 
_pdbx_distant_solvent_atoms.auth_asym_id                      A 
_pdbx_distant_solvent_atoms.auth_comp_id                      HOH 
_pdbx_distant_solvent_atoms.auth_seq_id                       379 
_pdbx_distant_solvent_atoms.PDB_ins_code                      ? 
_pdbx_distant_solvent_atoms.neighbor_macromolecule_distance   6.61 
_pdbx_distant_solvent_atoms.neighbor_ligand_distance          . 
# 
loop_
_chem_comp_atom.comp_id 
_chem_comp_atom.atom_id 
_chem_comp_atom.type_symbol 
_chem_comp_atom.pdbx_aromatic_flag 
_chem_comp_atom.pdbx_stereo_config 
_chem_comp_atom.pdbx_ordinal 
ALA N    N N N 1   
ALA CA   C N S 2   
ALA C    C N N 3   
ALA O    O N N 4   
ALA CB   C N N 5   
ALA OXT  O N N 6   
ALA H    H N N 7   
ALA H2   H N N 8   
ALA HA   H N N 9   
ALA HB1  H N N 10  
ALA HB2  H N N 11  
ALA HB3  H N N 12  
ALA HXT  H N N 13  
ARG N    N N N 14  
ARG CA   C N S 15  
ARG C    C N N 16  
ARG O    O N N 17  
ARG CB   C N N 18  
ARG CG   C N N 19  
ARG CD   C N N 20  
ARG NE   N N N 21  
ARG CZ   C N N 22  
ARG NH1  N N N 23  
ARG NH2  N N N 24  
ARG OXT  O N N 25  
ARG H    H N N 26  
ARG H2   H N N 27  
ARG HA   H N N 28  
ARG HB2  H N N 29  
ARG HB3  H N N 30  
ARG HG2  H N N 31  
ARG HG3  H N N 32  
ARG HD2  H N N 33  
ARG HD3  H N N 34  
ARG HE   H N N 35  
ARG HH11 H N N 36  
ARG HH12 H N N 37  
ARG HH21 H N N 38  
ARG HH22 H N N 39  
ARG HXT  H N N 40  
ASN N    N N N 41  
ASN CA   C N S 42  
ASN C    C N N 43  
ASN O    O N N 44  
ASN CB   C N N 45  
ASN CG   C N N 46  
ASN OD1  O N N 47  
ASN ND2  N N N 48  
ASN OXT  O N N 49  
ASN H    H N N 50  
ASN H2   H N N 51  
ASN HA   H N N 52  
ASN HB2  H N N 53  
ASN HB3  H N N 54  
ASN HD21 H N N 55  
ASN HD22 H N N 56  
ASN HXT  H N N 57  
ASP N    N N N 58  
ASP CA   C N S 59  
ASP C    C N N 60  
ASP O    O N N 61  
ASP CB   C N N 62  
ASP CG   C N N 63  
ASP OD1  O N N 64  
ASP OD2  O N N 65  
ASP OXT  O N N 66  
ASP H    H N N 67  
ASP H2   H N N 68  
ASP HA   H N N 69  
ASP HB2  H N N 70  
ASP HB3  H N N 71  
ASP HD2  H N N 72  
ASP HXT  H N N 73  
CYS N    N N N 74  
CYS CA   C N R 75  
CYS C    C N N 76  
CYS O    O N N 77  
CYS CB   C N N 78  
CYS SG   S N N 79  
CYS OXT  O N N 80  
CYS H    H N N 81  
CYS H2   H N N 82  
CYS HA   H N N 83  
CYS HB2  H N N 84  
CYS HB3  H N N 85  
CYS HG   H N N 86  
CYS HXT  H N N 87  
EDO C1   C N N 88  
EDO O1   O N N 89  
EDO C2   C N N 90  
EDO O2   O N N 91  
EDO H11  H N N 92  
EDO H12  H N N 93  
EDO HO1  H N N 94  
EDO H21  H N N 95  
EDO H22  H N N 96  
EDO HO2  H N N 97  
GLN N    N N N 98  
GLN CA   C N S 99  
GLN C    C N N 100 
GLN O    O N N 101 
GLN CB   C N N 102 
GLN CG   C N N 103 
GLN CD   C N N 104 
GLN OE1  O N N 105 
GLN NE2  N N N 106 
GLN OXT  O N N 107 
GLN H    H N N 108 
GLN H2   H N N 109 
GLN HA   H N N 110 
GLN HB2  H N N 111 
GLN HB3  H N N 112 
GLN HG2  H N N 113 
GLN HG3  H N N 114 
GLN HE21 H N N 115 
GLN HE22 H N N 116 
GLN HXT  H N N 117 
GLU N    N N N 118 
GLU CA   C N S 119 
GLU C    C N N 120 
GLU O    O N N 121 
GLU CB   C N N 122 
GLU CG   C N N 123 
GLU CD   C N N 124 
GLU OE1  O N N 125 
GLU OE2  O N N 126 
GLU OXT  O N N 127 
GLU H    H N N 128 
GLU H2   H N N 129 
GLU HA   H N N 130 
GLU HB2  H N N 131 
GLU HB3  H N N 132 
GLU HG2  H N N 133 
GLU HG3  H N N 134 
GLU HE2  H N N 135 
GLU HXT  H N N 136 
GLY N    N N N 137 
GLY CA   C N N 138 
GLY C    C N N 139 
GLY O    O N N 140 
GLY OXT  O N N 141 
GLY H    H N N 142 
GLY H2   H N N 143 
GLY HA2  H N N 144 
GLY HA3  H N N 145 
GLY HXT  H N N 146 
HIS N    N N N 147 
HIS CA   C N S 148 
HIS C    C N N 149 
HIS O    O N N 150 
HIS CB   C N N 151 
HIS CG   C Y N 152 
HIS ND1  N Y N 153 
HIS CD2  C Y N 154 
HIS CE1  C Y N 155 
HIS NE2  N Y N 156 
HIS OXT  O N N 157 
HIS H    H N N 158 
HIS H2   H N N 159 
HIS HA   H N N 160 
HIS HB2  H N N 161 
HIS HB3  H N N 162 
HIS HD1  H N N 163 
HIS HD2  H N N 164 
HIS HE1  H N N 165 
HIS HE2  H N N 166 
HIS HXT  H N N 167 
HOH O    O N N 168 
HOH H1   H N N 169 
HOH H2   H N N 170 
ILE N    N N N 171 
ILE CA   C N S 172 
ILE C    C N N 173 
ILE O    O N N 174 
ILE CB   C N S 175 
ILE CG1  C N N 176 
ILE CG2  C N N 177 
ILE CD1  C N N 178 
ILE OXT  O N N 179 
ILE H    H N N 180 
ILE H2   H N N 181 
ILE HA   H N N 182 
ILE HB   H N N 183 
ILE HG12 H N N 184 
ILE HG13 H N N 185 
ILE HG21 H N N 186 
ILE HG22 H N N 187 
ILE HG23 H N N 188 
ILE HD11 H N N 189 
ILE HD12 H N N 190 
ILE HD13 H N N 191 
ILE HXT  H N N 192 
IPA C1   C N N 193 
IPA C2   C N N 194 
IPA C3   C N N 195 
IPA O2   O N N 196 
IPA H11  H N N 197 
IPA H12  H N N 198 
IPA H13  H N N 199 
IPA H2   H N N 200 
IPA H31  H N N 201 
IPA H32  H N N 202 
IPA H33  H N N 203 
IPA HO2  H N N 204 
LEU N    N N N 205 
LEU CA   C N S 206 
LEU C    C N N 207 
LEU O    O N N 208 
LEU CB   C N N 209 
LEU CG   C N N 210 
LEU CD1  C N N 211 
LEU CD2  C N N 212 
LEU OXT  O N N 213 
LEU H    H N N 214 
LEU H2   H N N 215 
LEU HA   H N N 216 
LEU HB2  H N N 217 
LEU HB3  H N N 218 
LEU HG   H N N 219 
LEU HD11 H N N 220 
LEU HD12 H N N 221 
LEU HD13 H N N 222 
LEU HD21 H N N 223 
LEU HD22 H N N 224 
LEU HD23 H N N 225 
LEU HXT  H N N 226 
LYS N    N N N 227 
LYS CA   C N S 228 
LYS C    C N N 229 
LYS O    O N N 230 
LYS CB   C N N 231 
LYS CG   C N N 232 
LYS CD   C N N 233 
LYS CE   C N N 234 
LYS NZ   N N N 235 
LYS OXT  O N N 236 
LYS H    H N N 237 
LYS H2   H N N 238 
LYS HA   H N N 239 
LYS HB2  H N N 240 
LYS HB3  H N N 241 
LYS HG2  H N N 242 
LYS HG3  H N N 243 
LYS HD2  H N N 244 
LYS HD3  H N N 245 
LYS HE2  H N N 246 
LYS HE3  H N N 247 
LYS HZ1  H N N 248 
LYS HZ2  H N N 249 
LYS HZ3  H N N 250 
LYS HXT  H N N 251 
MET N    N N N 252 
MET CA   C N S 253 
MET C    C N N 254 
MET O    O N N 255 
MET CB   C N N 256 
MET CG   C N N 257 
MET SD   S N N 258 
MET CE   C N N 259 
MET OXT  O N N 260 
MET H    H N N 261 
MET H2   H N N 262 
MET HA   H N N 263 
MET HB2  H N N 264 
MET HB3  H N N 265 
MET HG2  H N N 266 
MET HG3  H N N 267 
MET HE1  H N N 268 
MET HE2  H N N 269 
MET HE3  H N N 270 
MET HXT  H N N 271 
PHE N    N N N 272 
PHE CA   C N S 273 
PHE C    C N N 274 
PHE O    O N N 275 
PHE CB   C N N 276 
PHE CG   C Y N 277 
PHE CD1  C Y N 278 
PHE CD2  C Y N 279 
PHE CE1  C Y N 280 
PHE CE2  C Y N 281 
PHE CZ   C Y N 282 
PHE OXT  O N N 283 
PHE H    H N N 284 
PHE H2   H N N 285 
PHE HA   H N N 286 
PHE HB2  H N N 287 
PHE HB3  H N N 288 
PHE HD1  H N N 289 
PHE HD2  H N N 290 
PHE HE1  H N N 291 
PHE HE2  H N N 292 
PHE HZ   H N N 293 
PHE HXT  H N N 294 
PRO N    N N N 295 
PRO CA   C N S 296 
PRO C    C N N 297 
PRO O    O N N 298 
PRO CB   C N N 299 
PRO CG   C N N 300 
PRO CD   C N N 301 
PRO OXT  O N N 302 
PRO H    H N N 303 
PRO HA   H N N 304 
PRO HB2  H N N 305 
PRO HB3  H N N 306 
PRO HG2  H N N 307 
PRO HG3  H N N 308 
PRO HD2  H N N 309 
PRO HD3  H N N 310 
PRO HXT  H N N 311 
SER N    N N N 312 
SER CA   C N S 313 
SER C    C N N 314 
SER O    O N N 315 
SER CB   C N N 316 
SER OG   O N N 317 
SER OXT  O N N 318 
SER H    H N N 319 
SER H2   H N N 320 
SER HA   H N N 321 
SER HB2  H N N 322 
SER HB3  H N N 323 
SER HG   H N N 324 
SER HXT  H N N 325 
THR N    N N N 326 
THR CA   C N S 327 
THR C    C N N 328 
THR O    O N N 329 
THR CB   C N R 330 
THR OG1  O N N 331 
THR CG2  C N N 332 
THR OXT  O N N 333 
THR H    H N N 334 
THR H2   H N N 335 
THR HA   H N N 336 
THR HB   H N N 337 
THR HG1  H N N 338 
THR HG21 H N N 339 
THR HG22 H N N 340 
THR HG23 H N N 341 
THR HXT  H N N 342 
TRP N    N N N 343 
TRP CA   C N S 344 
TRP C    C N N 345 
TRP O    O N N 346 
TRP CB   C N N 347 
TRP CG   C Y N 348 
TRP CD1  C Y N 349 
TRP CD2  C Y N 350 
TRP NE1  N Y N 351 
TRP CE2  C Y N 352 
TRP CE3  C Y N 353 
TRP CZ2  C Y N 354 
TRP CZ3  C Y N 355 
TRP CH2  C Y N 356 
TRP OXT  O N N 357 
TRP H    H N N 358 
TRP H2   H N N 359 
TRP HA   H N N 360 
TRP HB2  H N N 361 
TRP HB3  H N N 362 
TRP HD1  H N N 363 
TRP HE1  H N N 364 
TRP HE3  H N N 365 
TRP HZ2  H N N 366 
TRP HZ3  H N N 367 
TRP HH2  H N N 368 
TRP HXT  H N N 369 
TYR N    N N N 370 
TYR CA   C N S 371 
TYR C    C N N 372 
TYR O    O N N 373 
TYR CB   C N N 374 
TYR CG   C Y N 375 
TYR CD1  C Y N 376 
TYR CD2  C Y N 377 
TYR CE1  C Y N 378 
TYR CE2  C Y N 379 
TYR CZ   C Y N 380 
TYR OH   O N N 381 
TYR OXT  O N N 382 
TYR H    H N N 383 
TYR H2   H N N 384 
TYR HA   H N N 385 
TYR HB2  H N N 386 
TYR HB3  H N N 387 
TYR HD1  H N N 388 
TYR HD2  H N N 389 
TYR HE1  H N N 390 
TYR HE2  H N N 391 
TYR HH   H N N 392 
TYR HXT  H N N 393 
VAL N    N N N 394 
VAL CA   C N S 395 
VAL C    C N N 396 
VAL O    O N N 397 
VAL CB   C N N 398 
VAL CG1  C N N 399 
VAL CG2  C N N 400 
VAL OXT  O N N 401 
VAL H    H N N 402 
VAL H2   H N N 403 
VAL HA   H N N 404 
VAL HB   H N N 405 
VAL HG11 H N N 406 
VAL HG12 H N N 407 
VAL HG13 H N N 408 
VAL HG21 H N N 409 
VAL HG22 H N N 410 
VAL HG23 H N N 411 
VAL HXT  H N N 412 
# 
loop_
_chem_comp_bond.comp_id 
_chem_comp_bond.atom_id_1 
_chem_comp_bond.atom_id_2 
_chem_comp_bond.value_order 
_chem_comp_bond.pdbx_aromatic_flag 
_chem_comp_bond.pdbx_stereo_config 
_chem_comp_bond.pdbx_ordinal 
ALA N   CA   sing N N 1   
ALA N   H    sing N N 2   
ALA N   H2   sing N N 3   
ALA CA  C    sing N N 4   
ALA CA  CB   sing N N 5   
ALA CA  HA   sing N N 6   
ALA C   O    doub N N 7   
ALA C   OXT  sing N N 8   
ALA CB  HB1  sing N N 9   
ALA CB  HB2  sing N N 10  
ALA CB  HB3  sing N N 11  
ALA OXT HXT  sing N N 12  
ARG N   CA   sing N N 13  
ARG N   H    sing N N 14  
ARG N   H2   sing N N 15  
ARG CA  C    sing N N 16  
ARG CA  CB   sing N N 17  
ARG CA  HA   sing N N 18  
ARG C   O    doub N N 19  
ARG C   OXT  sing N N 20  
ARG CB  CG   sing N N 21  
ARG CB  HB2  sing N N 22  
ARG CB  HB3  sing N N 23  
ARG CG  CD   sing N N 24  
ARG CG  HG2  sing N N 25  
ARG CG  HG3  sing N N 26  
ARG CD  NE   sing N N 27  
ARG CD  HD2  sing N N 28  
ARG CD  HD3  sing N N 29  
ARG NE  CZ   sing N N 30  
ARG NE  HE   sing N N 31  
ARG CZ  NH1  sing N N 32  
ARG CZ  NH2  doub N N 33  
ARG NH1 HH11 sing N N 34  
ARG NH1 HH12 sing N N 35  
ARG NH2 HH21 sing N N 36  
ARG NH2 HH22 sing N N 37  
ARG OXT HXT  sing N N 38  
ASN N   CA   sing N N 39  
ASN N   H    sing N N 40  
ASN N   H2   sing N N 41  
ASN CA  C    sing N N 42  
ASN CA  CB   sing N N 43  
ASN CA  HA   sing N N 44  
ASN C   O    doub N N 45  
ASN C   OXT  sing N N 46  
ASN CB  CG   sing N N 47  
ASN CB  HB2  sing N N 48  
ASN CB  HB3  sing N N 49  
ASN CG  OD1  doub N N 50  
ASN CG  ND2  sing N N 51  
ASN ND2 HD21 sing N N 52  
ASN ND2 HD22 sing N N 53  
ASN OXT HXT  sing N N 54  
ASP N   CA   sing N N 55  
ASP N   H    sing N N 56  
ASP N   H2   sing N N 57  
ASP CA  C    sing N N 58  
ASP CA  CB   sing N N 59  
ASP CA  HA   sing N N 60  
ASP C   O    doub N N 61  
ASP C   OXT  sing N N 62  
ASP CB  CG   sing N N 63  
ASP CB  HB2  sing N N 64  
ASP CB  HB3  sing N N 65  
ASP CG  OD1  doub N N 66  
ASP CG  OD2  sing N N 67  
ASP OD2 HD2  sing N N 68  
ASP OXT HXT  sing N N 69  
CYS N   CA   sing N N 70  
CYS N   H    sing N N 71  
CYS N   H2   sing N N 72  
CYS CA  C    sing N N 73  
CYS CA  CB   sing N N 74  
CYS CA  HA   sing N N 75  
CYS C   O    doub N N 76  
CYS C   OXT  sing N N 77  
CYS CB  SG   sing N N 78  
CYS CB  HB2  sing N N 79  
CYS CB  HB3  sing N N 80  
CYS SG  HG   sing N N 81  
CYS OXT HXT  sing N N 82  
EDO C1  O1   sing N N 83  
EDO C1  C2   sing N N 84  
EDO C1  H11  sing N N 85  
EDO C1  H12  sing N N 86  
EDO O1  HO1  sing N N 87  
EDO C2  O2   sing N N 88  
EDO C2  H21  sing N N 89  
EDO C2  H22  sing N N 90  
EDO O2  HO2  sing N N 91  
GLN N   CA   sing N N 92  
GLN N   H    sing N N 93  
GLN N   H2   sing N N 94  
GLN CA  C    sing N N 95  
GLN CA  CB   sing N N 96  
GLN CA  HA   sing N N 97  
GLN C   O    doub N N 98  
GLN C   OXT  sing N N 99  
GLN CB  CG   sing N N 100 
GLN CB  HB2  sing N N 101 
GLN CB  HB3  sing N N 102 
GLN CG  CD   sing N N 103 
GLN CG  HG2  sing N N 104 
GLN CG  HG3  sing N N 105 
GLN CD  OE1  doub N N 106 
GLN CD  NE2  sing N N 107 
GLN NE2 HE21 sing N N 108 
GLN NE2 HE22 sing N N 109 
GLN OXT HXT  sing N N 110 
GLU N   CA   sing N N 111 
GLU N   H    sing N N 112 
GLU N   H2   sing N N 113 
GLU CA  C    sing N N 114 
GLU CA  CB   sing N N 115 
GLU CA  HA   sing N N 116 
GLU C   O    doub N N 117 
GLU C   OXT  sing N N 118 
GLU CB  CG   sing N N 119 
GLU CB  HB2  sing N N 120 
GLU CB  HB3  sing N N 121 
GLU CG  CD   sing N N 122 
GLU CG  HG2  sing N N 123 
GLU CG  HG3  sing N N 124 
GLU CD  OE1  doub N N 125 
GLU CD  OE2  sing N N 126 
GLU OE2 HE2  sing N N 127 
GLU OXT HXT  sing N N 128 
GLY N   CA   sing N N 129 
GLY N   H    sing N N 130 
GLY N   H2   sing N N 131 
GLY CA  C    sing N N 132 
GLY CA  HA2  sing N N 133 
GLY CA  HA3  sing N N 134 
GLY C   O    doub N N 135 
GLY C   OXT  sing N N 136 
GLY OXT HXT  sing N N 137 
HIS N   CA   sing N N 138 
HIS N   H    sing N N 139 
HIS N   H2   sing N N 140 
HIS CA  C    sing N N 141 
HIS CA  CB   sing N N 142 
HIS CA  HA   sing N N 143 
HIS C   O    doub N N 144 
HIS C   OXT  sing N N 145 
HIS CB  CG   sing N N 146 
HIS CB  HB2  sing N N 147 
HIS CB  HB3  sing N N 148 
HIS CG  ND1  sing Y N 149 
HIS CG  CD2  doub Y N 150 
HIS ND1 CE1  doub Y N 151 
HIS ND1 HD1  sing N N 152 
HIS CD2 NE2  sing Y N 153 
HIS CD2 HD2  sing N N 154 
HIS CE1 NE2  sing Y N 155 
HIS CE1 HE1  sing N N 156 
HIS NE2 HE2  sing N N 157 
HIS OXT HXT  sing N N 158 
HOH O   H1   sing N N 159 
HOH O   H2   sing N N 160 
ILE N   CA   sing N N 161 
ILE N   H    sing N N 162 
ILE N   H2   sing N N 163 
ILE CA  C    sing N N 164 
ILE CA  CB   sing N N 165 
ILE CA  HA   sing N N 166 
ILE C   O    doub N N 167 
ILE C   OXT  sing N N 168 
ILE CB  CG1  sing N N 169 
ILE CB  CG2  sing N N 170 
ILE CB  HB   sing N N 171 
ILE CG1 CD1  sing N N 172 
ILE CG1 HG12 sing N N 173 
ILE CG1 HG13 sing N N 174 
ILE CG2 HG21 sing N N 175 
ILE CG2 HG22 sing N N 176 
ILE CG2 HG23 sing N N 177 
ILE CD1 HD11 sing N N 178 
ILE CD1 HD12 sing N N 179 
ILE CD1 HD13 sing N N 180 
ILE OXT HXT  sing N N 181 
IPA C1  C2   sing N N 182 
IPA C1  H11  sing N N 183 
IPA C1  H12  sing N N 184 
IPA C1  H13  sing N N 185 
IPA C2  C3   sing N N 186 
IPA C2  O2   sing N N 187 
IPA C2  H2   sing N N 188 
IPA C3  H31  sing N N 189 
IPA C3  H32  sing N N 190 
IPA C3  H33  sing N N 191 
IPA O2  HO2  sing N N 192 
LEU N   CA   sing N N 193 
LEU N   H    sing N N 194 
LEU N   H2   sing N N 195 
LEU CA  C    sing N N 196 
LEU CA  CB   sing N N 197 
LEU CA  HA   sing N N 198 
LEU C   O    doub N N 199 
LEU C   OXT  sing N N 200 
LEU CB  CG   sing N N 201 
LEU CB  HB2  sing N N 202 
LEU CB  HB3  sing N N 203 
LEU CG  CD1  sing N N 204 
LEU CG  CD2  sing N N 205 
LEU CG  HG   sing N N 206 
LEU CD1 HD11 sing N N 207 
LEU CD1 HD12 sing N N 208 
LEU CD1 HD13 sing N N 209 
LEU CD2 HD21 sing N N 210 
LEU CD2 HD22 sing N N 211 
LEU CD2 HD23 sing N N 212 
LEU OXT HXT  sing N N 213 
LYS N   CA   sing N N 214 
LYS N   H    sing N N 215 
LYS N   H2   sing N N 216 
LYS CA  C    sing N N 217 
LYS CA  CB   sing N N 218 
LYS CA  HA   sing N N 219 
LYS C   O    doub N N 220 
LYS C   OXT  sing N N 221 
LYS CB  CG   sing N N 222 
LYS CB  HB2  sing N N 223 
LYS CB  HB3  sing N N 224 
LYS CG  CD   sing N N 225 
LYS CG  HG2  sing N N 226 
LYS CG  HG3  sing N N 227 
LYS CD  CE   sing N N 228 
LYS CD  HD2  sing N N 229 
LYS CD  HD3  sing N N 230 
LYS CE  NZ   sing N N 231 
LYS CE  HE2  sing N N 232 
LYS CE  HE3  sing N N 233 
LYS NZ  HZ1  sing N N 234 
LYS NZ  HZ2  sing N N 235 
LYS NZ  HZ3  sing N N 236 
LYS OXT HXT  sing N N 237 
MET N   CA   sing N N 238 
MET N   H    sing N N 239 
MET N   H2   sing N N 240 
MET CA  C    sing N N 241 
MET CA  CB   sing N N 242 
MET CA  HA   sing N N 243 
MET C   O    doub N N 244 
MET C   OXT  sing N N 245 
MET CB  CG   sing N N 246 
MET CB  HB2  sing N N 247 
MET CB  HB3  sing N N 248 
MET CG  SD   sing N N 249 
MET CG  HG2  sing N N 250 
MET CG  HG3  sing N N 251 
MET SD  CE   sing N N 252 
MET CE  HE1  sing N N 253 
MET CE  HE2  sing N N 254 
MET CE  HE3  sing N N 255 
MET OXT HXT  sing N N 256 
PHE N   CA   sing N N 257 
PHE N   H    sing N N 258 
PHE N   H2   sing N N 259 
PHE CA  C    sing N N 260 
PHE CA  CB   sing N N 261 
PHE CA  HA   sing N N 262 
PHE C   O    doub N N 263 
PHE C   OXT  sing N N 264 
PHE CB  CG   sing N N 265 
PHE CB  HB2  sing N N 266 
PHE CB  HB3  sing N N 267 
PHE CG  CD1  doub Y N 268 
PHE CG  CD2  sing Y N 269 
PHE CD1 CE1  sing Y N 270 
PHE CD1 HD1  sing N N 271 
PHE CD2 CE2  doub Y N 272 
PHE CD2 HD2  sing N N 273 
PHE CE1 CZ   doub Y N 274 
PHE CE1 HE1  sing N N 275 
PHE CE2 CZ   sing Y N 276 
PHE CE2 HE2  sing N N 277 
PHE CZ  HZ   sing N N 278 
PHE OXT HXT  sing N N 279 
PRO N   CA   sing N N 280 
PRO N   CD   sing N N 281 
PRO N   H    sing N N 282 
PRO CA  C    sing N N 283 
PRO CA  CB   sing N N 284 
PRO CA  HA   sing N N 285 
PRO C   O    doub N N 286 
PRO C   OXT  sing N N 287 
PRO CB  CG   sing N N 288 
PRO CB  HB2  sing N N 289 
PRO CB  HB3  sing N N 290 
PRO CG  CD   sing N N 291 
PRO CG  HG2  sing N N 292 
PRO CG  HG3  sing N N 293 
PRO CD  HD2  sing N N 294 
PRO CD  HD3  sing N N 295 
PRO OXT HXT  sing N N 296 
SER N   CA   sing N N 297 
SER N   H    sing N N 298 
SER N   H2   sing N N 299 
SER CA  C    sing N N 300 
SER CA  CB   sing N N 301 
SER CA  HA   sing N N 302 
SER C   O    doub N N 303 
SER C   OXT  sing N N 304 
SER CB  OG   sing N N 305 
SER CB  HB2  sing N N 306 
SER CB  HB3  sing N N 307 
SER OG  HG   sing N N 308 
SER OXT HXT  sing N N 309 
THR N   CA   sing N N 310 
THR N   H    sing N N 311 
THR N   H2   sing N N 312 
THR CA  C    sing N N 313 
THR CA  CB   sing N N 314 
THR CA  HA   sing N N 315 
THR C   O    doub N N 316 
THR C   OXT  sing N N 317 
THR CB  OG1  sing N N 318 
THR CB  CG2  sing N N 319 
THR CB  HB   sing N N 320 
THR OG1 HG1  sing N N 321 
THR CG2 HG21 sing N N 322 
THR CG2 HG22 sing N N 323 
THR CG2 HG23 sing N N 324 
THR OXT HXT  sing N N 325 
TRP N   CA   sing N N 326 
TRP N   H    sing N N 327 
TRP N   H2   sing N N 328 
TRP CA  C    sing N N 329 
TRP CA  CB   sing N N 330 
TRP CA  HA   sing N N 331 
TRP C   O    doub N N 332 
TRP C   OXT  sing N N 333 
TRP CB  CG   sing N N 334 
TRP CB  HB2  sing N N 335 
TRP CB  HB3  sing N N 336 
TRP CG  CD1  doub Y N 337 
TRP CG  CD2  sing Y N 338 
TRP CD1 NE1  sing Y N 339 
TRP CD1 HD1  sing N N 340 
TRP CD2 CE2  doub Y N 341 
TRP CD2 CE3  sing Y N 342 
TRP NE1 CE2  sing Y N 343 
TRP NE1 HE1  sing N N 344 
TRP CE2 CZ2  sing Y N 345 
TRP CE3 CZ3  doub Y N 346 
TRP CE3 HE3  sing N N 347 
TRP CZ2 CH2  doub Y N 348 
TRP CZ2 HZ2  sing N N 349 
TRP CZ3 CH2  sing Y N 350 
TRP CZ3 HZ3  sing N N 351 
TRP CH2 HH2  sing N N 352 
TRP OXT HXT  sing N N 353 
TYR N   CA   sing N N 354 
TYR N   H    sing N N 355 
TYR N   H2   sing N N 356 
TYR CA  C    sing N N 357 
TYR CA  CB   sing N N 358 
TYR CA  HA   sing N N 359 
TYR C   O    doub N N 360 
TYR C   OXT  sing N N 361 
TYR CB  CG   sing N N 362 
TYR CB  HB2  sing N N 363 
TYR CB  HB3  sing N N 364 
TYR CG  CD1  doub Y N 365 
TYR CG  CD2  sing Y N 366 
TYR CD1 CE1  sing Y N 367 
TYR CD1 HD1  sing N N 368 
TYR CD2 CE2  doub Y N 369 
TYR CD2 HD2  sing N N 370 
TYR CE1 CZ   doub Y N 371 
TYR CE1 HE1  sing N N 372 
TYR CE2 CZ   sing Y N 373 
TYR CE2 HE2  sing N N 374 
TYR CZ  OH   sing N N 375 
TYR OH  HH   sing N N 376 
TYR OXT HXT  sing N N 377 
VAL N   CA   sing N N 378 
VAL N   H    sing N N 379 
VAL N   H2   sing N N 380 
VAL CA  C    sing N N 381 
VAL CA  CB   sing N N 382 
VAL CA  HA   sing N N 383 
VAL C   O    doub N N 384 
VAL C   OXT  sing N N 385 
VAL CB  CG1  sing N N 386 
VAL CB  CG2  sing N N 387 
VAL CB  HB   sing N N 388 
VAL CG1 HG11 sing N N 389 
VAL CG1 HG12 sing N N 390 
VAL CG1 HG13 sing N N 391 
VAL CG2 HG21 sing N N 392 
VAL CG2 HG22 sing N N 393 
VAL CG2 HG23 sing N N 394 
VAL OXT HXT  sing N N 395 
# 
_pdbx_audit_support.funding_organization   'Leducq Foundation' 
_pdbx_audit_support.country                ? 
_pdbx_audit_support.grant_number           ? 
_pdbx_audit_support.ordinal                1 
# 
_pdbx_initial_refinement_model.id               1 
_pdbx_initial_refinement_model.entity_id_list   ? 
_pdbx_initial_refinement_model.type             'experimental model' 
_pdbx_initial_refinement_model.source_name      PDB 
_pdbx_initial_refinement_model.accession_code   4QEG 
_pdbx_initial_refinement_model.details          ? 
# 
_atom_sites.entry_id                    5JOE 
_atom_sites.fract_transf_matrix[1][1]   0.00626578 
_atom_sites.fract_transf_matrix[1][2]   0.00611656 
_atom_sites.fract_transf_matrix[1][3]   0.00485812 
_atom_sites.fract_transf_matrix[2][1]   0.00387286 
_atom_sites.fract_transf_matrix[2][2]   -0.00276756 
_atom_sites.fract_transf_matrix[2][3]   0.00881032 
_atom_sites.fract_transf_matrix[3][1]   0.01484519 
_atom_sites.fract_transf_matrix[3][2]   -0.00802265 
_atom_sites.fract_transf_matrix[3][3]   -0.00904581 
_atom_sites.fract_transf_vector[1]      0.859475 
_atom_sites.fract_transf_vector[2]      0.516319 
_atom_sites.fract_transf_vector[3]      -0.209699 
# 
loop_
_atom_type.symbol 
C 
N 
O 
S 
# 
loop_
_atom_site.group_PDB 
_atom_site.id 
_atom_site.type_symbol 
_atom_site.label_atom_id 
_atom_site.label_alt_id 
_atom_site.label_comp_id 
_atom_site.label_asym_id 
_atom_site.label_entity_id 
_atom_site.label_seq_id 
_atom_site.pdbx_PDB_ins_code 
_atom_site.Cartn_x 
_atom_site.Cartn_y 
_atom_site.Cartn_z 
_atom_site.occupancy 
_atom_site.B_iso_or_equiv 
_atom_site.pdbx_formal_charge 
_atom_site.auth_seq_id 
_atom_site.auth_comp_id 
_atom_site.auth_asym_id 
_atom_site.auth_atom_id 
_atom_site.pdbx_PDB_model_num 
ATOM   1   N N   . MET A 1 1  ? 10.613  -23.233 -1.121  1.00 74.89  ? -1  MET A N   1 
ATOM   2   C CA  . MET A 1 1  ? 10.516  -22.164 -0.132  1.00 80.69  ? -1  MET A CA  1 
ATOM   3   C C   . MET A 1 1  ? 9.208   -21.389 -0.268  1.00 72.19  ? -1  MET A C   1 
ATOM   4   O O   . MET A 1 1  ? 9.025   -20.346 0.360   1.00 66.59  ? -1  MET A O   1 
ATOM   5   C CB  . MET A 1 1  ? 11.706  -21.212 -0.260  1.00 82.92  ? -1  MET A CB  1 
ATOM   6   C CG  . MET A 1 1  ? 11.717  -20.411 -1.551  1.00 79.59  ? -1  MET A CG  1 
ATOM   7   S SD  . MET A 1 1  ? 13.290  -19.577 -1.829  1.00 119.60 ? -1  MET A SD  1 
ATOM   8   C CE  . MET A 1 1  ? 14.215  -20.866 -2.659  1.00 99.62  ? -1  MET A CE  1 
ATOM   9   N N   . GLY A 1 2  ? 8.302   -21.903 -1.094  1.00 51.75  ? 0   GLY A N   1 
ATOM   10  C CA  . GLY A 1 2  ? 7.001   -21.285 -1.274  1.00 56.02  ? 0   GLY A CA  1 
ATOM   11  C C   . GLY A 1 2  ? 6.991   -20.208 -2.343  1.00 52.51  ? 0   GLY A C   1 
ATOM   12  O O   . GLY A 1 2  ? 8.046   -19.770 -2.802  1.00 48.25  ? 0   GLY A O   1 
ATOM   13  N N   . PRO A 1 3  ? 5.789   -19.773 -2.745  1.00 43.31  ? 1   PRO A N   1 
ATOM   14  C CA  . PRO A 1 3  ? 5.627   -18.740 -3.775  1.00 37.16  ? 1   PRO A CA  1 
ATOM   15  C C   . PRO A 1 3  ? 6.144   -17.369 -3.333  1.00 31.68  ? 1   PRO A C   1 
ATOM   16  O O   . PRO A 1 3  ? 6.762   -16.665 -4.133  1.00 32.72  ? 1   PRO A O   1 
ATOM   17  C CB  . PRO A 1 3  ? 4.110   -18.710 -4.004  1.00 34.61  ? 1   PRO A CB  1 
ATOM   18  C CG  . PRO A 1 3  ? 3.522   -19.257 -2.748  1.00 44.37  ? 1   PRO A CG  1 
ATOM   19  C CD  . PRO A 1 3  ? 4.495   -20.281 -2.259  1.00 40.86  ? 1   PRO A CD  1 
ATOM   20  N N   . VAL A 1 4  ? 5.896   -16.994 -2.082  1.00 35.50  ? 2   VAL A N   1 
ATOM   21  C CA  . VAL A 1 4  ? 6.372   -15.712 -1.564  1.00 36.38  ? 2   VAL A CA  1 
ATOM   22  C C   . VAL A 1 4  ? 6.978   -15.862 -0.172  1.00 39.20  ? 2   VAL A C   1 
ATOM   23  O O   . VAL A 1 4  ? 6.759   -16.864 0.507   1.00 36.50  ? 2   VAL A O   1 
ATOM   24  C CB  . VAL A 1 4  ? 5.241   -14.660 -1.494  1.00 33.86  ? 2   VAL A CB  1 
ATOM   25  C CG1 . VAL A 1 4  ? 4.665   -14.389 -2.879  1.00 32.87  ? 2   VAL A CG1 1 
ATOM   26  C CG2 . VAL A 1 4  ? 4.151   -15.113 -0.533  1.00 27.40  ? 2   VAL A CG2 1 
ATOM   27  N N   . THR A 1 5  ? 7.739   -14.853 0.245   1.00 30.71  ? 3   THR A N   1 
ATOM   28  C CA  . THR A 1 5  ? 8.312   -14.817 1.585   1.00 33.07  ? 3   THR A CA  1 
ATOM   29  C C   . THR A 1 5  ? 8.083   -13.451 2.222   1.00 33.11  ? 3   THR A C   1 
ATOM   30  O O   . THR A 1 5  ? 8.766   -12.481 1.893   1.00 29.98  ? 3   THR A O   1 
ATOM   31  C CB  . THR A 1 5  ? 9.823   -15.124 1.573   1.00 39.61  ? 3   THR A CB  1 
ATOM   32  O OG1 . THR A 1 5  ? 10.058  -16.379 0.921   1.00 35.58  ? 3   THR A OG1 1 
ATOM   33  C CG2 . THR A 1 5  ? 10.366  -15.187 2.993   1.00 36.97  ? 3   THR A CG2 1 
ATOM   34  N N   . LEU A 1 6  ? 7.113   -13.375 3.128   1.00 29.36  ? 4   LEU A N   1 
ATOM   35  C CA  . LEU A 1 6  ? 6.804   -12.122 3.811   1.00 29.47  ? 4   LEU A CA  1 
ATOM   36  C C   . LEU A 1 6  ? 7.911   -11.737 4.785   1.00 40.64  ? 4   LEU A C   1 
ATOM   37  O O   . LEU A 1 6  ? 8.351   -12.558 5.589   1.00 32.57  ? 4   LEU A O   1 
ATOM   38  C CB  . LEU A 1 6  ? 5.471   -12.230 4.555   1.00 31.37  ? 4   LEU A CB  1 
ATOM   39  C CG  . LEU A 1 6  ? 5.022   -10.994 5.337   1.00 32.40  ? 4   LEU A CG  1 
ATOM   40  C CD1 . LEU A 1 6  ? 4.746   -9.830  4.392   1.00 30.06  ? 4   LEU A CD1 1 
ATOM   41  C CD2 . LEU A 1 6  ? 3.796   -11.308 6.188   1.00 28.94  ? 4   LEU A CD2 1 
ATOM   42  N N   . ILE A 1 7  ? 8.355   -10.486 4.710   1.00 30.46  ? 5   ILE A N   1 
ATOM   43  C CA  . ILE A 1 7  ? 9.369   -9.973  5.627   1.00 34.35  ? 5   ILE A CA  1 
ATOM   44  C C   . ILE A 1 7  ? 8.770   -8.947  6.590   1.00 33.89  ? 5   ILE A C   1 
ATOM   45  O O   . ILE A 1 7  ? 8.936   -9.056  7.805   1.00 34.17  ? 5   ILE A O   1 
ATOM   46  C CB  . ILE A 1 7  ? 10.545  -9.336  4.863   1.00 31.24  ? 5   ILE A CB  1 
ATOM   47  C CG1 . ILE A 1 7  ? 11.211  -10.377 3.961   1.00 33.37  ? 5   ILE A CG1 1 
ATOM   48  C CG2 . ILE A 1 7  ? 11.555  -8.739  5.835   1.00 35.38  ? 5   ILE A CG2 1 
ATOM   49  C CD1 . ILE A 1 7  ? 12.324  -9.823  3.105   1.00 44.48  ? 5   ILE A CD1 1 
ATOM   50  N N   . LYS A 1 8  ? 8.071   -7.956  6.045   1.00 26.97  ? 6   LYS A N   1 
ATOM   51  C CA  . LYS A 1 8  ? 7.395   -6.954  6.867   1.00 32.33  ? 6   LYS A CA  1 
ATOM   52  C C   . LYS A 1 8  ? 6.108   -6.477  6.198   1.00 29.76  ? 6   LYS A C   1 
ATOM   53  O O   . LYS A 1 8  ? 6.132   -5.992  5.068   1.00 25.14  ? 6   LYS A O   1 
ATOM   54  C CB  . LYS A 1 8  ? 8.319   -5.766  7.141   1.00 30.66  ? 6   LYS A CB  1 
ATOM   55  C CG  . LYS A 1 8  ? 7.698   -4.701  8.030   1.00 40.79  ? 6   LYS A CG  1 
ATOM   56  C CD  . LYS A 1 8  ? 8.722   -3.657  8.443   1.00 58.83  ? 6   LYS A CD  1 
ATOM   57  C CE  . LYS A 1 8  ? 8.072   -2.526  9.227   1.00 73.52  ? 6   LYS A CE  1 
ATOM   58  N NZ  . LYS A 1 8  ? 7.414   -3.005  10.476  1.00 76.95  ? 6   LYS A NZ  1 
ATOM   59  N N   . ASP A 1 9  ? 4.991   -6.612  6.909   1.00 25.12  ? 7   ASP A N   1 
ATOM   60  C CA  . ASP A 1 9  ? 3.670   -6.305  6.362   1.00 28.95  ? 7   ASP A CA  1 
ATOM   61  C C   . ASP A 1 9  ? 3.301   -4.831  6.526   1.00 32.11  ? 7   ASP A C   1 
ATOM   62  O O   . ASP A 1 9  ? 3.965   -4.093  7.253   1.00 25.57  ? 7   ASP A O   1 
ATOM   63  C CB  . ASP A 1 9  ? 2.611   -7.178  7.040   1.00 27.61  ? 7   ASP A CB  1 
ATOM   64  C CG  . ASP A 1 9  ? 1.523   -7.627  6.087   1.00 30.00  ? 7   ASP A CG  1 
ATOM   65  O OD1 . ASP A 1 9  ? 1.429   -7.067  4.976   1.00 24.87  ? 7   ASP A OD1 1 
ATOM   66  O OD2 . ASP A 1 9  ? 0.756   -8.541  6.456   1.00 29.65  ? 7   ASP A OD2 1 
ATOM   67  N N   . ILE A 1 10 ? 2.235   -4.406  5.852   1.00 27.32  ? 8   ILE A N   1 
ATOM   68  C CA  . ILE A 1 10 ? 1.740   -3.039  5.998   1.00 24.60  ? 8   ILE A CA  1 
ATOM   69  C C   . ILE A 1 10 ? 1.017   -2.864  7.332   1.00 32.73  ? 8   ILE A C   1 
ATOM   70  O O   . ILE A 1 10 ? 0.593   -3.840  7.954   1.00 27.33  ? 8   ILE A O   1 
ATOM   71  C CB  . ILE A 1 10 ? 0.784   -2.645  4.850   1.00 21.86  ? 8   ILE A CB  1 
ATOM   72  C CG1 . ILE A 1 10 ? -0.413  -3.596  4.797   1.00 23.88  ? 8   ILE A CG1 1 
ATOM   73  C CG2 . ILE A 1 10 ? 1.520   -2.636  3.522   1.00 23.28  ? 8   ILE A CG2 1 
ATOM   74  C CD1 . ILE A 1 10 ? -1.421  -3.244  3.721   1.00 23.15  ? 8   ILE A CD1 1 
ATOM   75  N N   . GLU A 1 11 ? 0.896   -1.613  7.773   1.00 24.67  ? 9   GLU A N   1 
ATOM   76  C CA  A GLU A 1 11 ? 0.252   -1.277  9.042   0.55 30.51  ? 9   GLU A CA  1 
ATOM   77  C CA  B GLU A 1 11 ? 0.205   -1.313  9.022   0.45 30.47  ? 9   GLU A CA  1 
ATOM   78  C C   . GLU A 1 11 ? -0.681  -0.081  8.867   1.00 27.39  ? 9   GLU A C   1 
ATOM   79  O O   . GLU A 1 11 ? -0.490  0.721   7.954   1.00 26.81  ? 9   GLU A O   1 
ATOM   80  C CB  A GLU A 1 11 ? 1.300   -0.955  10.113  0.55 35.93  ? 9   GLU A CB  1 
ATOM   81  C CB  B GLU A 1 11 ? 1.206   -1.102  10.163  0.45 35.94  ? 9   GLU A CB  1 
ATOM   82  C CG  A GLU A 1 11 ? 2.404   -1.989  10.270  0.55 37.86  ? 9   GLU A CG  1 
ATOM   83  C CG  B GLU A 1 11 ? 2.073   -2.316  10.486  0.45 36.56  ? 9   GLU A CG  1 
ATOM   84  C CD  A GLU A 1 11 ? 3.580   -1.470  11.078  0.55 44.40  ? 9   GLU A CD  1 
ATOM   85  C CD  B GLU A 1 11 ? 1.276   -3.489  11.033  0.45 39.54  ? 9   GLU A CD  1 
ATOM   86  O OE1 A GLU A 1 11 ? 3.483   -0.350  11.624  0.55 31.71  ? 9   GLU A OE1 1 
ATOM   87  O OE1 B GLU A 1 11 ? 0.228   -3.257  11.673  0.45 34.55  ? 9   GLU A OE1 1 
ATOM   88  O OE2 A GLU A 1 11 ? 4.604   -2.181  11.165  0.55 52.14  ? 9   GLU A OE2 1 
ATOM   89  O OE2 B GLU A 1 11 ? 1.697   -4.646  10.820  0.45 27.87  ? 9   GLU A OE2 1 
ATOM   90  N N   . ASN A 1 12 ? -1.665  0.048   9.755   1.00 22.50  ? 10  ASN A N   1 
ATOM   91  C CA  . ASN A 1 12 ? -2.543  1.220   9.774   1.00 29.64  ? 10  ASN A CA  1 
ATOM   92  C C   . ASN A 1 12 ? -1.732  2.508   9.864   1.00 31.49  ? 10  ASN A C   1 
ATOM   93  O O   . ASN A 1 12 ? -0.718  2.555   10.559  1.00 25.40  ? 10  ASN A O   1 
ATOM   94  C CB  . ASN A 1 12 ? -3.521  1.152   10.951  1.00 28.04  ? 10  ASN A CB  1 
ATOM   95  C CG  . ASN A 1 12 ? -4.469  -0.026  10.861  1.00 38.20  ? 10  ASN A CG  1 
ATOM   96  O OD1 . ASN A 1 12 ? -4.734  -0.547  9.778   1.00 30.44  ? 10  ASN A OD1 1 
ATOM   97  N ND2 . ASN A 1 12 ? -4.992  -0.447  12.005  1.00 34.27  ? 10  ASN A ND2 1 
ATOM   98  N N   . GLN A 1 13 ? -2.180  3.551   9.168   1.00 27.36  ? 11  GLN A N   1 
ATOM   99  C CA  . GLN A 1 13 ? -1.456  4.823   9.146   1.00 32.50  ? 11  GLN A CA  1 
ATOM   100 C C   . GLN A 1 13 ? -2.348  6.003   9.528   1.00 34.51  ? 11  GLN A C   1 
ATOM   101 O O   . GLN A 1 13 ? -3.532  6.036   9.189   1.00 25.98  ? 11  GLN A O   1 
ATOM   102 C CB  . GLN A 1 13 ? -0.853  5.078   7.759   1.00 26.48  ? 11  GLN A CB  1 
ATOM   103 C CG  . GLN A 1 13 ? 0.094   3.997   7.266   1.00 33.28  ? 11  GLN A CG  1 
ATOM   104 C CD  . GLN A 1 13 ? 1.405   3.969   8.020   1.00 40.25  ? 11  GLN A CD  1 
ATOM   105 O OE1 . GLN A 1 13 ? 1.953   5.012   8.376   1.00 35.12  ? 11  GLN A OE1 1 
ATOM   106 N NE2 . GLN A 1 13 ? 1.917   2.768   8.270   1.00 33.05  ? 11  GLN A NE2 1 
ATOM   107 N N   . THR A 1 14 ? -1.766  6.968   10.233  1.00 26.23  ? 12  THR A N   1 
ATOM   108 C CA  . THR A 1 14 ? -2.435  8.232   10.522  1.00 26.77  ? 12  THR A CA  1 
ATOM   109 C C   . THR A 1 14 ? -1.640  9.377   9.896   1.00 29.78  ? 12  THR A C   1 
ATOM   110 O O   . THR A 1 14 ? -0.422  9.452   10.052  1.00 28.13  ? 12  THR A O   1 
ATOM   111 C CB  . THR A 1 14 ? -2.584  8.469   12.039  1.00 37.47  ? 12  THR A CB  1 
ATOM   112 O OG1 . THR A 1 14 ? -3.337  7.399   12.620  1.00 38.53  ? 12  THR A OG1 1 
ATOM   113 C CG2 . THR A 1 14 ? -3.299  9.784   12.309  1.00 34.42  ? 12  THR A CG2 1 
ATOM   114 N N   . VAL A 1 15 ? -2.330  10.262  9.183   1.00 27.41  ? 13  VAL A N   1 
ATOM   115 C CA  . VAL A 1 15 ? -1.660  11.330  8.449   1.00 25.55  ? 13  VAL A CA  1 
ATOM   116 C C   . VAL A 1 15 ? -2.316  12.685  8.723   1.00 27.56  ? 13  VAL A C   1 
ATOM   117 O O   . VAL A 1 15 ? -3.532  12.772  8.900   1.00 25.76  ? 13  VAL A O   1 
ATOM   118 C CB  . VAL A 1 15 ? -1.658  11.034  6.918   1.00 24.50  ? 13  VAL A CB  1 
ATOM   119 C CG1 . VAL A 1 15 ? -3.076  11.004  6.364   1.00 21.84  ? 13  VAL A CG1 1 
ATOM   120 C CG2 . VAL A 1 15 ? -0.811  12.047  6.160   1.00 24.71  ? 13  VAL A CG2 1 
ATOM   121 N N   . LEU A 1 16 ? -1.503  13.736  8.789   1.00 24.42  ? 14  LEU A N   1 
ATOM   122 C CA  . LEU A 1 16 ? -2.025  15.095  8.862   1.00 23.83  ? 14  LEU A CA  1 
ATOM   123 C C   . LEU A 1 16 ? -2.592  15.497  7.505   1.00 24.42  ? 14  LEU A C   1 
ATOM   124 O O   . LEU A 1 16 ? -2.037  15.134  6.469   1.00 24.98  ? 14  LEU A O   1 
ATOM   125 C CB  . LEU A 1 16 ? -0.932  16.081  9.284   1.00 26.04  ? 14  LEU A CB  1 
ATOM   126 C CG  . LEU A 1 16 ? -0.185  15.820  10.593  1.00 24.58  ? 14  LEU A CG  1 
ATOM   127 C CD1 . LEU A 1 16 ? 0.829   16.930  10.844  1.00 27.89  ? 14  LEU A CD1 1 
ATOM   128 C CD2 . LEU A 1 16 ? -1.147  15.697  11.761  1.00 30.03  ? 14  LEU A CD2 1 
ATOM   129 N N   . LYS A 1 17 ? -3.692  16.246  7.510   1.00 21.51  ? 15  LYS A N   1 
ATOM   130 C CA  . LYS A 1 17 ? -4.289  16.740  6.270   1.00 23.42  ? 15  LYS A CA  1 
ATOM   131 C C   . LYS A 1 17 ? -3.259  17.499  5.432   1.00 29.58  ? 15  LYS A C   1 
ATOM   132 O O   . LYS A 1 17 ? -2.462  18.271  5.972   1.00 22.42  ? 15  LYS A O   1 
ATOM   133 C CB  . LYS A 1 17 ? -5.493  17.635  6.576   1.00 24.51  ? 15  LYS A CB  1 
ATOM   134 C CG  . LYS A 1 17 ? -6.193  18.187  5.337   1.00 33.34  ? 15  LYS A CG  1 
ATOM   135 C CD  . LYS A 1 17 ? -7.384  19.059  5.710   1.00 33.59  ? 15  LYS A CD  1 
ATOM   136 C CE  . LYS A 1 17 ? -8.054  19.642  4.475   1.00 39.15  ? 15  LYS A CE  1 
ATOM   137 N NZ  . LYS A 1 17 ? -7.145  20.547  3.716   1.00 39.09  ? 15  LYS A NZ  1 
ATOM   138 N N   . ASP A 1 18 ? -3.280  17.236  4.122   1.00 21.23  ? 16  ASP A N   1 
ATOM   139 C CA  . ASP A 1 18 ? -2.377  17.816  3.111   1.00 23.43  ? 16  ASP A CA  1 
ATOM   140 C C   . ASP A 1 18 ? -0.989  17.161  3.081   1.00 23.98  ? 16  ASP A C   1 
ATOM   141 O O   . ASP A 1 18 ? -0.207  17.413  2.163   1.00 24.81  ? 16  ASP A O   1 
ATOM   142 C CB  . ASP A 1 18 ? -2.221  19.333  3.299   1.00 27.97  ? 16  ASP A CB  1 
ATOM   143 C CG  . ASP A 1 18 ? -3.542  20.071  3.210   1.00 45.40  ? 16  ASP A CG  1 
ATOM   144 O OD1 . ASP A 1 18 ? -4.471  19.559  2.548   1.00 33.30  ? 16  ASP A OD1 1 
ATOM   145 O OD2 . ASP A 1 18 ? -3.652  21.166  3.800   1.00 38.90  ? 16  ASP A OD2 1 
ATOM   146 N N   . ASN A 1 19 ? -0.682  16.328  4.071   1.00 18.93  ? 17  ASN A N   1 
ATOM   147 C CA  . ASN A 1 19 ? 0.559   15.553  4.055   1.00 18.85  ? 17  ASN A CA  1 
ATOM   148 C C   . ASN A 1 19 ? 0.450   14.306  3.172   1.00 26.37  ? 17  ASN A C   1 
ATOM   149 O O   . ASN A 1 19 ? -0.652  13.838  2.882   1.00 25.45  ? 17  ASN A O   1 
ATOM   150 C CB  . ASN A 1 19 ? 0.954   15.135  5.474   1.00 17.72  ? 17  ASN A CB  1 
ATOM   151 C CG  . ASN A 1 19 ? 1.857   16.147  6.159   1.00 24.40  ? 17  ASN A CG  1 
ATOM   152 O OD1 . ASN A 1 19 ? 2.109   17.232  5.638   1.00 24.23  ? 17  ASN A OD1 1 
ATOM   153 N ND2 . ASN A 1 19 ? 2.350   15.789  7.336   1.00 17.82  ? 17  ASN A ND2 1 
ATOM   154 N N   . ASP A 1 20 ? 1.597   13.777  2.749   1.00 21.62  ? 18  ASP A N   1 
ATOM   155 C CA  . ASP A 1 20 ? 1.655   12.485  2.065   1.00 24.51  ? 18  ASP A CA  1 
ATOM   156 C C   . ASP A 1 20 ? 1.692   11.344  3.082   1.00 33.83  ? 18  ASP A C   1 
ATOM   157 O O   . ASP A 1 20 ? 2.311   11.470  4.142   1.00 24.24  ? 18  ASP A O   1 
ATOM   158 C CB  . ASP A 1 20 ? 2.885   12.399  1.155   1.00 22.76  ? 18  ASP A CB  1 
ATOM   159 C CG  . ASP A 1 20 ? 2.766   13.258  -0.089  1.00 27.84  ? 18  ASP A CG  1 
ATOM   160 O OD1 . ASP A 1 20 ? 1.817   14.065  -0.185  1.00 22.29  ? 18  ASP A OD1 1 
ATOM   161 O OD2 . ASP A 1 20 ? 3.641   13.133  -0.972  1.00 23.69  ? 18  ASP A OD2 1 
ATOM   162 N N   . ALA A 1 21 ? 1.031   10.236  2.753   1.00 21.65  ? 19  ALA A N   1 
ATOM   163 C CA  . ALA A 1 21 ? 1.066   9.023   3.571   1.00 23.92  ? 19  ALA A CA  1 
ATOM   164 C C   . ALA A 1 21 ? 1.672   7.876   2.767   1.00 20.92  ? 19  ALA A C   1 
ATOM   165 O O   . ALA A 1 21 ? 1.579   7.858   1.541   1.00 22.65  ? 19  ALA A O   1 
ATOM   166 C CB  . ALA A 1 21 ? -0.331  8.656   4.056   1.00 22.51  ? 19  ALA A CB  1 
ATOM   167 N N   . VAL A 1 22 ? 2.297   6.921   3.448   1.00 20.15  ? 20  VAL A N   1 
ATOM   168 C CA  A VAL A 1 22 ? 2.964   5.817   2.768   0.60 24.90  ? 20  VAL A CA  1 
ATOM   169 C CA  B VAL A 1 22 ? 2.945   5.811   2.760   0.40 24.90  ? 20  VAL A CA  1 
ATOM   170 C C   . VAL A 1 22 ? 2.662   4.462   3.415   1.00 30.88  ? 20  VAL A C   1 
ATOM   171 O O   . VAL A 1 22 ? 2.780   4.307   4.633   1.00 27.35  ? 20  VAL A O   1 
ATOM   172 C CB  A VAL A 1 22 ? 4.495   6.029   2.742   0.60 26.36  ? 20  VAL A CB  1 
ATOM   173 C CB  B VAL A 1 22 ? 4.476   6.009   2.684   0.40 26.34  ? 20  VAL A CB  1 
ATOM   174 C CG1 A VAL A 1 22 ? 5.197   4.795   2.225   0.60 24.14  ? 20  VAL A CG1 1 
ATOM   175 C CG1 B VAL A 1 22 ? 4.833   7.003   1.588   0.40 24.61  ? 20  VAL A CG1 1 
ATOM   176 C CG2 A VAL A 1 22 ? 4.857   7.238   1.889   0.60 25.23  ? 20  VAL A CG2 1 
ATOM   177 C CG2 B VAL A 1 22 ? 5.028   6.458   4.029   0.40 27.72  ? 20  VAL A CG2 1 
ATOM   178 N N   . PHE A 1 23 ? 2.271   3.490   2.593   1.00 20.47  ? 21  PHE A N   1 
ATOM   179 C CA  . PHE A 1 23 ? 2.130   2.103   3.026   1.00 23.89  ? 21  PHE A CA  1 
ATOM   180 C C   . PHE A 1 23 ? 3.308   1.324   2.443   1.00 26.48  ? 21  PHE A C   1 
ATOM   181 O O   . PHE A 1 23 ? 3.657   1.499   1.273   1.00 27.24  ? 21  PHE A O   1 
ATOM   182 C CB  . PHE A 1 23 ? 0.793   1.507   2.582   1.00 23.71  ? 21  PHE A CB  1 
ATOM   183 C CG  . PHE A 1 23 ? -0.404  2.156   3.221   1.00 20.17  ? 21  PHE A CG  1 
ATOM   184 C CD1 . PHE A 1 23 ? -0.845  1.752   4.473   1.00 24.74  ? 21  PHE A CD1 1 
ATOM   185 C CD2 . PHE A 1 23 ? -1.093  3.166   2.568   1.00 20.91  ? 21  PHE A CD2 1 
ATOM   186 C CE1 . PHE A 1 23 ? -1.951  2.345   5.061   1.00 22.86  ? 21  PHE A CE1 1 
ATOM   187 C CE2 . PHE A 1 23 ? -2.199  3.766   3.152   1.00 21.55  ? 21  PHE A CE2 1 
ATOM   188 C CZ  . PHE A 1 23 ? -2.626  3.355   4.401   1.00 24.92  ? 21  PHE A CZ  1 
ATOM   189 N N   A GLU A 1 24 ? 3.949   0.504   3.267   0.49 20.83  ? 22  GLU A N   1 
ATOM   190 N N   B GLU A 1 24 ? 3.878   0.424   3.237   0.51 20.85  ? 22  GLU A N   1 
ATOM   191 C CA  A GLU A 1 24 ? 5.161   -0.192  2.848   0.49 26.62  ? 22  GLU A CA  1 
ATOM   192 C CA  B GLU A 1 24 ? 5.171   -0.168  2.911   0.51 26.69  ? 22  GLU A CA  1 
ATOM   193 C C   A GLU A 1 24 ? 5.136   -1.667  3.213   0.49 26.39  ? 22  GLU A C   1 
ATOM   194 C C   B GLU A 1 24 ? 5.255   -1.662  3.249   0.51 26.38  ? 22  GLU A C   1 
ATOM   195 O O   A GLU A 1 24 ? 4.834   -2.034  4.348   0.49 27.49  ? 22  GLU A O   1 
ATOM   196 O O   B GLU A 1 24 ? 5.137   -2.041  4.415   0.51 27.03  ? 22  GLU A O   1 
ATOM   197 C CB  A GLU A 1 24 ? 6.396   0.466   3.467   0.49 31.85  ? 22  GLU A CB  1 
ATOM   198 C CB  B GLU A 1 24 ? 6.256   0.609   3.658   0.51 32.10  ? 22  GLU A CB  1 
ATOM   199 C CG  A GLU A 1 24 ? 6.843   1.738   2.776   0.49 31.86  ? 22  GLU A CG  1 
ATOM   200 C CG  B GLU A 1 24 ? 7.676   0.330   3.251   0.51 33.80  ? 22  GLU A CG  1 
ATOM   201 C CD  A GLU A 1 24 ? 7.833   2.536   3.605   0.49 41.68  ? 22  GLU A CD  1 
ATOM   202 C CD  B GLU A 1 24 ? 8.649   1.286   3.918   0.51 45.80  ? 22  GLU A CD  1 
ATOM   203 O OE1 A GLU A 1 24 ? 7.927   2.286   4.825   0.49 50.48  ? 22  GLU A OE1 1 
ATOM   204 O OE1 B GLU A 1 24 ? 8.185   2.208   4.624   0.51 51.17  ? 22  GLU A OE1 1 
ATOM   205 O OE2 A GLU A 1 24 ? 8.519   3.413   3.038   0.49 38.56  ? 22  GLU A OE2 1 
ATOM   206 O OE2 B GLU A 1 24 ? 9.873   1.125   3.740   0.51 40.43  ? 22  GLU A OE2 1 
ATOM   207 N N   . ILE A 1 25 ? 5.461   -2.509  2.240   1.00 21.03  ? 23  ILE A N   1 
ATOM   208 C CA  . ILE A 1 25 ? 5.593   -3.947  2.483   1.00 24.36  ? 23  ILE A CA  1 
ATOM   209 C C   . ILE A 1 25 ? 6.901   -4.500  1.916   1.00 26.08  ? 23  ILE A C   1 
ATOM   210 O O   . ILE A 1 25 ? 7.278   -4.218  0.777   1.00 26.66  ? 23  ILE A O   1 
ATOM   211 C CB  . ILE A 1 25 ? 4.398   -4.760  1.901   1.00 23.48  ? 23  ILE A CB  1 
ATOM   212 C CG1 . ILE A 1 25 ? 4.585   -6.255  2.187   1.00 24.51  ? 23  ILE A CG1 1 
ATOM   213 C CG2 . ILE A 1 25 ? 4.229   -4.519  0.406   1.00 21.52  ? 23  ILE A CG2 1 
ATOM   214 C CD1 . ILE A 1 25 ? 3.422   -7.133  1.749   1.00 25.43  ? 23  ILE A CD1 1 
ATOM   215 N N   . ASP A 1 26 ? 7.605   -5.268  2.740   1.00 24.84  ? 24  ASP A N   1 
ATOM   216 C CA  . ASP A 1 26 ? 8.773   -6.005  2.290   1.00 26.74  ? 24  ASP A CA  1 
ATOM   217 C C   . ASP A 1 26 ? 8.387   -7.457  2.076   1.00 29.08  ? 24  ASP A C   1 
ATOM   218 O O   . ASP A 1 26 ? 8.028   -8.154  3.024   1.00 27.28  ? 24  ASP A O   1 
ATOM   219 C CB  . ASP A 1 26 ? 9.911   -5.901  3.305   1.00 31.44  ? 24  ASP A CB  1 
ATOM   220 C CG  . ASP A 1 26 ? 10.505  -4.513  3.366   1.00 47.68  ? 24  ASP A CG  1 
ATOM   221 O OD1 . ASP A 1 26 ? 10.767  -3.938  2.290   1.00 36.19  ? 24  ASP A OD1 1 
ATOM   222 O OD2 . ASP A 1 26 ? 10.700  -3.993  4.485   1.00 37.75  ? 24  ASP A OD2 1 
ATOM   223 N N   . ILE A 1 27 ? 8.449   -7.909  0.829   1.00 25.28  ? 25  ILE A N   1 
ATOM   224 C CA  . ILE A 1 27 ? 8.064   -9.276  0.503   1.00 27.31  ? 25  ILE A CA  1 
ATOM   225 C C   . ILE A 1 27 ? 8.871   -9.801  -0.681  1.00 32.44  ? 25  ILE A C   1 
ATOM   226 O O   . ILE A 1 27 ? 8.971   -9.151  -1.722  1.00 35.45  ? 25  ILE A O   1 
ATOM   227 C CB  . ILE A 1 27 ? 6.545   -9.378  0.207   1.00 28.49  ? 25  ILE A CB  1 
ATOM   228 C CG1 . ILE A 1 27 ? 6.160   -10.805 -0.196  1.00 27.61  ? 25  ILE A CG1 1 
ATOM   229 C CG2 . ILE A 1 27 ? 6.121   -8.366  -0.860  1.00 25.10  ? 25  ILE A CG2 1 
ATOM   230 C CD1 . ILE A 1 27 ? 4.659   -11.029 -0.304  1.00 27.26  ? 25  ILE A CD1 1 
ATOM   231 N N   . LYS A 1 28 ? 9.466   -10.976 -0.509  1.00 34.34  ? 26  LYS A N   1 
ATOM   232 C CA  . LYS A 1 28 ? 10.253  -11.586 -1.572  1.00 31.69  ? 26  LYS A CA  1 
ATOM   233 C C   . LYS A 1 28 ? 9.369   -12.489 -2.423  1.00 30.33  ? 26  LYS A C   1 
ATOM   234 O O   . LYS A 1 28 ? 8.690   -13.376 -1.905  1.00 33.95  ? 26  LYS A O   1 
ATOM   235 C CB  . LYS A 1 28 ? 11.432  -12.373 -0.988  1.00 39.61  ? 26  LYS A CB  1 
ATOM   236 C CG  . LYS A 1 28 ? 12.353  -12.983 -2.033  1.00 40.17  ? 26  LYS A CG  1 
ATOM   237 C CD  . LYS A 1 28 ? 13.502  -13.744 -1.389  0.00 37.31  ? 26  LYS A CD  1 
ATOM   238 C CE  . LYS A 1 28 ? 14.453  -12.803 -0.666  0.00 37.62  ? 26  LYS A CE  1 
ATOM   239 N NZ  . LYS A 1 28 ? 15.138  -11.870 -1.603  0.00 38.08  ? 26  LYS A NZ  1 
ATOM   240 N N   . ILE A 1 29 ? 9.368   -12.247 -3.730  1.00 27.29  ? 27  ILE A N   1 
ATOM   241 C CA  . ILE A 1 29 ? 8.573   -13.035 -4.662  1.00 30.24  ? 27  ILE A CA  1 
ATOM   242 C C   . ILE A 1 29 ? 9.456   -14.072 -5.349  1.00 37.52  ? 27  ILE A C   1 
ATOM   243 O O   . ILE A 1 29 ? 10.400  -13.725 -6.056  1.00 35.70  ? 27  ILE A O   1 
ATOM   244 C CB  . ILE A 1 29 ? 7.895   -12.146 -5.718  1.00 30.44  ? 27  ILE A CB  1 
ATOM   245 C CG1 . ILE A 1 29 ? 7.065   -11.054 -5.037  1.00 31.29  ? 27  ILE A CG1 1 
ATOM   246 C CG2 . ILE A 1 29 ? 7.030   -12.984 -6.643  1.00 36.40  ? 27  ILE A CG2 1 
ATOM   247 C CD1 . ILE A 1 29 ? 6.452   -10.055 -5.996  1.00 32.15  ? 27  ILE A CD1 1 
ATOM   248 N N   . ASN A 1 30 ? 9.143   -15.345 -5.134  1.00 41.53  ? 28  ASN A N   1 
ATOM   249 C CA  . ASN A 1 30 ? 10.010  -16.432 -5.574  1.00 39.35  ? 28  ASN A CA  1 
ATOM   250 C C   . ASN A 1 30 ? 9.661   -16.970 -6.959  1.00 46.40  ? 28  ASN A C   1 
ATOM   251 O O   . ASN A 1 30 ? 10.498  -17.585 -7.621  1.00 47.23  ? 28  ASN A O   1 
ATOM   252 C CB  . ASN A 1 30 ? 9.971   -17.566 -4.548  1.00 38.47  ? 28  ASN A CB  1 
ATOM   253 C CG  . ASN A 1 30 ? 10.364  -17.103 -3.156  1.00 47.14  ? 28  ASN A CG  1 
ATOM   254 O OD1 . ASN A 1 30 ? 11.288  -16.305 -2.993  1.00 39.70  ? 28  ASN A OD1 1 
ATOM   255 N ND2 . ASN A 1 30 ? 9.656   -17.594 -2.145  1.00 42.70  ? 28  ASN A ND2 1 
ATOM   256 N N   . TYR A 1 31 ? 8.426   -16.743 -7.395  1.00 40.90  ? 29  TYR A N   1 
ATOM   257 C CA  . TYR A 1 31 ? 7.992   -17.162 -8.725  1.00 40.73  ? 29  TYR A CA  1 
ATOM   258 C C   . TYR A 1 31 ? 7.779   -15.939 -9.615  1.00 45.39  ? 29  TYR A C   1 
ATOM   259 O O   . TYR A 1 31 ? 7.064   -15.012 -9.237  1.00 42.84  ? 29  TYR A O   1 
ATOM   260 C CB  . TYR A 1 31 ? 6.710   -17.994 -8.648  1.00 42.16  ? 29  TYR A CB  1 
ATOM   261 C CG  . TYR A 1 31 ? 6.823   -19.253 -7.811  1.00 51.58  ? 29  TYR A CG  1 
ATOM   262 C CD1 . TYR A 1 31 ? 8.058   -19.838 -7.558  1.00 60.92  ? 29  TYR A CD1 1 
ATOM   263 C CD2 . TYR A 1 31 ? 5.691   -19.858 -7.279  1.00 60.70  ? 29  TYR A CD2 1 
ATOM   264 C CE1 . TYR A 1 31 ? 8.162   -20.987 -6.794  1.00 59.75  ? 29  TYR A CE1 1 
ATOM   265 C CE2 . TYR A 1 31 ? 5.785   -21.008 -6.517  1.00 64.87  ? 29  TYR A CE2 1 
ATOM   266 C CZ  . TYR A 1 31 ? 7.022   -21.568 -6.277  1.00 66.22  ? 29  TYR A CZ  1 
ATOM   267 O OH  . TYR A 1 31 ? 7.119   -22.711 -5.517  1.00 71.37  ? 29  TYR A OH  1 
ATOM   268 N N   . PRO A 1 32 ? 8.399   -15.939 -10.805 1.00 48.32  ? 30  PRO A N   1 
ATOM   269 C CA  . PRO A 1 32 ? 8.430   -14.788 -11.719 1.00 51.64  ? 30  PRO A CA  1 
ATOM   270 C C   . PRO A 1 32 ? 7.054   -14.310 -12.189 1.00 49.66  ? 30  PRO A C   1 
ATOM   271 O O   . PRO A 1 32 ? 6.902   -13.133 -12.511 1.00 47.14  ? 30  PRO A O   1 
ATOM   272 C CB  . PRO A 1 32 ? 9.241   -15.312 -12.912 1.00 50.15  ? 30  PRO A CB  1 
ATOM   273 C CG  . PRO A 1 32 ? 10.031  -16.452 -12.371 1.00 56.05  ? 30  PRO A CG  1 
ATOM   274 C CD  . PRO A 1 32 ? 9.153   -17.085 -11.340 1.00 51.23  ? 30  PRO A CD  1 
ATOM   275 N N   . GLU A 1 33 ? 6.072   -15.206 -12.231 1.00 36.53  ? 31  GLU A N   1 
ATOM   276 C CA  . GLU A 1 33 ? 4.755   -14.857 -12.754 1.00 43.00  ? 31  GLU A CA  1 
ATOM   277 C C   . GLU A 1 33 ? 3.863   -14.178 -11.710 1.00 36.60  ? 31  GLU A C   1 
ATOM   278 O O   . GLU A 1 33 ? 2.811   -13.635 -12.044 1.00 34.68  ? 31  GLU A O   1 
ATOM   279 C CB  . GLU A 1 33 ? 4.054   -16.101 -13.306 1.00 40.97  ? 31  GLU A CB  1 
ATOM   280 C CG  . GLU A 1 33 ? 3.784   -17.194 -12.278 1.00 54.01  ? 31  GLU A CG  1 
ATOM   281 C CD  . GLU A 1 33 ? 4.988   -18.088 -12.023 1.00 68.64  ? 31  GLU A CD  1 
ATOM   282 O OE1 . GLU A 1 33 ? 6.082   -17.801 -12.559 1.00 58.36  ? 31  GLU A OE1 1 
ATOM   283 O OE2 . GLU A 1 33 ? 4.837   -19.086 -11.286 1.00 63.43  ? 31  GLU A OE2 1 
ATOM   284 N N   . ILE A 1 34 ? 4.287   -14.204 -10.451 1.00 31.36  ? 32  ILE A N   1 
ATOM   285 C CA  . ILE A 1 34 ? 3.520   -13.580 -9.376  1.00 33.52  ? 32  ILE A CA  1 
ATOM   286 C C   . ILE A 1 34 ? 3.800   -12.080 -9.284  1.00 28.95  ? 32  ILE A C   1 
ATOM   287 O O   . ILE A 1 34 ? 4.956   -11.661 -9.241  1.00 30.52  ? 32  ILE A O   1 
ATOM   288 C CB  . ILE A 1 34 ? 3.827   -14.239 -8.018  1.00 28.40  ? 32  ILE A CB  1 
ATOM   289 C CG1 . ILE A 1 34 ? 3.486   -15.731 -8.067  1.00 31.79  ? 32  ILE A CG1 1 
ATOM   290 C CG2 . ILE A 1 34 ? 3.063   -13.548 -6.893  1.00 25.29  ? 32  ILE A CG2 1 
ATOM   291 C CD1 . ILE A 1 34 ? 3.678   -16.438 -6.752  1.00 31.75  ? 32  ILE A CD1 1 
ATOM   292 N N   . LYS A 1 35 ? 2.736   -11.280 -9.261  1.00 28.58  ? 33  LYS A N   1 
ATOM   293 C CA  . LYS A 1 35 ? 2.854   -9.829  -9.135  1.00 25.50  ? 33  LYS A CA  1 
ATOM   294 C C   . LYS A 1 35 ? 1.955   -9.289  -8.020  1.00 35.02  ? 33  LYS A C   1 
ATOM   295 O O   . LYS A 1 35 ? 0.870   -9.818  -7.773  1.00 32.06  ? 33  LYS A O   1 
ATOM   296 C CB  . LYS A 1 35 ? 2.506   -9.140  -10.459 1.00 27.39  ? 33  LYS A CB  1 
ATOM   297 C CG  . LYS A 1 35 ? 3.376   -9.555  -11.641 1.00 33.15  ? 33  LYS A CG  1 
ATOM   298 C CD  . LYS A 1 35 ? 4.825   -9.137  -11.441 1.00 39.42  ? 33  LYS A CD  1 
ATOM   299 C CE  . LYS A 1 35 ? 5.721   -9.696  -12.538 1.00 43.73  ? 33  LYS A CE  1 
ATOM   300 N NZ  . LYS A 1 35 ? 5.290   -9.250  -13.889 1.00 64.56  ? 33  LYS A NZ  1 
ATOM   301 N N   . LEU A 1 36 ? 2.413   -8.234  -7.354  1.00 24.22  ? 34  LEU A N   1 
ATOM   302 C CA  . LEU A 1 36 ? 1.630   -7.576  -6.309  1.00 30.15  ? 34  LEU A CA  1 
ATOM   303 C C   . LEU A 1 36 ? 0.713   -6.509  -6.908  1.00 26.72  ? 34  LEU A C   1 
ATOM   304 O O   . LEU A 1 36 ? 1.097   -5.808  -7.838  1.00 25.29  ? 34  LEU A O   1 
ATOM   305 C CB  . LEU A 1 36 ? 2.559   -6.949  -5.261  1.00 21.74  ? 34  LEU A CB  1 
ATOM   306 C CG  . LEU A 1 36 ? 1.942   -6.283  -4.025  1.00 19.90  ? 34  LEU A CG  1 
ATOM   307 C CD1 . LEU A 1 36 ? 2.840   -6.488  -2.815  1.00 19.82  ? 34  LEU A CD1 1 
ATOM   308 C CD2 . LEU A 1 36 ? 1.701   -4.796  -4.251  1.00 22.77  ? 34  LEU A CD2 1 
ATOM   309 N N   . SER A 1 37 ? -0.498  -6.392  -6.367  1.00 25.38  ? 35  SER A N   1 
ATOM   310 C CA  . SER A 1 37 ? -1.434  -5.346  -6.780  1.00 19.67  ? 35  SER A CA  1 
ATOM   311 C C   . SER A 1 37 ? -1.996  -4.608  -5.558  1.00 22.75  ? 35  SER A C   1 
ATOM   312 O O   . SER A 1 37 ? -2.090  -5.184  -4.475  1.00 21.00  ? 35  SER A O   1 
ATOM   313 C CB  . SER A 1 37 ? -2.570  -5.942  -7.622  1.00 27.88  ? 35  SER A CB  1 
ATOM   314 O OG  . SER A 1 37 ? -3.173  -7.047  -6.970  1.00 25.81  ? 35  SER A OG  1 
ATOM   315 N N   . TRP A 1 38 ? -2.354  -3.335  -5.742  1.00 20.55  ? 36  TRP A N   1 
ATOM   316 C CA  . TRP A 1 38 ? -2.876  -2.487  -4.666  1.00 19.80  ? 36  TRP A CA  1 
ATOM   317 C C   . TRP A 1 38 ? -4.348  -2.130  -4.883  1.00 23.60  ? 36  TRP A C   1 
ATOM   318 O O   . TRP A 1 38 ? -4.805  -2.044  -6.022  1.00 21.11  ? 36  TRP A O   1 
ATOM   319 C CB  . TRP A 1 38 ? -2.073  -1.184  -4.552  1.00 18.67  ? 36  TRP A CB  1 
ATOM   320 C CG  . TRP A 1 38 ? -0.640  -1.319  -4.112  1.00 21.11  ? 36  TRP A CG  1 
ATOM   321 C CD1 . TRP A 1 38 ? 0.461   -1.410  -4.916  1.00 18.98  ? 36  TRP A CD1 1 
ATOM   322 C CD2 . TRP A 1 38 ? -0.153  -1.327  -2.762  1.00 19.63  ? 36  TRP A CD2 1 
ATOM   323 N NE1 . TRP A 1 38 ? 1.602   -1.490  -4.151  1.00 20.17  ? 36  TRP A NE1 1 
ATOM   324 C CE2 . TRP A 1 38 ? 1.253   -1.441  -2.826  1.00 18.21  ? 36  TRP A CE2 1 
ATOM   325 C CE3 . TRP A 1 38 ? -0.767  -1.255  -1.507  1.00 19.27  ? 36  TRP A CE3 1 
ATOM   326 C CZ2 . TRP A 1 38 ? 2.054   -1.487  -1.683  1.00 18.60  ? 36  TRP A CZ2 1 
ATOM   327 C CZ3 . TRP A 1 38 ? 0.031   -1.302  -0.371  1.00 22.17  ? 36  TRP A CZ3 1 
ATOM   328 C CH2 . TRP A 1 38 ? 1.426   -1.417  -0.469  1.00 25.28  ? 36  TRP A CH2 1 
ATOM   329 N N   . TYR A 1 39 ? -5.076  -1.897  -3.792  1.00 21.86  ? 37  TYR A N   1 
ATOM   330 C CA  . TYR A 1 39 ? -6.503  -1.573  -3.862  1.00 22.39  ? 37  TYR A CA  1 
ATOM   331 C C   . TYR A 1 39 ? -6.924  -0.552  -2.802  1.00 22.42  ? 37  TYR A C   1 
ATOM   332 O O   . TYR A 1 39 ? -6.329  -0.482  -1.728  1.00 25.73  ? 37  TYR A O   1 
ATOM   333 C CB  . TYR A 1 39 ? -7.356  -2.842  -3.691  1.00 22.67  ? 37  TYR A CB  1 
ATOM   334 C CG  . TYR A 1 39 ? -6.985  -3.975  -4.623  1.00 25.32  ? 37  TYR A CG  1 
ATOM   335 C CD1 . TYR A 1 39 ? -5.971  -4.869  -4.291  1.00 24.76  ? 37  TYR A CD1 1 
ATOM   336 C CD2 . TYR A 1 39 ? -7.652  -4.157  -5.828  1.00 22.99  ? 37  TYR A CD2 1 
ATOM   337 C CE1 . TYR A 1 39 ? -5.623  -5.898  -5.140  1.00 28.88  ? 37  TYR A CE1 1 
ATOM   338 C CE2 . TYR A 1 39 ? -7.308  -5.187  -6.685  1.00 23.47  ? 37  TYR A CE2 1 
ATOM   339 C CZ  . TYR A 1 39 ? -6.293  -6.054  -6.335  1.00 25.50  ? 37  TYR A CZ  1 
ATOM   340 O OH  . TYR A 1 39 ? -5.943  -7.084  -7.178  1.00 29.30  ? 37  TYR A OH  1 
ATOM   341 N N   . LYS A 1 40 ? -7.952  0.237   -3.111  1.00 19.00  ? 38  LYS A N   1 
ATOM   342 C CA  . LYS A 1 40 ? -8.700  0.948   -2.075  1.00 26.02  ? 38  LYS A CA  1 
ATOM   343 C C   . LYS A 1 40 ? -10.138 0.449   -2.106  1.00 24.02  ? 38  LYS A C   1 
ATOM   344 O O   . LYS A 1 40 ? -10.799 0.506   -3.143  1.00 21.04  ? 38  LYS A O   1 
ATOM   345 C CB  . LYS A 1 40 ? -8.664  2.468   -2.260  1.00 20.88  ? 38  LYS A CB  1 
ATOM   346 C CG  . LYS A 1 40 ? -9.338  3.204   -1.098  1.00 20.44  ? 38  LYS A CG  1 
ATOM   347 C CD  . LYS A 1 40 ? -9.523  4.696   -1.344  1.00 26.07  ? 38  LYS A CD  1 
ATOM   348 C CE  . LYS A 1 40 ? -10.179 5.358   -0.134  1.00 24.41  ? 38  LYS A CE  1 
ATOM   349 N NZ  . LYS A 1 40 ? -10.456 6.810   -0.334  1.00 27.92  ? 38  LYS A NZ  1 
ATOM   350 N N   . GLY A 1 41 ? -10.626 -0.037  -0.971  1.00 26.34  ? 39  GLY A N   1 
ATOM   351 C CA  . GLY A 1 41 ? -11.903 -0.723  -0.955  1.00 25.18  ? 39  GLY A CA  1 
ATOM   352 C C   . GLY A 1 41 ? -11.762 -2.003  -1.754  1.00 23.18  ? 39  GLY A C   1 
ATOM   353 O O   . GLY A 1 41 ? -11.075 -2.932  -1.326  1.00 22.92  ? 39  GLY A O   1 
ATOM   354 N N   . THR A 1 42 ? -12.392 -2.046  -2.926  1.00 23.78  ? 40  THR A N   1 
ATOM   355 C CA  . THR A 1 42 ? -12.260 -3.190  -3.825  1.00 27.45  ? 40  THR A CA  1 
ATOM   356 C C   . THR A 1 42 ? -11.795 -2.755  -5.213  1.00 30.65  ? 40  THR A C   1 
ATOM   357 O O   . THR A 1 42 ? -11.856 -3.529  -6.166  1.00 28.19  ? 40  THR A O   1 
ATOM   358 C CB  . THR A 1 42 ? -13.591 -3.967  -3.965  1.00 30.24  ? 40  THR A CB  1 
ATOM   359 O OG1 . THR A 1 42 ? -14.613 -3.086  -4.448  1.00 28.51  ? 40  THR A OG1 1 
ATOM   360 C CG2 . THR A 1 42 ? -14.020 -4.549  -2.627  1.00 27.58  ? 40  THR A CG2 1 
ATOM   361 N N   . GLU A 1 43 ? -11.326 -1.517  -5.325  1.00 22.92  ? 41  GLU A N   1 
ATOM   362 C CA  . GLU A 1 43 ? -10.941 -0.970  -6.621  1.00 21.70  ? 41  GLU A CA  1 
ATOM   363 C C   . GLU A 1 43 ? -9.422  -0.958  -6.809  1.00 28.45  ? 41  GLU A C   1 
ATOM   364 O O   . GLU A 1 43 ? -8.692  -0.440  -5.964  1.00 20.08  ? 41  GLU A O   1 
ATOM   365 C CB  . GLU A 1 43 ? -11.510 0.442   -6.776  1.00 32.52  ? 41  GLU A CB  1 
ATOM   366 C CG  . GLU A 1 43 ? -11.363 1.032   -8.165  1.00 51.91  ? 41  GLU A CG  1 
ATOM   367 C CD  . GLU A 1 43 ? -12.113 2.342   -8.315  1.00 75.95  ? 41  GLU A CD  1 
ATOM   368 O OE1 . GLU A 1 43 ? -12.839 2.722   -7.372  1.00 68.59  ? 41  GLU A OE1 1 
ATOM   369 O OE2 . GLU A 1 43 ? -11.979 2.990   -9.376  1.00 83.25  ? 41  GLU A OE2 1 
ATOM   370 N N   . LYS A 1 44 ? -8.951  -1.525  -7.919  1.00 19.80  ? 42  LYS A N   1 
ATOM   371 C CA  . LYS A 1 44 ? -7.512  -1.587  -8.193  1.00 24.88  ? 42  LYS A CA  1 
ATOM   372 C C   . LYS A 1 44 ? -6.927  -0.197  -8.419  1.00 20.97  ? 42  LYS A C   1 
ATOM   373 O O   . LYS A 1 44 ? -7.516  0.624   -9.122  1.00 17.73  ? 42  LYS A O   1 
ATOM   374 C CB  . LYS A 1 44 ? -7.220  -2.468  -9.411  1.00 27.96  ? 42  LYS A CB  1 
ATOM   375 C CG  . LYS A 1 44 ? -5.729  -2.733  -9.631  1.00 23.96  ? 42  LYS A CG  1 
ATOM   376 C CD  . LYS A 1 44 ? -5.474  -3.541  -10.896 1.00 30.75  ? 42  LYS A CD  1 
ATOM   377 C CE  . LYS A 1 44 ? -4.027  -4.023  -10.971 1.00 27.96  ? 42  LYS A CE  1 
ATOM   378 N NZ  . LYS A 1 44 ? -3.048  -2.897  -11.006 1.00 29.83  ? 42  LYS A NZ  1 
ATOM   379 N N   . LEU A 1 45 ? -5.761  0.056   -7.829  1.00 22.40  ? 43  LEU A N   1 
ATOM   380 C CA  . LEU A 1 45 ? -5.104  1.358   -7.939  1.00 18.19  ? 43  LEU A CA  1 
ATOM   381 C C   . LEU A 1 45 ? -3.991  1.362   -8.985  1.00 24.80  ? 43  LEU A C   1 
ATOM   382 O O   . LEU A 1 45 ? -3.313  0.354   -9.195  1.00 20.01  ? 43  LEU A O   1 
ATOM   383 C CB  . LEU A 1 45 ? -4.536  1.779   -6.579  1.00 18.02  ? 43  LEU A CB  1 
ATOM   384 C CG  . LEU A 1 45 ? -5.528  1.812   -5.415  1.00 24.84  ? 43  LEU A CG  1 
ATOM   385 C CD1 . LEU A 1 45 ? -4.850  2.305   -4.135  1.00 21.06  ? 43  LEU A CD1 1 
ATOM   386 C CD2 . LEU A 1 45 ? -6.733  2.675   -5.763  1.00 20.13  ? 43  LEU A CD2 1 
ATOM   387 N N   . GLU A 1 46 ? -3.817  2.507   -9.639  1.00 22.58  ? 44  GLU A N   1 
ATOM   388 C CA  . GLU A 1 46 ? -2.743  2.719   -10.603 1.00 20.17  ? 44  GLU A CA  1 
ATOM   389 C C   . GLU A 1 46 ? -2.028  4.026   -10.258 1.00 23.43  ? 44  GLU A C   1 
ATOM   390 O O   . GLU A 1 46 ? -2.585  4.856   -9.539  1.00 22.29  ? 44  GLU A O   1 
ATOM   391 C CB  . GLU A 1 46 ? -3.292  2.769   -12.036 1.00 25.21  ? 44  GLU A CB  1 
ATOM   392 C CG  . GLU A 1 46 ? -4.127  1.562   -12.451 1.00 29.00  ? 44  GLU A CG  1 
ATOM   393 C CD  . GLU A 1 46 ? -3.297  0.307   -12.663 1.00 33.60  ? 44  GLU A CD  1 
ATOM   394 O OE1 . GLU A 1 46 ? -2.065  0.421   -12.835 1.00 31.86  ? 44  GLU A OE1 1 
ATOM   395 O OE2 . GLU A 1 46 ? -3.883  -0.797  -12.656 1.00 38.94  ? 44  GLU A OE2 1 
ATOM   396 N N   . PRO A 1 47 ? -0.791  4.210   -10.750 1.00 21.95  ? 45  PRO A N   1 
ATOM   397 C CA  . PRO A 1 47 ? -0.139  5.515   -10.591 1.00 24.31  ? 45  PRO A CA  1 
ATOM   398 C C   . PRO A 1 47 ? -1.010  6.644   -11.138 1.00 24.53  ? 45  PRO A C   1 
ATOM   399 O O   . PRO A 1 47 ? -1.517  6.542   -12.257 1.00 23.44  ? 45  PRO A O   1 
ATOM   400 C CB  . PRO A 1 47 ? 1.147   5.366   -11.408 1.00 27.25  ? 45  PRO A CB  1 
ATOM   401 C CG  . PRO A 1 47 ? 1.445   3.906   -11.353 1.00 31.32  ? 45  PRO A CG  1 
ATOM   402 C CD  . PRO A 1 47 ? 0.104   3.223   -11.381 1.00 23.33  ? 45  PRO A CD  1 
ATOM   403 N N   . SER A 1 48 ? -1.190  7.697   -10.349 1.00 23.23  ? 46  SER A N   1 
ATOM   404 C CA  . SER A 1 48 ? -2.039  8.814   -10.744 1.00 26.02  ? 46  SER A CA  1 
ATOM   405 C C   . SER A 1 48 ? -1.654  10.082  -9.996  1.00 29.44  ? 46  SER A C   1 
ATOM   406 O O   . SER A 1 48 ? -0.666  10.102  -9.261  1.00 22.47  ? 46  SER A O   1 
ATOM   407 C CB  . SER A 1 48 ? -3.509  8.490   -10.481 1.00 23.97  ? 46  SER A CB  1 
ATOM   408 O OG  . SER A 1 48 ? -3.763  8.442   -9.085  1.00 22.20  ? 46  SER A OG  1 
ATOM   409 N N   . ASP A 1 49 ? -2.450  11.133  -10.171 1.00 21.34  ? 47  ASP A N   1 
ATOM   410 C CA  . ASP A 1 49 ? -2.221  12.394  -9.472  1.00 26.82  ? 47  ASP A CA  1 
ATOM   411 C C   . ASP A 1 49 ? -2.385  12.218  -7.964  1.00 32.00  ? 47  ASP A C   1 
ATOM   412 O O   . ASP A 1 49 ? -1.887  13.027  -7.178  1.00 24.75  ? 47  ASP A O   1 
ATOM   413 C CB  . ASP A 1 49 ? -3.176  13.476  -9.984  1.00 26.32  ? 47  ASP A CB  1 
ATOM   414 C CG  . ASP A 1 49 ? -2.875  14.847  -9.399  1.00 35.83  ? 47  ASP A CG  1 
ATOM   415 O OD1 . ASP A 1 49 ? -1.707  15.285  -9.464  1.00 29.29  ? 47  ASP A OD1 1 
ATOM   416 O OD2 . ASP A 1 49 ? -3.806  15.484  -8.865  1.00 36.29  ? 47  ASP A OD2 1 
ATOM   417 N N   . LYS A 1 50 ? -3.079  11.156  -7.565  1.00 21.73  ? 48  LYS A N   1 
ATOM   418 C CA  . LYS A 1 50 ? -3.317  10.876  -6.153  1.00 25.86  ? 48  LYS A CA  1 
ATOM   419 C C   . LYS A 1 50 ? -2.390  9.787   -5.601  1.00 26.18  ? 48  LYS A C   1 
ATOM   420 O O   . LYS A 1 50 ? -1.975  9.855   -4.442  1.00 22.03  ? 48  LYS A O   1 
ATOM   421 C CB  . LYS A 1 50 ? -4.784  10.482  -5.936  1.00 23.59  ? 48  LYS A CB  1 
ATOM   422 C CG  . LYS A 1 50 ? -5.140  10.036  -4.513  1.00 23.29  ? 48  LYS A CG  1 
ATOM   423 C CD  . LYS A 1 50 ? -4.823  11.104  -3.465  1.00 26.81  ? 48  LYS A CD  1 
ATOM   424 C CE  . LYS A 1 50 ? -5.634  12.379  -3.672  1.00 27.82  ? 48  LYS A CE  1 
ATOM   425 N NZ  . LYS A 1 50 ? -5.371  13.387  -2.596  1.00 23.42  ? 48  LYS A NZ  1 
ATOM   426 N N   . PHE A 1 51 ? -2.056  8.790   -6.420  1.00 17.95  ? 49  PHE A N   1 
ATOM   427 C CA  . PHE A 1 51 ? -1.276  7.650   -5.932  1.00 20.51  ? 49  PHE A CA  1 
ATOM   428 C C   . PHE A 1 51 ? 0.077   7.475   -6.618  1.00 24.12  ? 49  PHE A C   1 
ATOM   429 O O   . PHE A 1 51 ? 0.183   7.572   -7.841  1.00 25.59  ? 49  PHE A O   1 
ATOM   430 C CB  . PHE A 1 51 ? -2.075  6.349   -6.087  1.00 17.88  ? 49  PHE A CB  1 
ATOM   431 C CG  . PHE A 1 51 ? -3.382  6.347   -5.353  1.00 24.04  ? 49  PHE A CG  1 
ATOM   432 C CD1 . PHE A 1 51 ? -3.412  6.375   -3.969  1.00 18.89  ? 49  PHE A CD1 1 
ATOM   433 C CD2 . PHE A 1 51 ? -4.581  6.306   -6.046  1.00 22.65  ? 49  PHE A CD2 1 
ATOM   434 C CE1 . PHE A 1 51 ? -4.615  6.373   -3.288  1.00 23.10  ? 49  PHE A CE1 1 
ATOM   435 C CE2 . PHE A 1 51 ? -5.786  6.304   -5.373  1.00 26.43  ? 49  PHE A CE2 1 
ATOM   436 C CZ  . PHE A 1 51 ? -5.804  6.336   -3.992  1.00 28.81  ? 49  PHE A CZ  1 
ATOM   437 N N   . GLU A 1 52 ? 1.106   7.212   -5.816  1.00 18.97  ? 50  GLU A N   1 
ATOM   438 C CA  . GLU A 1 52 ? 2.395   6.738   -6.320  1.00 19.68  ? 50  GLU A CA  1 
ATOM   439 C C   . GLU A 1 52 ? 2.560   5.259   -5.983  1.00 22.97  ? 50  GLU A C   1 
ATOM   440 O O   . GLU A 1 52 ? 2.360   4.856   -4.841  1.00 25.14  ? 50  GLU A O   1 
ATOM   441 C CB  . GLU A 1 52 ? 3.565   7.539   -5.730  1.00 22.92  ? 50  GLU A CB  1 
ATOM   442 C CG  . GLU A 1 52 ? 3.800   8.888   -6.380  1.00 24.03  ? 50  GLU A CG  1 
ATOM   443 C CD  . GLU A 1 52 ? 5.069   9.575   -5.887  1.00 32.47  ? 50  GLU A CD  1 
ATOM   444 O OE1 . GLU A 1 52 ? 5.825   8.970   -5.095  1.00 30.38  ? 50  GLU A OE1 1 
ATOM   445 O OE2 . GLU A 1 52 ? 5.309   10.729  -6.296  1.00 31.31  ? 50  GLU A OE2 1 
ATOM   446 N N   . ILE A 1 53 ? 2.918   4.458   -6.980  1.00 18.12  ? 51  ILE A N   1 
ATOM   447 C CA  . ILE A 1 53 ? 3.152   3.030   -6.780  1.00 20.15  ? 51  ILE A CA  1 
ATOM   448 C C   . ILE A 1 53 ? 4.532   2.665   -7.311  1.00 24.27  ? 51  ILE A C   1 
ATOM   449 O O   . ILE A 1 53 ? 4.835   2.921   -8.474  1.00 22.35  ? 51  ILE A O   1 
ATOM   450 C CB  . ILE A 1 53 ? 2.075   2.167   -7.486  1.00 19.87  ? 51  ILE A CB  1 
ATOM   451 C CG1 . ILE A 1 53 ? 0.705   2.385   -6.837  1.00 21.39  ? 51  ILE A CG1 1 
ATOM   452 C CG2 . ILE A 1 53 ? 2.454   0.689   -7.444  1.00 19.78  ? 51  ILE A CG2 1 
ATOM   453 C CD1 . ILE A 1 53 ? -0.442  1.678   -7.555  1.00 24.39  ? 51  ILE A CD1 1 
ATOM   454 N N   . SER A 1 54 ? 5.373   2.069   -6.469  1.00 22.79  ? 52  SER A N   1 
ATOM   455 C CA  A SER A 1 54 ? 6.733   1.751   -6.891  0.79 22.35  ? 52  SER A CA  1 
ATOM   456 C CA  B SER A 1 54 ? 6.746   1.768   -6.865  0.21 22.45  ? 52  SER A CA  1 
ATOM   457 C C   . SER A 1 54 ? 7.273   0.464   -6.271  1.00 23.10  ? 52  SER A C   1 
ATOM   458 O O   . SER A 1 54 ? 6.701   -0.080  -5.323  1.00 20.63  ? 52  SER A O   1 
ATOM   459 C CB  A SER A 1 54 ? 7.668   2.923   -6.567  0.79 24.67  ? 52  SER A CB  1 
ATOM   460 C CB  B SER A 1 54 ? 7.671   2.920   -6.467  0.21 24.65  ? 52  SER A CB  1 
ATOM   461 O OG  A SER A 1 54 ? 7.562   3.303   -5.207  0.79 25.55  ? 52  SER A OG  1 
ATOM   462 O OG  B SER A 1 54 ? 7.265   4.132   -7.076  0.21 23.57  ? 52  SER A OG  1 
ATOM   463 N N   . ILE A 1 55 ? 8.372   -0.025  -6.838  1.00 22.40  ? 53  ILE A N   1 
ATOM   464 C CA  . ILE A 1 55 ? 9.040   -1.235  -6.378  1.00 19.96  ? 53  ILE A CA  1 
ATOM   465 C C   . ILE A 1 55 ? 10.547  -0.999  -6.331  1.00 23.16  ? 53  ILE A C   1 
ATOM   466 O O   . ILE A 1 55 ? 11.135  -0.512  -7.296  1.00 23.76  ? 53  ILE A O   1 
ATOM   467 C CB  . ILE A 1 55 ? 8.740   -2.445  -7.294  1.00 22.09  ? 53  ILE A CB  1 
ATOM   468 C CG1 . ILE A 1 55 ? 7.241   -2.747  -7.324  1.00 23.13  ? 53  ILE A CG1 1 
ATOM   469 C CG2 . ILE A 1 55 ? 9.516   -3.673  -6.835  1.00 24.23  ? 53  ILE A CG2 1 
ATOM   470 C CD1 . ILE A 1 55 ? 6.852   -3.836  -8.309  1.00 29.19  ? 53  ILE A CD1 1 
ATOM   471 N N   . ASP A 1 56 ? 11.167  -1.333  -5.203  1.00 23.31  ? 54  ASP A N   1 
ATOM   472 C CA  . ASP A 1 56 ? 12.613  -1.211  -5.053  1.00 27.74  ? 54  ASP A CA  1 
ATOM   473 C C   . ASP A 1 56 ? 13.141  -2.457  -4.352  1.00 21.17  ? 54  ASP A C   1 
ATOM   474 O O   . ASP A 1 56 ? 13.005  -2.598  -3.137  1.00 24.99  ? 54  ASP A O   1 
ATOM   475 C CB  . ASP A 1 56 ? 12.973  0.057   -4.270  1.00 27.77  ? 54  ASP A CB  1 
ATOM   476 C CG  . ASP A 1 56 ? 14.474  0.268   -4.146  1.00 42.62  ? 54  ASP A CG  1 
ATOM   477 O OD1 . ASP A 1 56 ? 15.217  -0.128  -5.067  1.00 35.01  ? 54  ASP A OD1 1 
ATOM   478 O OD2 . ASP A 1 56 ? 14.912  0.835   -3.122  1.00 41.60  ? 54  ASP A OD2 1 
ATOM   479 N N   . GLY A 1 57 ? 13.729  -3.369  -5.120  1.00 24.44  ? 55  GLY A N   1 
ATOM   480 C CA  . GLY A 1 57 ? 14.114  -4.659  -4.580  1.00 32.13  ? 55  GLY A CA  1 
ATOM   481 C C   . GLY A 1 57 ? 12.879  -5.434  -4.158  1.00 35.89  ? 55  GLY A C   1 
ATOM   482 O O   . GLY A 1 57 ? 12.010  -5.718  -4.983  1.00 34.14  ? 55  GLY A O   1 
ATOM   483 N N   . ASP A 1 58 ? 12.790  -5.768  -2.874  1.00 27.84  ? 56  ASP A N   1 
ATOM   484 C CA  . ASP A 1 58 ? 11.620  -6.465  -2.347  1.00 31.64  ? 56  ASP A CA  1 
ATOM   485 C C   . ASP A 1 58 ? 10.648  -5.493  -1.682  1.00 30.56  ? 56  ASP A C   1 
ATOM   486 O O   . ASP A 1 58 ? 9.624   -5.899  -1.137  1.00 29.82  ? 56  ASP A O   1 
ATOM   487 C CB  . ASP A 1 58 ? 12.041  -7.543  -1.346  1.00 35.29  ? 56  ASP A CB  1 
ATOM   488 C CG  . ASP A 1 58 ? 12.865  -8.645  -1.984  1.00 42.25  ? 56  ASP A CG  1 
ATOM   489 O OD1 . ASP A 1 58 ? 12.649  -8.944  -3.178  1.00 42.49  ? 56  ASP A OD1 1 
ATOM   490 O OD2 . ASP A 1 58 ? 13.730  -9.214  -1.285  1.00 45.99  ? 56  ASP A OD2 1 
ATOM   491 N N   . ARG A 1 59 ? 10.979  -4.207  -1.736  1.00 29.10  ? 57  ARG A N   1 
ATOM   492 C CA  . ARG A 1 59 ? 10.176  -3.168  -1.100  1.00 25.87  ? 57  ARG A CA  1 
ATOM   493 C C   . ARG A 1 59 ? 9.098   -2.606  -2.031  1.00 27.19  ? 57  ARG A C   1 
ATOM   494 O O   . ARG A 1 59 ? 9.410   -1.951  -3.027  1.00 24.04  ? 57  ARG A O   1 
ATOM   495 C CB  . ARG A 1 59 ? 11.089  -2.035  -0.624  1.00 25.01  ? 57  ARG A CB  1 
ATOM   496 C CG  . ARG A 1 59 ? 10.363  -0.862  -0.011  1.00 32.56  ? 57  ARG A CG  1 
ATOM   497 C CD  . ARG A 1 59 ? 10.313  -0.990  1.493   1.00 51.82  ? 57  ARG A CD  1 
ATOM   498 N NE  . ARG A 1 59 ? 11.645  -0.997  2.088   1.00 62.99  ? 57  ARG A NE  1 
ATOM   499 C CZ  . ARG A 1 59 ? 11.880  -1.054  3.396   1.00 65.38  ? 57  ARG A CZ  1 
ATOM   500 N NH1 . ARG A 1 59 ? 10.869  -1.106  4.252   1.00 62.29  ? 57  ARG A NH1 1 
ATOM   501 N NH2 . ARG A 1 59 ? 13.127  -1.055  3.849   1.00 67.80  ? 57  ARG A NH2 1 
ATOM   502 N N   . HIS A 1 60 ? 7.832   -2.856  -1.701  1.00 24.74  ? 58  HIS A N   1 
ATOM   503 C CA  . HIS A 1 60 ? 6.709   -2.300  -2.460  1.00 23.00  ? 58  HIS A CA  1 
ATOM   504 C C   . HIS A 1 60 ? 6.082   -1.131  -1.704  1.00 27.48  ? 58  HIS A C   1 
ATOM   505 O O   . HIS A 1 60 ? 5.794   -1.238  -0.511  1.00 25.78  ? 58  HIS A O   1 
ATOM   506 C CB  . HIS A 1 60 ? 5.652   -3.373  -2.737  1.00 22.55  ? 58  HIS A CB  1 
ATOM   507 C CG  . HIS A 1 60 ? 6.143   -4.503  -3.589  1.00 24.61  ? 58  HIS A CG  1 
ATOM   508 N ND1 . HIS A 1 60 ? 5.711   -4.700  -4.883  1.00 23.44  ? 58  HIS A ND1 1 
ATOM   509 C CD2 . HIS A 1 60 ? 7.029   -5.493  -3.332  1.00 25.80  ? 58  HIS A CD2 1 
ATOM   510 C CE1 . HIS A 1 60 ? 6.308   -5.767  -5.385  1.00 23.23  ? 58  HIS A CE1 1 
ATOM   511 N NE2 . HIS A 1 60 ? 7.114   -6.266  -4.469  1.00 26.32  ? 58  HIS A NE2 1 
ATOM   512 N N   . THR A 1 61 ? 5.865   -0.018  -2.399  1.00 20.60  ? 59  THR A N   1 
ATOM   513 C CA  . THR A 1 61 ? 5.400   1.202   -1.748  1.00 18.48  ? 59  THR A CA  1 
ATOM   514 C C   . THR A 1 61 ? 4.165   1.814   -2.405  1.00 26.34  ? 59  THR A C   1 
ATOM   515 O O   . THR A 1 61 ? 4.143   2.045   -3.614  1.00 22.69  ? 59  THR A O   1 
ATOM   516 C CB  . THR A 1 61 ? 6.514   2.270   -1.726  1.00 28.78  ? 59  THR A CB  1 
ATOM   517 O OG1 . THR A 1 61 ? 7.635   1.781   -0.981  1.00 30.39  ? 59  THR A OG1 1 
ATOM   518 C CG2 . THR A 1 61 ? 6.014   3.553   -1.091  1.00 30.82  ? 59  THR A CG2 1 
ATOM   519 N N   . LEU A 1 62 ? 3.141   2.074   -1.596  1.00 22.87  ? 60  LEU A N   1 
ATOM   520 C CA  . LEU A 1 62 ? 1.990   2.858   -2.030  1.00 23.59  ? 60  LEU A CA  1 
ATOM   521 C C   . LEU A 1 62 ? 1.968   4.205   -1.314  1.00 24.38  ? 60  LEU A C   1 
ATOM   522 O O   . LEU A 1 62 ? 1.852   4.263   -0.089  1.00 24.01  ? 60  LEU A O   1 
ATOM   523 C CB  . LEU A 1 62 ? 0.679   2.112   -1.769  1.00 22.28  ? 60  LEU A CB  1 
ATOM   524 C CG  . LEU A 1 62 ? -0.592  2.936   -2.003  1.00 19.72  ? 60  LEU A CG  1 
ATOM   525 C CD1 . LEU A 1 62 ? -0.750  3.296   -3.478  1.00 18.85  ? 60  LEU A CD1 1 
ATOM   526 C CD2 . LEU A 1 62 ? -1.828  2.204   -1.490  1.00 23.64  ? 60  LEU A CD2 1 
ATOM   527 N N   . ARG A 1 63 ? 2.078   5.284   -2.079  1.00 19.88  ? 61  ARG A N   1 
ATOM   528 C CA  . ARG A 1 63 ? 2.056   6.627   -1.509  1.00 18.78  ? 61  ARG A CA  1 
ATOM   529 C C   . ARG A 1 63 ? 0.741   7.322   -1.840  1.00 21.96  ? 61  ARG A C   1 
ATOM   530 O O   . ARG A 1 63 ? 0.362   7.413   -3.006  1.00 17.64  ? 61  ARG A O   1 
ATOM   531 C CB  . ARG A 1 63 ? 3.244   7.444   -2.031  1.00 21.55  ? 61  ARG A CB  1 
ATOM   532 C CG  . ARG A 1 63 ? 3.445   8.803   -1.371  1.00 26.82  ? 61  ARG A CG  1 
ATOM   533 C CD  . ARG A 1 63 ? 4.631   9.525   -2.002  1.00 30.22  ? 61  ARG A CD  1 
ATOM   534 N NE  . ARG A 1 63 ? 5.026   10.716  -1.262  1.00 52.12  ? 61  ARG A NE  1 
ATOM   535 C CZ  . ARG A 1 63 ? 6.079   10.782  -0.453  1.00 35.03  ? 61  ARG A CZ  1 
ATOM   536 N NH1 . ARG A 1 63 ? 6.862   9.725   -0.280  1.00 35.67  ? 61  ARG A NH1 1 
ATOM   537 N NH2 . ARG A 1 63 ? 6.353   11.912  0.177   1.00 33.93  ? 61  ARG A NH2 1 
ATOM   538 N N   . VAL A 1 64 ? 0.038   7.791   -0.812  1.00 20.27  ? 62  VAL A N   1 
ATOM   539 C CA  . VAL A 1 64 ? -1.161  8.600   -1.013  1.00 16.18  ? 62  VAL A CA  1 
ATOM   540 C C   . VAL A 1 64 ? -0.796  10.074  -0.850  1.00 25.50  ? 62  VAL A C   1 
ATOM   541 O O   . VAL A 1 64 ? -0.441  10.516  0.243   1.00 19.50  ? 62  VAL A O   1 
ATOM   542 C CB  . VAL A 1 64 ? -2.286  8.225   -0.024  1.00 19.60  ? 62  VAL A CB  1 
ATOM   543 C CG1 . VAL A 1 64 ? -3.571  8.967   -0.377  1.00 22.25  ? 62  VAL A CG1 1 
ATOM   544 C CG2 . VAL A 1 64 ? -2.520  6.718   -0.026  1.00 20.91  ? 62  VAL A CG2 1 
ATOM   545 N N   . LYS A 1 65 ? -0.879  10.827  -1.942  1.00 18.33  ? 63  LYS A N   1 
ATOM   546 C CA  . LYS A 1 65 ? -0.396  12.205  -1.964  1.00 23.55  ? 63  LYS A CA  1 
ATOM   547 C C   . LYS A 1 65 ? -1.465  13.225  -1.569  1.00 32.30  ? 63  LYS A C   1 
ATOM   548 O O   . LYS A 1 65 ? -2.634  13.080  -1.935  1.00 25.60  ? 63  LYS A O   1 
ATOM   549 C CB  . LYS A 1 65 ? 0.151   12.540  -3.355  1.00 22.59  ? 63  LYS A CB  1 
ATOM   550 C CG  . LYS A 1 65 ? 1.332   11.679  -3.789  1.00 22.18  ? 63  LYS A CG  1 
ATOM   551 C CD  . LYS A 1 65 ? 1.752   11.994  -5.221  1.00 23.66  ? 63  LYS A CD  1 
ATOM   552 C CE  . LYS A 1 65 ? 0.728   11.479  -6.225  1.00 23.62  ? 63  LYS A CE  1 
ATOM   553 N NZ  . LYS A 1 65 ? 1.065   11.850  -7.631  1.00 20.73  ? 63  LYS A NZ  1 
ATOM   554 N N   . ASN A 1 66 ? -1.047  14.248  -0.821  1.00 26.24  ? 64  ASN A N   1 
ATOM   555 C CA  . ASN A 1 66 ? -1.905  15.382  -0.461  1.00 20.15  ? 64  ASN A CA  1 
ATOM   556 C C   . ASN A 1 66 ? -3.229  14.931  0.153   1.00 22.19  ? 64  ASN A C   1 
ATOM   557 O O   . ASN A 1 66 ? -4.298  15.185  -0.401  1.00 19.26  ? 64  ASN A O   1 
ATOM   558 C CB  . ASN A 1 66 ? -2.160  16.252  -1.698  1.00 24.78  ? 64  ASN A CB  1 
ATOM   559 C CG  . ASN A 1 66 ? -2.800  17.586  -1.360  1.00 30.95  ? 64  ASN A CG  1 
ATOM   560 O OD1 . ASN A 1 66 ? -2.616  18.118  -0.268  1.00 25.64  ? 64  ASN A OD1 1 
ATOM   561 N ND2 . ASN A 1 66 ? -3.571  18.126  -2.300  1.00 32.18  ? 64  ASN A ND2 1 
ATOM   562 N N   . CYS A 1 67 ? -3.147  14.263  1.299   1.00 19.73  ? 65  CYS A N   1 
ATOM   563 C CA  . CYS A 1 67 ? -4.292  13.544  1.855   1.00 23.96  ? 65  CYS A CA  1 
ATOM   564 C C   . CYS A 1 67 ? -5.411  14.446  2.368   1.00 31.63  ? 65  CYS A C   1 
ATOM   565 O O   . CYS A 1 67 ? -5.211  15.259  3.270   1.00 23.66  ? 65  CYS A O   1 
ATOM   566 C CB  . CYS A 1 67 ? -3.830  12.618  2.983   1.00 19.94  ? 65  CYS A CB  1 
ATOM   567 S SG  . CYS A 1 67 ? -2.847  11.201  2.423   1.00 24.70  ? 65  CYS A SG  1 
ATOM   568 N N   . GLN A 1 68 ? -6.592  14.281  1.782   1.00 28.47  ? 66  GLN A N   1 
ATOM   569 C CA  . GLN A 1 68 ? -7.793  14.974  2.227   1.00 23.25  ? 66  GLN A CA  1 
ATOM   570 C C   . GLN A 1 68 ? -8.670  14.009  3.020   1.00 28.50  ? 66  GLN A C   1 
ATOM   571 O O   . GLN A 1 68 ? -8.363  12.819  3.112   1.00 27.06  ? 66  GLN A O   1 
ATOM   572 C CB  . GLN A 1 68 ? -8.563  15.550  1.036   1.00 29.12  ? 66  GLN A CB  1 
ATOM   573 C CG  . GLN A 1 68 ? -7.714  16.406  0.105   1.00 28.62  ? 66  GLN A CG  1 
ATOM   574 C CD  . GLN A 1 68 ? -7.041  17.561  0.828   1.00 40.96  ? 66  GLN A CD  1 
ATOM   575 O OE1 . GLN A 1 68 ? -7.695  18.333  1.529   1.00 40.07  ? 66  GLN A OE1 1 
ATOM   576 N NE2 . GLN A 1 68 ? -5.728  17.676  0.670   1.00 30.28  ? 66  GLN A NE2 1 
ATOM   577 N N   . LEU A 1 69 ? -9.760  14.519  3.583   1.00 25.97  ? 67  LEU A N   1 
ATOM   578 C CA  A LEU A 1 69 ? -10.654 13.697  4.395   0.46 28.91  ? 67  LEU A CA  1 
ATOM   579 C CA  B LEU A 1 69 ? -10.660 13.705  4.394   0.54 28.91  ? 67  LEU A CA  1 
ATOM   580 C C   . LEU A 1 69 ? -11.222 12.508  3.623   1.00 28.99  ? 67  LEU A C   1 
ATOM   581 O O   . LEU A 1 69 ? -11.377 11.420  4.175   1.00 25.22  ? 67  LEU A O   1 
ATOM   582 C CB  A LEU A 1 69 ? -11.802 14.541  4.951   0.46 29.63  ? 67  LEU A CB  1 
ATOM   583 C CB  B LEU A 1 69 ? -11.809 14.564  4.928   0.54 29.63  ? 67  LEU A CB  1 
ATOM   584 C CG  A LEU A 1 69 ? -11.511 15.345  6.219   0.46 28.62  ? 67  LEU A CG  1 
ATOM   585 C CG  B LEU A 1 69 ? -12.810 13.873  5.854   0.54 29.47  ? 67  LEU A CG  1 
ATOM   586 C CD1 A LEU A 1 69 ? -12.750 16.110  6.644   0.46 31.57  ? 67  LEU A CD1 1 
ATOM   587 C CD1 B LEU A 1 69 ? -12.113 13.354  7.101   0.54 35.05  ? 67  LEU A CD1 1 
ATOM   588 C CD2 A LEU A 1 69 ? -11.027 14.434  7.338   0.46 26.26  ? 67  LEU A CD2 1 
ATOM   589 C CD2 B LEU A 1 69 ? -13.942 14.822  6.222   0.54 32.46  ? 67  LEU A CD2 1 
ATOM   590 N N   . LYS A 1 70 ? -11.529 12.709  2.345   1.00 22.23  ? 68  LYS A N   1 
ATOM   591 C CA  . LYS A 1 70 ? -12.139 11.633  1.567   1.00 26.39  ? 68  LYS A CA  1 
ATOM   592 C C   . LYS A 1 70 ? -11.121 10.581  1.120   1.00 28.61  ? 68  LYS A C   1 
ATOM   593 O O   . LYS A 1 70 ? -11.489 9.579   0.507   1.00 27.22  ? 68  LYS A O   1 
ATOM   594 C CB  . LYS A 1 70 ? -12.887 12.200  0.358   1.00 33.44  ? 68  LYS A CB  1 
ATOM   595 C CG  . LYS A 1 70 ? -12.021 12.706  -0.779  1.00 42.96  ? 68  LYS A CG  1 
ATOM   596 C CD  . LYS A 1 70 ? -12.909 13.246  -1.896  0.43 46.09  ? 68  LYS A CD  1 
ATOM   597 C CE  . LYS A 1 70 ? -12.113 13.611  -3.136  0.59 52.74  ? 68  LYS A CE  1 
ATOM   598 N NZ  . LYS A 1 70 ? -12.964 14.230  -4.192  1.00 75.58  ? 68  LYS A NZ  1 
ATOM   599 N N   . ASP A 1 71 ? -9.850  10.802  1.441   1.00 26.11  ? 69  ASP A N   1 
ATOM   600 C CA  . ASP A 1 71 ? -8.812  9.815   1.154   1.00 24.99  ? 69  ASP A CA  1 
ATOM   601 C C   . ASP A 1 71 ? -8.755  8.736   2.234   1.00 26.37  ? 69  ASP A C   1 
ATOM   602 O O   . ASP A 1 71 ? -8.057  7.731   2.080   1.00 26.39  ? 69  ASP A O   1 
ATOM   603 C CB  . ASP A 1 71 ? -7.446  10.491  1.011   1.00 25.84  ? 69  ASP A CB  1 
ATOM   604 C CG  . ASP A 1 71 ? -7.308  11.260  -0.290  1.00 27.90  ? 69  ASP A CG  1 
ATOM   605 O OD1 . ASP A 1 71 ? -7.725  10.731  -1.344  1.00 25.23  ? 69  ASP A OD1 1 
ATOM   606 O OD2 . ASP A 1 71 ? -6.786  12.396  -0.261  1.00 25.68  ? 69  ASP A OD2 1 
ATOM   607 N N   . GLN A 1 72 ? -9.486  8.941   3.327   1.00 24.32  ? 70  GLN A N   1 
ATOM   608 C CA  . GLN A 1 72 ? -9.618  7.910   4.354   1.00 25.03  ? 70  GLN A CA  1 
ATOM   609 C C   . GLN A 1 72 ? -10.248 6.650   3.774   1.00 31.35  ? 70  GLN A C   1 
ATOM   610 O O   . GLN A 1 72 ? -11.010 6.720   2.809   1.00 24.86  ? 70  GLN A O   1 
ATOM   611 C CB  . GLN A 1 72 ? -10.458 8.414   5.531   1.00 31.09  ? 70  GLN A CB  1 
ATOM   612 C CG  . GLN A 1 72 ? -9.749  9.423   6.418   1.00 36.11  ? 70  GLN A CG  1 
ATOM   613 C CD  . GLN A 1 72 ? -10.564 9.804   7.640   1.00 45.71  ? 70  GLN A CD  1 
ATOM   614 O OE1 . GLN A 1 72 ? -10.036 9.894   8.748   1.00 32.53  ? 70  GLN A OE1 1 
ATOM   615 N NE2 . GLN A 1 72 ? -11.857 10.037  7.441   1.00 38.53  ? 70  GLN A NE2 1 
ATOM   616 N N   . GLY A 1 73 ? -9.926  5.500   4.363   1.00 26.32  ? 71  GLY A N   1 
ATOM   617 C CA  . GLY A 1 73 ? -10.499 4.236   3.930   1.00 25.98  ? 71  GLY A CA  1 
ATOM   618 C C   . GLY A 1 73 ? -9.578  3.043   4.130   1.00 26.89  ? 71  GLY A C   1 
ATOM   619 O O   . GLY A 1 73 ? -8.556  3.143   4.810   1.00 25.67  ? 71  GLY A O   1 
ATOM   620 N N   . ASN A 1 74 ? -9.944  1.911   3.537   1.00 22.37  ? 72  ASN A N   1 
ATOM   621 C CA  . ASN A 1 74 ? -9.144  0.694   3.642   1.00 21.11  ? 72  ASN A CA  1 
ATOM   622 C C   . ASN A 1 74 ? -8.274  0.470   2.409   1.00 27.64  ? 72  ASN A C   1 
ATOM   623 O O   . ASN A 1 74 ? -8.788  0.324   1.300   1.00 23.55  ? 72  ASN A O   1 
ATOM   624 C CB  . ASN A 1 74 ? -10.048 -0.526  3.857   1.00 28.55  ? 72  ASN A CB  1 
ATOM   625 C CG  . ASN A 1 74 ? -10.914 -0.404  5.094   1.00 26.34  ? 72  ASN A CG  1 
ATOM   626 O OD1 . ASN A 1 74 ? -10.414 -0.390  6.219   1.00 26.04  ? 72  ASN A OD1 1 
ATOM   627 N ND2 . ASN A 1 74 ? -12.226 -0.326  4.893   1.00 27.92  ? 72  ASN A ND2 1 
ATOM   628 N N   . TYR A 1 75 ? -6.959  0.440   2.604   1.00 22.07  ? 73  TYR A N   1 
ATOM   629 C CA  . TYR A 1 75 ? -6.027  0.184   1.507   1.00 19.92  ? 73  TYR A CA  1 
ATOM   630 C C   . TYR A 1 75 ? -5.478  -1.242  1.585   1.00 24.16  ? 73  TYR A C   1 
ATOM   631 O O   . TYR A 1 75 ? -5.017  -1.682  2.636   1.00 23.73  ? 73  TYR A O   1 
ATOM   632 C CB  . TYR A 1 75 ? -4.895  1.217   1.522   1.00 20.63  ? 73  TYR A CB  1 
ATOM   633 C CG  . TYR A 1 75 ? -5.380  2.607   1.165   1.00 20.26  ? 73  TYR A CG  1 
ATOM   634 C CD1 . TYR A 1 75 ? -5.877  3.467   2.139   1.00 20.01  ? 73  TYR A CD1 1 
ATOM   635 C CD2 . TYR A 1 75 ? -5.369  3.048   -0.152  1.00 20.49  ? 73  TYR A CD2 1 
ATOM   636 C CE1 . TYR A 1 75 ? -6.338  4.736   1.809   1.00 18.25  ? 73  TYR A CE1 1 
ATOM   637 C CE2 . TYR A 1 75 ? -5.824  4.315   -0.491  1.00 23.03  ? 73  TYR A CE2 1 
ATOM   638 C CZ  . TYR A 1 75 ? -6.306  5.154   0.492   1.00 21.87  ? 73  TYR A CZ  1 
ATOM   639 O OH  . TYR A 1 75 ? -6.758  6.411   0.150   1.00 23.30  ? 73  TYR A OH  1 
ATOM   640 N N   . ARG A 1 76 ? -5.547  -1.967  0.472   1.00 24.79  ? 74  ARG A N   1 
ATOM   641 C CA  . ARG A 1 76 ? -5.260  -3.400  0.486   1.00 24.88  ? 74  ARG A CA  1 
ATOM   642 C C   . ARG A 1 76 ? -4.219  -3.814  -0.552  1.00 28.93  ? 74  ARG A C   1 
ATOM   643 O O   . ARG A 1 76 ? -3.903  -3.054  -1.470  1.00 18.21  ? 74  ARG A O   1 
ATOM   644 C CB  . ARG A 1 76 ? -6.554  -4.189  0.262   1.00 26.93  ? 74  ARG A CB  1 
ATOM   645 C CG  . ARG A 1 76 ? -7.792  -3.547  0.885   1.00 24.70  ? 74  ARG A CG  1 
ATOM   646 C CD  . ARG A 1 76 ? -8.993  -4.453  0.760   1.00 34.27  ? 74  ARG A CD  1 
ATOM   647 N NE  . ARG A 1 76 ? -10.259 -3.782  1.050   1.00 27.36  ? 74  ARG A NE  1 
ATOM   648 C CZ  . ARG A 1 76 ? -10.822 -3.711  2.252   1.00 26.74  ? 74  ARG A CZ  1 
ATOM   649 N NH1 . ARG A 1 76 ? -10.230 -4.252  3.310   1.00 21.39  ? 74  ARG A NH1 1 
ATOM   650 N NH2 . ARG A 1 76 ? -11.987 -3.093  2.396   1.00 29.89  ? 74  ARG A NH2 1 
ATOM   651 N N   . LEU A 1 77 ? -3.688  -5.026  -0.399  1.00 25.07  ? 75  LEU A N   1 
ATOM   652 C CA  . LEU A 1 77 ? -2.773  -5.588  -1.386  1.00 22.58  ? 75  LEU A CA  1 
ATOM   653 C C   . LEU A 1 77 ? -2.969  -7.095  -1.540  1.00 24.43  ? 75  LEU A C   1 
ATOM   654 O O   . LEU A 1 77 ? -3.389  -7.778  -0.604  1.00 21.17  ? 75  LEU A O   1 
ATOM   655 C CB  . LEU A 1 77 ? -1.315  -5.283  -1.017  1.00 20.85  ? 75  LEU A CB  1 
ATOM   656 C CG  . LEU A 1 77 ? -0.713  -5.845  0.279   1.00 25.24  ? 75  LEU A CG  1 
ATOM   657 C CD1 . LEU A 1 77 ? -0.140  -7.249  0.092   1.00 21.51  ? 75  LEU A CD1 1 
ATOM   658 C CD2 . LEU A 1 77 ? 0.359   -4.908  0.803   1.00 24.56  ? 75  LEU A CD2 1 
ATOM   659 N N   . VAL A 1 78 ? -2.657  -7.598  -2.730  1.00 26.99  ? 76  VAL A N   1 
ATOM   660 C CA  . VAL A 1 78 ? -2.670  -9.031  -3.012  1.00 26.54  ? 76  VAL A CA  1 
ATOM   661 C C   . VAL A 1 78 ? -1.354  -9.426  -3.685  1.00 27.48  ? 76  VAL A C   1 
ATOM   662 O O   . VAL A 1 78 ? -0.913  -8.766  -4.623  1.00 25.62  ? 76  VAL A O   1 
ATOM   663 C CB  . VAL A 1 78 ? -3.860  -9.423  -3.919  1.00 32.20  ? 76  VAL A CB  1 
ATOM   664 C CG1 . VAL A 1 78 ? -3.753  -10.877 -4.351  1.00 28.33  ? 76  VAL A CG1 1 
ATOM   665 C CG2 . VAL A 1 78 ? -5.182  -9.170  -3.210  1.00 27.41  ? 76  VAL A CG2 1 
ATOM   666 N N   . CYS A 1 79 ? -0.727  -10.494 -3.200  1.00 23.12  ? 77  CYS A N   1 
ATOM   667 C CA  . CYS A 1 79 ? 0.523   -10.974 -3.787  1.00 22.10  ? 77  CYS A CA  1 
ATOM   668 C C   . CYS A 1 79 ? 0.682   -12.473 -3.549  1.00 29.35  ? 77  CYS A C   1 
ATOM   669 O O   . CYS A 1 79 ? 1.118   -12.899 -2.478  1.00 24.72  ? 77  CYS A O   1 
ATOM   670 C CB  . CYS A 1 79 ? 1.719   -10.214 -3.208  1.00 21.70  ? 77  CYS A CB  1 
ATOM   671 S SG  . CYS A 1 79 ? 3.316   -10.654 -3.949  1.00 27.22  ? 77  CYS A SG  1 
ATOM   672 N N   . GLY A 1 80 ? 0.331   -13.270 -4.554  1.00 25.98  ? 78  GLY A N   1 
ATOM   673 C CA  . GLY A 1 80 ? 0.319   -14.714 -4.397  1.00 28.71  ? 78  GLY A CA  1 
ATOM   674 C C   . GLY A 1 80 ? -0.680  -15.112 -3.328  1.00 25.06  ? 78  GLY A C   1 
ATOM   675 O O   . GLY A 1 80 ? -1.831  -14.679 -3.359  1.00 27.62  ? 78  GLY A O   1 
ATOM   676 N N   . PRO A 1 81 ? -0.241  -15.930 -2.361  1.00 25.77  ? 79  PRO A N   1 
ATOM   677 C CA  . PRO A 1 81 ? -1.116  -16.351 -1.264  1.00 25.52  ? 79  PRO A CA  1 
ATOM   678 C C   . PRO A 1 81 ? -1.296  -15.266 -0.204  1.00 33.42  ? 79  PRO A C   1 
ATOM   679 O O   . PRO A 1 81 ? -2.210  -15.360 0.617   1.00 31.46  ? 79  PRO A O   1 
ATOM   680 C CB  . PRO A 1 81 ? -0.380  -17.560 -0.684  1.00 27.49  ? 79  PRO A CB  1 
ATOM   681 C CG  . PRO A 1 81 ? 1.059   -17.259 -0.939  1.00 30.28  ? 79  PRO A CG  1 
ATOM   682 C CD  . PRO A 1 81 ? 1.099   -16.534 -2.265  1.00 27.85  ? 79  PRO A CD  1 
ATOM   683 N N   . HIS A 1 82 ? -0.439  -14.248 -0.224  1.00 25.43  ? 80  HIS A N   1 
ATOM   684 C CA  . HIS A 1 82 ? -0.473  -13.212 0.804   1.00 27.92  ? 80  HIS A CA  1 
ATOM   685 C C   . HIS A 1 82 ? -1.497  -12.123 0.503   1.00 28.65  ? 80  HIS A C   1 
ATOM   686 O O   . HIS A 1 82 ? -1.680  -11.718 -0.646  1.00 27.83  ? 80  HIS A O   1 
ATOM   687 C CB  . HIS A 1 82 ? 0.909   -12.577 0.984   1.00 26.56  ? 80  HIS A CB  1 
ATOM   688 C CG  . HIS A 1 82 ? 0.953   -11.532 2.056   1.00 28.76  ? 80  HIS A CG  1 
ATOM   689 N ND1 . HIS A 1 82 ? 0.772   -11.828 3.391   1.00 24.46  ? 80  HIS A ND1 1 
ATOM   690 C CD2 . HIS A 1 82 ? 1.137   -10.191 1.992   1.00 26.94  ? 80  HIS A CD2 1 
ATOM   691 C CE1 . HIS A 1 82 ? 0.853   -10.718 4.102   1.00 32.40  ? 80  HIS A CE1 1 
ATOM   692 N NE2 . HIS A 1 82 ? 1.075   -9.710  3.277   1.00 29.83  ? 80  HIS A NE2 1 
ATOM   693 N N   . ILE A 1 83 ? -2.154  -11.651 1.556   1.00 28.54  ? 81  ILE A N   1 
ATOM   694 C CA  . ILE A 1 83 ? -3.128  -10.577 1.439   1.00 26.71  ? 81  ILE A CA  1 
ATOM   695 C C   . ILE A 1 83 ? -3.066  -9.709  2.695   1.00 30.36  ? 81  ILE A C   1 
ATOM   696 O O   . ILE A 1 83 ? -2.666  -10.181 3.762   1.00 29.28  ? 81  ILE A O   1 
ATOM   697 C CB  . ILE A 1 83 ? -4.555  -11.137 1.224   1.00 33.90  ? 81  ILE A CB  1 
ATOM   698 C CG1 . ILE A 1 83 ? -5.421  -10.128 0.470   1.00 39.04  ? 81  ILE A CG1 1 
ATOM   699 C CG2 . ILE A 1 83 ? -5.185  -11.567 2.549   1.00 33.30  ? 81  ILE A CG2 1 
ATOM   700 C CD1 . ILE A 1 83 ? -6.656  -10.738 -0.144  1.00 46.48  ? 81  ILE A CD1 1 
ATOM   701 N N   . ALA A 1 84 ? -3.431  -8.436  2.566   1.00 29.21  ? 82  ALA A N   1 
ATOM   702 C CA  . ALA A 1 84 ? -3.356  -7.515  3.696   1.00 29.69  ? 82  ALA A CA  1 
ATOM   703 C C   . ALA A 1 84 ? -4.252  -6.298  3.501   1.00 27.36  ? 82  ALA A C   1 
ATOM   704 O O   . ALA A 1 84 ? -4.600  -5.945  2.376   1.00 23.41  ? 82  ALA A O   1 
ATOM   705 C CB  . ALA A 1 84 ? -1.912  -7.075  3.924   1.00 30.08  ? 82  ALA A CB  1 
ATOM   706 N N   . SER A 1 85 ? -4.624  -5.660  4.607   1.00 21.01  ? 83  SER A N   1 
ATOM   707 C CA  . SER A 1 85 ? -5.423  -4.438  4.561   1.00 27.05  ? 83  SER A CA  1 
ATOM   708 C C   . SER A 1 85 ? -5.019  -3.493  5.689   1.00 28.25  ? 83  SER A C   1 
ATOM   709 O O   . SER A 1 85 ? -4.760  -3.929  6.810   1.00 26.44  ? 83  SER A O   1 
ATOM   710 C CB  . SER A 1 85 ? -6.916  -4.761  4.651   1.00 25.59  ? 83  SER A CB  1 
ATOM   711 O OG  . SER A 1 85 ? -7.705  -3.594  4.479   1.00 24.80  ? 83  SER A OG  1 
ATOM   712 N N   . ALA A 1 86 ? -4.964  -2.200  5.385   1.00 25.62  ? 84  ALA A N   1 
ATOM   713 C CA  . ALA A 1 86 ? -4.603  -1.198  6.384   1.00 29.28  ? 84  ALA A CA  1 
ATOM   714 C C   . ALA A 1 86 ? -5.453  0.063   6.236   1.00 29.79  ? 84  ALA A C   1 
ATOM   715 O O   . ALA A 1 86 ? -5.746  0.505   5.124   1.00 26.41  ? 84  ALA A O   1 
ATOM   716 C CB  . ALA A 1 86 ? -3.121  -0.858  6.286   1.00 29.36  ? 84  ALA A CB  1 
ATOM   717 N N   . LYS A 1 87 ? -5.844  0.634   7.368   1.00 27.55  ? 85  LYS A N   1 
ATOM   718 C CA  . LYS A 1 87 ? -6.698  1.815   7.390   1.00 27.91  ? 85  LYS A CA  1 
ATOM   719 C C   . LYS A 1 87 ? -5.885  3.107   7.365   1.00 28.47  ? 85  LYS A C   1 
ATOM   720 O O   . LYS A 1 87 ? -4.865  3.217   8.045   1.00 27.30  ? 85  LYS A O   1 
ATOM   721 C CB  . LYS A 1 87 ? -7.595  1.785   8.629   1.00 30.45  ? 85  LYS A CB  1 
ATOM   722 C CG  . LYS A 1 87 ? -8.525  2.979   8.766   1.00 42.62  ? 85  LYS A CG  1 
ATOM   723 C CD  . LYS A 1 87 ? -9.382  2.856   10.018  1.00 49.39  ? 85  LYS A CD  1 
ATOM   724 C CE  . LYS A 1 87 ? -8.521  2.669   11.259  1.00 56.49  ? 85  LYS A CE  1 
ATOM   725 N NZ  . LYS A 1 87 ? -9.338  2.576   12.500  1.00 67.84  ? 85  LYS A NZ  1 
ATOM   726 N N   . LEU A 1 88 ? -6.333  4.078   6.574   1.00 29.01  ? 86  LEU A N   1 
ATOM   727 C CA  . LEU A 1 88 ? -5.747  5.416   6.599   1.00 20.04  ? 86  LEU A CA  1 
ATOM   728 C C   . LEU A 1 88 ? -6.672  6.384   7.327   1.00 32.05  ? 86  LEU A C   1 
ATOM   729 O O   . LEU A 1 88 ? -7.829  6.558   6.940   1.00 25.37  ? 86  LEU A O   1 
ATOM   730 C CB  . LEU A 1 88 ? -5.469  5.929   5.182   1.00 23.00  ? 86  LEU A CB  1 
ATOM   731 C CG  . LEU A 1 88 ? -4.873  7.342   5.115   1.00 23.33  ? 86  LEU A CG  1 
ATOM   732 C CD1 . LEU A 1 88 ? -3.474  7.376   5.734   1.00 16.62  ? 86  LEU A CD1 1 
ATOM   733 C CD2 . LEU A 1 88 ? -4.850  7.874   3.686   1.00 27.53  ? 86  LEU A CD2 1 
ATOM   734 N N   . THR A 1 89 ? -6.158  7.007   8.383   1.00 26.67  ? 87  THR A N   1 
ATOM   735 C CA  . THR A 1 89 ? -6.913  8.000   9.139   1.00 29.34  ? 87  THR A CA  1 
ATOM   736 C C   . THR A 1 89 ? -6.313  9.387   8.928   1.00 26.20  ? 87  THR A C   1 
ATOM   737 O O   . THR A 1 89 ? -5.106  9.574   9.073   1.00 26.17  ? 87  THR A O   1 
ATOM   738 C CB  . THR A 1 89 ? -6.934  7.671   10.646  1.00 31.14  ? 87  THR A CB  1 
ATOM   739 O OG1 . THR A 1 89 ? -7.468  6.356   10.846  1.00 32.30  ? 87  THR A OG1 1 
ATOM   740 C CG2 . THR A 1 89 ? -7.784  8.682   11.406  1.00 31.74  ? 87  THR A CG2 1 
ATOM   741 N N   . VAL A 1 90 ? -7.155  10.354  8.577   1.00 25.96  ? 88  VAL A N   1 
ATOM   742 C CA  . VAL A 1 90 ? -6.697  11.715  8.314   1.00 27.46  ? 88  VAL A CA  1 
ATOM   743 C C   . VAL A 1 90 ? -7.173  12.666  9.409   1.00 37.78  ? 88  VAL A C   1 
ATOM   744 O O   . VAL A 1 90 ? -8.373  12.774  9.661   1.00 34.88  ? 88  VAL A O   1 
ATOM   745 C CB  . VAL A 1 90 ? -7.195  12.221  6.944   1.00 31.56  ? 88  VAL A CB  1 
ATOM   746 C CG1 . VAL A 1 90 ? -6.723  13.646  6.696   1.00 30.23  ? 88  VAL A CG1 1 
ATOM   747 C CG2 . VAL A 1 90 ? -6.720  11.295  5.831   1.00 28.00  ? 88  VAL A CG2 1 
ATOM   748 N N   . ILE A 1 91 ? -6.238  13.355  10.057  1.00 30.96  ? 89  ILE A N   1 
ATOM   749 C CA  . ILE A 1 91 ? -6.590  14.239  11.165  1.00 33.77  ? 89  ILE A CA  1 
ATOM   750 C C   . ILE A 1 91 ? -6.272  15.709  10.891  1.00 41.01  ? 89  ILE A C   1 
ATOM   751 O O   . ILE A 1 91 ? -5.803  16.060  9.805   1.00 37.32  ? 89  ILE A O   1 
ATOM   752 C CB  . ILE A 1 91 ? -5.876  13.816  12.466  1.00 41.56  ? 89  ILE A CB  1 
ATOM   753 C CG1 . ILE A 1 91 ? -4.361  13.908  12.299  1.00 41.00  ? 89  ILE A CG1 1 
ATOM   754 C CG2 . ILE A 1 91 ? -6.288  12.407  12.867  1.00 43.45  ? 89  ILE A CG2 1 
ATOM   755 C CD1 . ILE A 1 91 ? -3.588  13.463  13.521  1.00 46.74  ? 89  ILE A CD1 1 
ATOM   756 N N   A GLU A 1 92 ? -6.542  16.552  11.885  0.39 60.65  ? 90  GLU A N   1 
ATOM   757 N N   B GLU A 1 92 ? -6.520  16.549  11.894  0.61 60.84  ? 90  GLU A N   1 
ATOM   758 C CA  A GLU A 1 92 ? -6.370  18.001  11.780  0.39 57.09  ? 90  GLU A CA  1 
ATOM   759 C CA  B GLU A 1 92 ? -6.278  17.988  11.815  0.61 57.19  ? 90  GLU A CA  1 
ATOM   760 C C   A GLU A 1 92 ? -7.199  18.580  10.637  0.39 55.23  ? 90  GLU A C   1 
ATOM   761 C C   B GLU A 1 92 ? -7.060  18.621  10.670  0.61 55.31  ? 90  GLU A C   1 
ATOM   762 O O   A GLU A 1 92 ? -7.436  19.786  10.580  0.39 52.13  ? 90  GLU A O   1 
ATOM   763 O O   B GLU A 1 92 ? -8.234  18.309  10.463  0.61 57.46  ? 90  GLU A O   1 
ATOM   764 C CB  A GLU A 1 92 ? -4.893  18.363  11.597  0.39 48.79  ? 90  GLU A CB  1 
ATOM   765 C CB  B GLU A 1 92 ? -4.782  18.281  11.658  0.61 48.68  ? 90  GLU A CB  1 
HETATM 766 C C1  . IPA B 2 .  ? -8.804  -8.277  -2.943  0.44 36.90  ? 101 IPA A C1  1 
HETATM 767 C C2  . IPA B 2 .  ? -9.823  -7.910  -4.014  0.44 33.53  ? 101 IPA A C2  1 
HETATM 768 C C3  . IPA B 2 .  ? -10.220 -6.448  -3.851  0.44 33.06  ? 101 IPA A C3  1 
HETATM 769 O O2  . IPA B 2 .  ? -9.253  -8.105  -5.290  0.44 40.42  ? 101 IPA A O2  1 
HETATM 770 C C1  . EDO C 3 .  ? 2.770   19.128  2.556   0.69 36.99  ? 102 EDO A C1  1 
HETATM 771 O O1  . EDO C 3 .  ? 3.924   19.912  2.880   0.69 41.20  ? 102 EDO A O1  1 
HETATM 772 C C2  . EDO C 3 .  ? 1.554   20.041  2.447   0.69 39.66  ? 102 EDO A C2  1 
HETATM 773 O O2  . EDO C 3 .  ? 1.759   20.988  1.393   0.69 55.43  ? 102 EDO A O2  1 
HETATM 774 O O   . HOH D 4 .  ? -9.873  19.062  1.176   1.00 37.92  ? 201 HOH A O   1 
HETATM 775 O O   . HOH D 4 .  ? 9.269   2.963   0.873   1.00 47.23  ? 202 HOH A O   1 
HETATM 776 O O   . HOH D 4 .  ? 9.301   -23.475 -3.115  1.00 64.18  ? 203 HOH A O   1 
HETATM 777 O O   . HOH D 4 .  ? 16.817  1.044   -6.453  1.00 93.78  ? 204 HOH A O   1 
HETATM 778 O O   . HOH D 4 .  ? -1.987  -2.242  11.582  1.00 38.92  ? 205 HOH A O   1 
HETATM 779 O O   . HOH D 4 .  ? 8.929   -18.813 2.336   1.00 44.52  ? 206 HOH A O   1 
HETATM 780 O O   . HOH D 4 .  ? -11.608 -5.930  -6.924  1.00 46.80  ? 207 HOH A O   1 
HETATM 781 O O   . HOH D 4 .  ? 11.790  -6.400  -7.443  1.00 32.86  ? 208 HOH A O   1 
HETATM 782 O O   . HOH D 4 .  ? 0.185   1.387   12.659  1.00 48.89  ? 209 HOH A O   1 
HETATM 783 O O   . HOH D 4 .  ? 0.829   -9.805  8.737   1.00 33.13  ? 210 HOH A O   1 
HETATM 784 O O   . HOH D 4 .  ? 5.626   12.992  -5.032  1.00 49.93  ? 211 HOH A O   1 
HETATM 785 O O   . HOH D 4 .  ? 6.876   3.794   -9.870  1.00 23.44  ? 212 HOH A O   1 
HETATM 786 O O   . HOH D 4 .  ? 4.989   -23.755 -4.390  1.00 62.70  ? 213 HOH A O   1 
HETATM 787 O O   . HOH D 4 .  ? -2.624  -17.064 2.605   1.00 37.29  ? 214 HOH A O   1 
HETATM 788 O O   . HOH D 4 .  ? -8.285  3.160   -9.256  1.00 43.51  ? 215 HOH A O   1 
HETATM 789 O O   . HOH D 4 .  ? -9.459  11.739  -3.085  1.00 37.98  ? 216 HOH A O   1 
HETATM 790 O O   . HOH D 4 .  ? 3.844   14.567  -3.213  1.00 41.08  ? 217 HOH A O   1 
HETATM 791 O O   . HOH D 4 .  ? 3.777   11.489  -8.371  1.00 29.73  ? 218 HOH A O   1 
HETATM 792 O O   . HOH D 4 .  ? 9.344   0.885   -2.857  1.00 33.16  ? 219 HOH A O   1 
HETATM 793 O O   . HOH D 4 .  ? 5.471   4.747   -4.315  1.00 24.00  ? 220 HOH A O   1 
HETATM 794 O O   . HOH D 4 .  ? 12.226  -4.777  6.565   1.00 44.72  ? 221 HOH A O   1 
HETATM 795 O O   . HOH D 4 .  ? -0.709  -3.856  -11.958 1.00 49.02  ? 222 HOH A O   1 
HETATM 796 O O   . HOH D 4 .  ? -2.498  20.819  -0.125  1.00 43.90  ? 223 HOH A O   1 
HETATM 797 O O   . HOH D 4 .  ? 6.706   6.322   -8.571  0.5  27.96  ? 224 HOH A O   1 
HETATM 798 O O   . HOH D 4 .  ? 4.711   3.099   6.107   1.00 40.58  ? 225 HOH A O   1 
HETATM 799 O O   . HOH D 4 .  ? 7.476   -10.951 -9.961  1.00 33.03  ? 226 HOH A O   1 
HETATM 800 O O   . HOH D 4 .  ? -6.595  -7.030  -9.823  1.00 39.63  ? 227 HOH A O   1 
HETATM 801 O O   . HOH D 4 .  ? 9.262   5.706   4.331   1.00 48.63  ? 228 HOH A O   1 
HETATM 802 O O   . HOH D 4 .  ? -1.921  -9.313  6.253   1.00 32.03  ? 229 HOH A O   1 
HETATM 803 O O   . HOH D 4 .  ? -8.172  8.065   -1.815  1.00 27.77  ? 230 HOH A O   1 
HETATM 804 O O   . HOH D 4 .  ? -3.311  4.654   12.632  1.00 44.49  ? 231 HOH A O   1 
HETATM 805 O O   . HOH D 4 .  ? 5.268   -1.644  7.133   1.00 40.40  ? 232 HOH A O   1 
HETATM 806 O O   . HOH D 4 .  ? 14.826  -5.167  -1.116  1.00 39.24  ? 233 HOH A O   1 
HETATM 807 O O   . HOH D 4 .  ? 0.702   -14.367 4.469   1.00 39.02  ? 234 HOH A O   1 
HETATM 808 O O   . HOH D 4 .  ? 3.612   -5.496  -8.936  1.00 39.51  ? 235 HOH A O   1 
HETATM 809 O O   . HOH D 4 .  ? 14.940  0.024   -7.814  1.00 30.28  ? 236 HOH A O   1 
HETATM 810 O O   . HOH D 4 .  ? -5.532  4.377   10.728  1.00 26.66  ? 237 HOH A O   1 
HETATM 811 O O   . HOH D 4 .  ? -1.327  17.805  -8.362  1.00 46.98  ? 238 HOH A O   1 
HETATM 812 O O   . HOH D 4 .  ? -8.052  -1.883  6.642   1.00 29.04  ? 239 HOH A O   1 
HETATM 813 O O   . HOH D 4 .  ? -1.878  -9.393  -7.743  1.00 27.10  ? 240 HOH A O   1 
HETATM 814 O O   . HOH D 4 .  ? -8.268  0.737   -11.796 1.00 53.12  ? 241 HOH A O   1 
HETATM 815 O O   . HOH D 4 .  ? 0.136   19.225  6.252   1.00 30.61  ? 242 HOH A O   1 
HETATM 816 O O   . HOH D 4 .  ? -12.595 6.710   -2.110  1.00 45.33  ? 243 HOH A O   1 
HETATM 817 O O   . HOH D 4 .  ? -0.860  4.943   -14.438 1.00 26.45  ? 244 HOH A O   1 
HETATM 818 O O   . HOH D 4 .  ? -6.585  -0.601  -13.302 1.00 35.60  ? 245 HOH A O   1 
HETATM 819 O O   . HOH D 4 .  ? 2.010   16.173  -1.996  1.00 46.07  ? 246 HOH A O   1 
HETATM 820 O O   . HOH D 4 .  ? 5.134   -7.707  9.469   1.00 39.90  ? 247 HOH A O   1 
HETATM 821 O O   . HOH D 4 .  ? -2.621  14.571  -4.975  1.00 32.25  ? 248 HOH A O   1 
HETATM 822 O O   . HOH D 4 .  ? 4.367   -4.829  10.027  1.00 41.41  ? 249 HOH A O   1 
HETATM 823 O O   . HOH D 4 .  ? -12.532 2.679   -3.440  1.00 35.43  ? 250 HOH A O   1 
HETATM 824 O O   . HOH D 4 .  ? 9.025   12.451  0.834   1.00 33.20  ? 251 HOH A O   1 
HETATM 825 O O   . HOH D 4 .  ? -1.616  -5.488  8.498   1.00 40.61  ? 252 HOH A O   1 
HETATM 826 O O   . HOH D 4 .  ? 10.208  -9.373  -4.504  1.00 46.44  ? 253 HOH A O   1 
HETATM 827 O O   . HOH D 4 .  ? 4.555   -18.611 0.607   1.00 44.02  ? 254 HOH A O   1 
HETATM 828 O O   . HOH D 4 .  ? -5.657  22.502  5.258   1.00 56.50  ? 255 HOH A O   1 
HETATM 829 O O   . HOH D 4 .  ? 7.569   -2.275  5.821   1.00 46.02  ? 256 HOH A O   1 
HETATM 830 O O   . HOH D 4 .  ? -0.197  -5.335  -10.299 1.00 40.99  ? 257 HOH A O   1 
HETATM 831 O O   . HOH D 4 .  ? -6.457  7.685   -8.727  1.00 26.58  ? 258 HOH A O   1 
HETATM 832 O O   . HOH D 4 .  ? -10.618 -2.719  -9.878  1.00 34.25  ? 259 HOH A O   1 
HETATM 833 O O   . HOH D 4 .  ? 2.564   10.972  6.924   1.00 29.44  ? 260 HOH A O   1 
HETATM 834 O O   . HOH D 4 .  ? 2.552   7.037   6.462   1.00 30.96  ? 261 HOH A O   1 
HETATM 835 O O   . HOH D 4 .  ? 1.168   8.907   7.740   1.00 39.40  ? 262 HOH A O   1 
HETATM 836 O O   . HOH D 4 .  ? -2.203  -2.146  -8.353  1.00 22.73  ? 263 HOH A O   1 
HETATM 837 O O   . HOH D 4 .  ? -4.070  6.762   -13.541 1.00 30.62  ? 264 HOH A O   1 
HETATM 838 O O   . HOH D 4 .  ? -5.656  13.925  -7.317  1.00 49.38  ? 265 HOH A O   1 
HETATM 839 O O   . HOH D 4 .  ? 10.770  -14.441 -8.820  1.00 47.92  ? 266 HOH A O   1 
HETATM 840 O O   . HOH D 4 .  ? -14.295 0.039   -3.525  1.00 33.26  ? 267 HOH A O   1 
HETATM 841 O O   . HOH D 4 .  ? -3.545  -3.713  9.420   1.00 40.14  ? 268 HOH A O   1 
HETATM 842 O O   . HOH D 4 .  ? 0.920   6.483   11.209  1.00 41.11  ? 269 HOH A O   1 
HETATM 843 O O   . HOH D 4 .  ? 2.140   8.855   -9.588  1.00 24.67  ? 270 HOH A O   1 
HETATM 844 O O   . HOH D 4 .  ? -4.227  11.272  -12.491 1.00 30.74  ? 271 HOH A O   1 
HETATM 845 O O   . HOH D 4 .  ? 6.527   6.895   -3.152  1.00 36.16  ? 272 HOH A O   1 
HETATM 846 O O   . HOH D 4 .  ? -14.246 8.687   0.943   1.00 46.21  ? 273 HOH A O   1 
HETATM 847 O O   . HOH D 4 .  ? -6.892  15.725  -3.496  1.00 29.44  ? 274 HOH A O   1 
HETATM 848 O O   . HOH D 4 .  ? -14.949 -2.621  -7.334  1.00 42.93  ? 275 HOH A O   1 
HETATM 849 O O   . HOH D 4 .  ? 3.553   -11.783 -14.207 1.00 58.33  ? 276 HOH A O   1 
HETATM 850 O O   . HOH D 4 .  ? -14.002 10.310  5.438   1.00 47.22  ? 277 HOH A O   1 
HETATM 851 O O   . HOH D 4 .  ? 5.131   -7.220  -7.927  1.00 29.39  ? 278 HOH A O   1 
HETATM 852 O O   . HOH D 4 .  ? -11.874 0.570   8.605   1.00 46.05  ? 279 HOH A O   1 
HETATM 853 O O   . HOH D 4 .  ? -6.936  -2.590  12.631  1.00 49.77  ? 280 HOH A O   1 
HETATM 854 O O   . HOH D 4 .  ? -10.806 17.266  3.168   1.00 25.99  ? 281 HOH A O   1 
HETATM 855 O O   . HOH D 4 .  ? -10.815 11.836  11.073  1.00 58.06  ? 282 HOH A O   1 
HETATM 856 O O   . HOH D 4 .  ? -3.460  -6.986  7.014   1.00 34.94  ? 283 HOH A O   1 
HETATM 857 O O   . HOH D 4 .  ? 4.877   5.099   8.976   1.00 49.78  ? 284 HOH A O   1 
HETATM 858 O O   . HOH D 4 .  ? -9.019  20.730  8.227   1.00 48.72  ? 285 HOH A O   1 
HETATM 859 O O   . HOH D 4 .  ? 0.041   -12.509 -9.667  1.00 40.01  ? 286 HOH A O   1 
HETATM 860 O O   . HOH D 4 .  ? 8.024   7.095   -1.103  1.00 46.96  ? 287 HOH A O   1 
HETATM 861 O O   . HOH D 4 .  ? -9.029  15.618  13.286  1.00 52.30  ? 288 HOH A O   1 
HETATM 862 O O   . HOH D 4 .  ? 14.637  -8.418  -5.367  1.00 55.31  ? 289 HOH A O   1 
HETATM 863 O O   . HOH D 4 .  ? 8.109   10.594  -3.988  1.00 45.10  ? 290 HOH A O   1 
HETATM 864 O O   . HOH D 4 .  ? -5.842  4.738   -9.471  1.00 22.89  ? 291 HOH A O   1 
HETATM 865 O O   . HOH D 4 .  ? -7.271  -2.132  9.362   1.00 29.32  ? 292 HOH A O   1 
HETATM 866 O O   . HOH D 4 .  ? -13.897 -0.535  2.375   1.00 31.74  ? 293 HOH A O   1 
HETATM 867 O O   . HOH D 4 .  ? -1.192  -12.314 -6.996  1.00 29.67  ? 294 HOH A O   1 
HETATM 868 O O   . HOH D 4 .  ? -5.908  21.492  0.694   1.00 53.50  ? 295 HOH A O   1 
HETATM 869 O O   . HOH D 4 .  ? 5.508   -15.788 4.060   1.00 44.15  ? 296 HOH A O   1 
HETATM 870 O O   . HOH D 4 .  ? -17.094 -2.883  -2.679  1.00 58.20  ? 297 HOH A O   1 
HETATM 871 O O   . HOH D 4 .  ? 14.993  -1.827  -0.942  1.00 48.15  ? 298 HOH A O   1 
HETATM 872 O O   . HOH D 4 .  ? -12.335 15.563  1.576   1.00 26.11  ? 299 HOH A O   1 
HETATM 873 O O   . HOH D 4 .  ? 4.240   -2.032  -5.627  1.00 23.50  ? 300 HOH A O   1 
HETATM 874 O O   . HOH D 4 .  ? -5.664  20.337  -1.829  1.00 46.20  ? 301 HOH A O   1 
HETATM 875 O O   . HOH D 4 .  ? 1.563   13.096  8.620   1.00 21.57  ? 302 HOH A O   1 
HETATM 876 O O   . HOH D 4 .  ? -10.445 5.831   8.450   1.00 54.62  ? 303 HOH A O   1 
HETATM 877 O O   . HOH D 4 .  ? -6.498  15.828  -10.380 1.00 58.56  ? 304 HOH A O   1 
HETATM 878 O O   . HOH D 4 .  ? -12.366 2.045   1.574   1.00 19.45  ? 305 HOH A O   1 
HETATM 879 O O   . HOH D 4 .  ? 10.574  2.683   -4.675  1.00 32.84  ? 306 HOH A O   1 
HETATM 880 O O   . HOH D 4 .  ? 7.585   -10.823 -15.308 1.00 63.70  ? 307 HOH A O   1 
HETATM 881 O O   . HOH D 4 .  ? 2.955   0.310   6.329   1.00 18.45  ? 308 HOH A O   1 
HETATM 882 O O   . HOH D 4 .  ? -4.390  16.153  -4.673  1.00 48.93  ? 309 HOH A O   1 
HETATM 883 O O   . HOH D 4 .  ? -14.519 -2.493  0.507   1.00 21.54  ? 310 HOH A O   1 
HETATM 884 O O   . HOH D 4 .  ? 0.491   23.020  3.551   1.00 53.53  ? 311 HOH A O   1 
HETATM 885 O O   . HOH D 4 .  ? -14.711 -0.249  7.066   1.00 22.05  ? 312 HOH A O   1 
HETATM 886 O O   . HOH D 4 .  ? 0.551   -0.804  -11.140 1.00 48.86  ? 313 HOH A O   1 
HETATM 887 O O   . HOH D 4 .  ? -5.627  8.178   14.940  1.00 52.27  ? 314 HOH A O   1 
HETATM 888 O O   . HOH D 4 .  ? 7.779   -7.555  10.608  1.00 54.52  ? 315 HOH A O   1 
HETATM 889 O O   . HOH D 4 .  ? -14.550 16.464  -2.138  1.00 56.88  ? 316 HOH A O   1 
HETATM 890 O O   . HOH D 4 .  ? 4.822   -6.747  -16.214 1.00 55.91  ? 317 HOH A O   1 
HETATM 891 O O   . HOH D 4 .  ? 2.957   -2.903  -7.925  1.00 24.24  ? 318 HOH A O   1 
HETATM 892 O O   . HOH D 4 .  ? 5.045   2.677   9.747   1.00 59.60  ? 319 HOH A O   1 
HETATM 893 O O   . HOH D 4 .  ? -13.403 -2.725  -9.186  1.00 51.71  ? 320 HOH A O   1 
HETATM 894 O O   . HOH D 4 .  ? -5.729  -7.034  8.251   1.00 49.69  ? 321 HOH A O   1 
HETATM 895 O O   . HOH D 4 .  ? -4.044  21.246  -4.007  1.00 53.45  ? 322 HOH A O   1 
HETATM 896 O O   . HOH D 4 .  ? -11.627 17.776  9.406   1.00 46.62  ? 323 HOH A O   1 
HETATM 897 O O   . HOH D 4 .  ? 3.107   7.852   10.311  1.00 61.19  ? 324 HOH A O   1 
HETATM 898 O O   . HOH D 4 .  ? -0.217  -11.645 -11.728 1.00 57.81  ? 325 HOH A O   1 
HETATM 899 O O   . HOH D 4 .  ? -10.449 18.415  7.571   1.00 37.94  ? 326 HOH A O   1 
HETATM 900 O O   . HOH D 4 .  ? -6.371  11.599  -9.162  1.00 42.47  ? 327 HOH A O   1 
HETATM 901 O O   . HOH D 4 .  ? -15.606 0.721   -5.849  1.00 55.29  ? 328 HOH A O   1 
HETATM 902 O O   . HOH D 4 .  ? 11.163  -10.505 -7.802  1.00 45.34  ? 329 HOH A O   1 
HETATM 903 O O   . HOH D 4 .  ? 9.915   -12.410 -9.531  1.00 51.53  ? 330 HOH A O   1 
HETATM 904 O O   . HOH D 4 .  ? -11.567 9.591   -3.257  1.00 47.55  ? 331 HOH A O   1 
HETATM 905 O O   . HOH D 4 .  ? -12.798 5.515   6.840   1.00 62.98  ? 332 HOH A O   1 
HETATM 906 O O   . HOH D 4 .  ? 6.989   -17.765 4.243   1.00 60.76  ? 333 HOH A O   1 
HETATM 907 O O   . HOH D 4 .  ? 0.461   -2.126  -8.854  1.00 26.15  ? 334 HOH A O   1 
HETATM 908 O O   . HOH D 4 .  ? 0.475   5.230   13.098  1.00 62.10  ? 335 HOH A O   1 
HETATM 909 O O   . HOH D 4 .  ? -7.670  18.697  -2.568  1.00 48.59  ? 336 HOH A O   1 
HETATM 910 O O   . HOH D 4 .  ? -15.778 -0.931  -1.277  1.00 44.58  ? 337 HOH A O   1 
HETATM 911 O O   . HOH D 4 .  ? -14.336 7.337   5.961   1.00 59.84  ? 338 HOH A O   1 
HETATM 912 O O   . HOH D 4 .  ? 14.146  -7.507  -7.828  1.00 47.15  ? 339 HOH A O   1 
HETATM 913 O O   . HOH D 4 .  ? -15.339 12.873  3.501   1.00 49.86  ? 340 HOH A O   1 
HETATM 914 O O   . HOH D 4 .  ? -9.058  -1.204  11.077  1.00 44.52  ? 341 HOH A O   1 
HETATM 915 O O   . HOH D 4 .  ? -11.791 16.325  -0.920  1.00 38.86  ? 342 HOH A O   1 
HETATM 916 O O   . HOH D 4 .  ? 9.464   -8.256  -7.137  1.00 40.24  ? 343 HOH A O   1 
HETATM 917 O O   . HOH D 4 .  ? -9.356  14.786  -2.339  1.00 46.28  ? 344 HOH A O   1 
HETATM 918 O O   . HOH D 4 .  ? -16.265 -0.572  4.194   1.00 44.21  ? 345 HOH A O   1 
HETATM 919 O O   . HOH D 4 .  ? 2.419   -6.291  -13.519 1.00 49.74  ? 346 HOH A O   1 
HETATM 920 O O   . HOH D 4 .  ? -3.301  5.017   -15.710 1.00 38.02  ? 347 HOH A O   1 
HETATM 921 O O   . HOH D 4 .  ? 10.368  9.273   -2.516  1.00 57.98  ? 348 HOH A O   1 
HETATM 922 O O   . HOH D 4 .  ? -9.306  7.583   -4.299  1.00 31.60  ? 349 HOH A O   1 
HETATM 923 O O   . HOH D 4 .  ? -7.602  14.883  -5.834  1.00 53.29  ? 350 HOH A O   1 
HETATM 924 O O   . HOH D 4 .  ? 1.711   -14.470 6.533   1.00 50.62  ? 351 HOH A O   1 
HETATM 925 O O   . HOH D 4 .  ? -14.417 -6.401  -7.927  1.00 47.33  ? 352 HOH A O   1 
HETATM 926 O O   . HOH D 4 .  ? -13.404 3.183   -0.899  1.00 39.49  ? 353 HOH A O   1 
HETATM 927 O O   . HOH D 4 .  ? -17.824 -5.836  -4.940  1.00 50.58  ? 354 HOH A O   1 
HETATM 928 O O   . HOH D 4 .  ? 7.498   -8.239  -9.055  1.00 31.36  ? 355 HOH A O   1 
HETATM 929 O O   . HOH D 4 .  ? -9.868  5.126   -5.450  1.00 40.79  ? 356 HOH A O   1 
HETATM 930 O O   . HOH D 4 .  ? 11.735  -6.017  9.083   1.00 55.38  ? 357 HOH A O   1 
HETATM 931 O O   . HOH D 4 .  ? 0.402   15.899  -4.888  1.00 41.95  ? 358 HOH A O   1 
HETATM 932 O O   . HOH D 4 .  ? 7.669   6.345   6.317   1.00 55.16  ? 359 HOH A O   1 
HETATM 933 O O   . HOH D 4 .  ? 6.798   -5.324  -14.936 1.00 40.59  ? 360 HOH A O   1 
HETATM 934 O O   . HOH D 4 .  ? 16.678  -7.085  -4.275  1.00 50.17  ? 361 HOH A O   1 
HETATM 935 O O   . HOH D 4 .  ? -7.585  8.173   -11.210 1.00 43.83  ? 362 HOH A O   1 
HETATM 936 O O   . HOH D 4 .  ? 3.890   10.353  10.869  0.50 53.53  ? 363 HOH A O   1 
HETATM 937 O O   . HOH D 4 .  ? 5.505   7.482   7.152   1.00 41.40  ? 364 HOH A O   1 
HETATM 938 O O   . HOH D 4 .  ? -1.442  -7.759  -11.073 1.00 52.04  ? 365 HOH A O   1 
HETATM 939 O O   . HOH D 4 .  ? 2.474   13.036  10.938  1.00 42.90  ? 366 HOH A O   1 
HETATM 940 O O   . HOH D 4 .  ? -10.067 -1.807  -12.384 1.00 53.41  ? 367 HOH A O   1 
HETATM 941 O O   . HOH D 4 .  ? 14.644  -6.129  5.634   1.00 60.30  ? 368 HOH A O   1 
HETATM 942 O O   . HOH D 4 .  ? 8.048   -6.668  -11.099 1.00 35.00  ? 369 HOH A O   1 
HETATM 943 O O   . HOH D 4 .  ? -15.178 15.669  2.499   0.5  31.23  ? 370 HOH A O   1 
HETATM 944 O O   . HOH D 4 .  ? -6.968  11.980  -11.364 1.00 53.98  ? 371 HOH A O   1 
HETATM 945 O O   . HOH D 4 .  ? -8.796  11.797  -5.856  1.00 41.34  ? 372 HOH A O   1 
HETATM 946 O O   . HOH D 4 .  ? -9.668  16.426  -7.104  1.00 55.71  ? 373 HOH A O   1 
HETATM 947 O O   . HOH D 4 .  ? -7.992  -3.373  -13.545 1.00 55.28  ? 374 HOH A O   1 
HETATM 948 O O   . HOH D 4 .  ? 0.342   -9.095  -13.579 1.00 55.49  ? 375 HOH A O   1 
HETATM 949 O O   . HOH D 4 .  ? -8.159  8.732   -6.694  1.00 35.86  ? 376 HOH A O   1 
HETATM 950 O O   . HOH D 4 .  ? -11.799 18.967  5.119   0.5  32.58  ? 377 HOH A O   1 
HETATM 951 O O   . HOH D 4 .  ? -7.931  9.993   15.209  1.00 52.93  ? 378 HOH A O   1 
HETATM 952 O O   . HOH D 4 .  ? -16.982 1.693   0.006   1.00 60.32  ? 379 HOH A O   1 
# 
